data_8TTJ
#
_entry.id   8TTJ
#
_cell.length_a   73.520
_cell.length_b   157.971
_cell.length_c   112.580
_cell.angle_alpha   90.00
_cell.angle_beta   104.06
_cell.angle_gamma   90.00
#
_symmetry.space_group_name_H-M   'P 1 21 1'
#
loop_
_entity.id
_entity.type
_entity.pdbx_description
1 polymer 'Tryptophan 6-halogenase'
2 non-polymer 6-CHLORO-L-TRYPTOPHAN
3 non-polymer 'SULFATE ION'
4 water water
#
_entity_poly.entity_id   1
_entity_poly.type   'polypeptide(L)'
_entity_poly.pdbx_seq_one_letter_code
;MDNRINRIVILGGGTAGWMTASYLAKALGDTVTITLLEAPAIGRIGVGEATVPNLQRVFFDFLGLREEEWMPECNAAFKT
AVKFINWRTPGPGEAKARTIDGRPDHFYHPFGLLPEHGQVPLSHYWAYNRAAGTTDEPFDYACFAETAAMDAVRAPKWLD
GRPATRYAWHFDAHLVAEFLRRHATERLNVEHVQGEMQQVLRDERGFITALRTVEGRDLEGDLFIDCSGFRGLLINKAME
EPFIDMNDQLLCNRAVATAIKHDDDAHGVEPYTSAIAMRSGWSWKIPMLGRFGTGYVYSSRFAEKDEATLDFCRMWGLDP
ENTPLNQVAFRVGRNRRAWVKNCVSIGLASCFLEPLESTGIYFITAAIYQLTQHFPDRTFALALSDAFNHEIEAMFDDTR
DFIQAHFYVSPRTDTPFWKANKDLHLPEQMREKIAMYKAGLPINAPVTDESTYYGRFEAEFRNFWTNGSYYCIFAGLGLR
PDNPLPMLRHRPEQVREAQALFAGVKDKQRELVETLPSNLEFLRSLHGK
;
_entity_poly.pdbx_strand_id   A,B,C,D
#
loop_
_chem_comp.id
_chem_comp.type
_chem_comp.name
_chem_comp.formula
SO4 non-polymer 'SULFATE ION' 'O4 S -2'
#
# COMPACT_ATOMS: atom_id res chain seq x y z
N ASP A 2 -9.63 -28.22 52.80
CA ASP A 2 -9.17 -27.72 51.52
C ASP A 2 -10.21 -28.03 50.43
N ASN A 3 -11.22 -27.16 50.32
CA ASN A 3 -12.33 -27.38 49.40
C ASN A 3 -12.48 -26.29 48.35
N ARG A 4 -11.49 -25.40 48.20
CA ARG A 4 -11.66 -24.29 47.28
C ARG A 4 -11.43 -24.72 45.85
N ILE A 5 -12.06 -23.99 44.92
CA ILE A 5 -11.92 -24.27 43.49
C ILE A 5 -10.46 -24.14 43.08
N ASN A 6 -9.97 -25.14 42.35
CA ASN A 6 -8.59 -25.13 41.83
C ASN A 6 -8.53 -24.80 40.35
N ARG A 7 -9.49 -25.26 39.55
CA ARG A 7 -9.43 -25.14 38.10
C ARG A 7 -10.76 -24.64 37.56
N ILE A 8 -10.70 -23.67 36.64
CA ILE A 8 -11.87 -23.17 35.92
C ILE A 8 -11.62 -23.37 34.43
N VAL A 9 -12.66 -23.82 33.72
CA VAL A 9 -12.60 -24.01 32.29
C VAL A 9 -13.74 -23.21 31.65
N ILE A 10 -13.39 -22.36 30.68
CA ILE A 10 -14.36 -21.52 29.99
C ILE A 10 -14.48 -22.02 28.55
N LEU A 11 -15.72 -22.26 28.11
CA LEU A 11 -16.00 -22.67 26.74
C LEU A 11 -16.50 -21.47 25.95
N GLY A 12 -15.75 -21.08 24.93
CA GLY A 12 -16.13 -19.95 24.10
C GLY A 12 -15.21 -18.75 24.25
N GLY A 13 -14.78 -18.17 23.13
CA GLY A 13 -13.79 -17.12 23.16
C GLY A 13 -14.20 -15.84 22.46
N GLY A 14 -15.46 -15.44 22.63
CA GLY A 14 -15.92 -14.14 22.21
C GLY A 14 -15.82 -13.14 23.33
N THR A 15 -16.69 -12.13 23.28
CA THR A 15 -16.64 -11.07 24.28
C THR A 15 -16.93 -11.63 25.68
N ALA A 16 -17.94 -12.49 25.80
CA ALA A 16 -18.28 -13.05 27.11
C ALA A 16 -17.15 -13.93 27.63
N GLY A 17 -16.58 -14.77 26.78
CA GLY A 17 -15.53 -15.67 27.23
C GLY A 17 -14.31 -14.92 27.76
N TRP A 18 -13.90 -13.87 27.07
CA TRP A 18 -12.69 -13.17 27.45
C TRP A 18 -12.91 -12.10 28.51
N MET A 19 -14.11 -11.55 28.63
CA MET A 19 -14.41 -10.77 29.83
C MET A 19 -14.46 -11.67 31.05
N THR A 20 -15.04 -12.87 30.92
CA THR A 20 -15.06 -13.80 32.04
C THR A 20 -13.65 -14.24 32.41
N ALA A 21 -12.82 -14.56 31.41
CA ALA A 21 -11.48 -15.04 31.69
C ALA A 21 -10.62 -13.97 32.34
N SER A 22 -10.72 -12.73 31.86
CA SER A 22 -9.87 -11.65 32.37
C SER A 22 -10.28 -11.27 33.80
N TYR A 23 -11.58 -11.16 34.05
CA TYR A 23 -12.04 -10.72 35.36
C TYR A 23 -11.76 -11.76 36.44
N LEU A 24 -12.07 -13.03 36.15
CA LEU A 24 -11.83 -14.09 37.13
C LEU A 24 -10.33 -14.27 37.39
N ALA A 25 -9.52 -14.21 36.34
CA ALA A 25 -8.07 -14.32 36.52
C ALA A 25 -7.55 -13.18 37.38
N LYS A 26 -8.08 -11.97 37.19
CA LYS A 26 -7.69 -10.84 38.03
C LYS A 26 -8.18 -11.03 39.46
N ALA A 27 -9.37 -11.61 39.64
CA ALA A 27 -9.93 -11.74 40.98
C ALA A 27 -9.28 -12.87 41.76
N LEU A 28 -8.92 -13.97 41.08
CA LEU A 28 -8.45 -15.17 41.76
C LEU A 28 -6.93 -15.30 41.78
N GLY A 29 -6.23 -14.63 40.88
CA GLY A 29 -4.78 -14.70 40.89
C GLY A 29 -4.26 -16.11 40.68
N ASP A 30 -3.20 -16.45 41.44
CA ASP A 30 -2.57 -17.76 41.32
C ASP A 30 -3.36 -18.88 41.99
N THR A 31 -4.41 -18.55 42.75
CA THR A 31 -5.16 -19.57 43.47
C THR A 31 -5.93 -20.51 42.55
N VAL A 32 -6.06 -20.18 41.26
CA VAL A 32 -6.87 -20.95 40.32
C VAL A 32 -6.19 -20.92 38.97
N THR A 33 -6.17 -22.06 38.28
CA THR A 33 -5.80 -22.11 36.87
C THR A 33 -7.06 -21.93 36.03
N ILE A 34 -6.97 -21.05 35.03
CA ILE A 34 -8.09 -20.74 34.16
C ILE A 34 -7.69 -21.09 32.73
N THR A 35 -8.53 -21.88 32.07
CA THR A 35 -8.29 -22.33 30.70
C THR A 35 -9.54 -22.00 29.88
N LEU A 36 -9.33 -21.41 28.71
CA LEU A 36 -10.43 -21.08 27.80
C LEU A 36 -10.26 -21.88 26.52
N LEU A 37 -11.31 -22.59 26.14
CA LEU A 37 -11.35 -23.39 24.91
C LEU A 37 -12.29 -22.69 23.93
N GLU A 38 -11.76 -22.27 22.78
CA GLU A 38 -12.59 -21.61 21.79
C GLU A 38 -12.26 -22.13 20.40
N ALA A 39 -13.31 -22.46 19.65
CA ALA A 39 -13.16 -23.02 18.31
C ALA A 39 -13.02 -21.93 17.27
N ARG A 44 -20.25 -12.03 11.74
CA ARG A 44 -18.97 -11.90 11.05
C ARG A 44 -18.61 -10.44 10.81
N ILE A 45 -19.52 -9.70 10.16
CA ILE A 45 -19.32 -8.27 10.03
C ILE A 45 -19.43 -7.64 11.40
N GLY A 46 -18.50 -6.75 11.72
CA GLY A 46 -18.62 -6.00 12.97
C GLY A 46 -19.72 -4.97 12.86
N VAL A 47 -20.87 -5.24 13.47
CA VAL A 47 -22.05 -4.39 13.36
C VAL A 47 -22.22 -3.45 14.54
N GLY A 48 -21.23 -3.40 15.42
CA GLY A 48 -21.17 -2.45 16.53
C GLY A 48 -21.89 -2.96 17.76
N GLU A 49 -21.47 -2.45 18.92
CA GLU A 49 -22.14 -2.76 20.17
C GLU A 49 -22.07 -1.55 21.08
N ALA A 50 -23.10 -1.38 21.89
CA ALA A 50 -23.24 -0.25 22.80
C ALA A 50 -23.19 -0.75 24.24
N THR A 51 -22.89 0.16 25.17
CA THR A 51 -22.63 -0.19 26.56
C THR A 51 -23.31 0.81 27.49
N VAL A 52 -23.10 0.59 28.79
CA VAL A 52 -23.61 1.48 29.83
C VAL A 52 -22.42 1.95 30.66
N PRO A 53 -22.55 3.09 31.34
CA PRO A 53 -21.36 3.69 31.99
C PRO A 53 -20.65 2.79 32.99
N ASN A 54 -21.34 1.86 33.65
CA ASN A 54 -20.66 1.08 34.68
C ASN A 54 -19.60 0.14 34.11
N LEU A 55 -19.45 0.06 32.78
CA LEU A 55 -18.47 -0.84 32.20
C LEU A 55 -17.05 -0.46 32.60
N GLN A 56 -16.76 0.83 32.67
CA GLN A 56 -15.42 1.25 33.07
C GLN A 56 -15.19 1.00 34.56
N ARG A 57 -16.17 1.36 35.39
CA ARG A 57 -16.00 1.22 36.84
C ARG A 57 -15.92 -0.24 37.25
N VAL A 58 -16.85 -1.06 36.75
CA VAL A 58 -16.95 -2.44 37.22
C VAL A 58 -15.87 -3.31 36.59
N PHE A 59 -15.63 -3.17 35.29
CA PHE A 59 -14.81 -4.13 34.55
C PHE A 59 -13.41 -3.60 34.26
N PHE A 60 -13.29 -2.55 33.46
CA PHE A 60 -11.98 -2.11 33.00
C PHE A 60 -11.13 -1.55 34.15
N ASP A 61 -11.75 -0.81 35.09
CA ASP A 61 -10.98 -0.33 36.24
C ASP A 61 -10.49 -1.48 37.09
N PHE A 62 -11.29 -2.54 37.22
CA PHE A 62 -10.86 -3.71 37.97
C PHE A 62 -9.63 -4.34 37.34
N LEU A 63 -9.56 -4.35 36.00
CA LEU A 63 -8.40 -4.86 35.29
C LEU A 63 -7.25 -3.86 35.22
N GLY A 64 -7.44 -2.64 35.72
CA GLY A 64 -6.40 -1.64 35.66
C GLY A 64 -6.21 -0.97 34.32
N LEU A 65 -7.21 -1.06 33.43
CA LEU A 65 -7.10 -0.57 32.07
C LEU A 65 -7.86 0.75 31.94
N ARG A 66 -7.14 1.81 31.59
CA ARG A 66 -7.80 3.11 31.43
C ARG A 66 -8.31 3.23 30.00
N GLU A 67 -9.30 4.10 29.79
CA GLU A 67 -9.90 4.23 28.46
C GLU A 67 -8.86 4.67 27.43
N GLU A 68 -7.89 5.49 27.85
CA GLU A 68 -6.83 5.94 26.95
C GLU A 68 -6.04 4.78 26.36
N GLU A 69 -6.07 3.61 27.01
CA GLU A 69 -5.39 2.43 26.48
C GLU A 69 -6.31 1.51 25.70
N TRP A 70 -7.48 1.15 26.25
CA TRP A 70 -8.28 0.12 25.59
C TRP A 70 -9.14 0.67 24.46
N MET A 71 -9.53 1.95 24.52
CA MET A 71 -10.36 2.51 23.45
C MET A 71 -9.66 2.51 22.09
N PRO A 72 -8.41 2.96 21.95
CA PRO A 72 -7.77 2.91 20.62
C PRO A 72 -7.60 1.50 20.07
N GLU A 73 -7.60 0.48 20.92
CA GLU A 73 -7.45 -0.89 20.45
C GLU A 73 -8.76 -1.51 19.98
N CYS A 74 -9.89 -0.83 20.18
CA CYS A 74 -11.19 -1.37 19.83
C CYS A 74 -11.98 -0.45 18.90
N ASN A 75 -11.34 0.56 18.33
CA ASN A 75 -12.00 1.63 17.59
C ASN A 75 -13.24 2.12 18.33
N ALA A 76 -13.08 2.32 19.63
CA ALA A 76 -14.20 2.70 20.49
C ALA A 76 -14.57 4.16 20.28
N ALA A 77 -15.85 4.47 20.50
CA ALA A 77 -16.37 5.83 20.44
C ALA A 77 -17.30 6.03 21.63
N PHE A 78 -17.87 7.23 21.73
CA PHE A 78 -18.61 7.62 22.92
C PHE A 78 -20.12 7.56 22.69
N LYS A 79 -20.83 7.19 23.75
CA LYS A 79 -22.29 7.08 23.75
C LYS A 79 -22.84 7.90 24.92
N THR A 80 -23.59 8.96 24.61
CA THR A 80 -24.21 9.78 25.64
C THR A 80 -25.65 9.37 25.93
N ALA A 81 -26.31 8.68 25.00
CA ALA A 81 -27.71 8.29 25.15
C ALA A 81 -28.05 7.31 24.04
N VAL A 82 -29.30 6.86 24.05
CA VAL A 82 -29.93 6.28 22.88
C VAL A 82 -31.00 7.27 22.39
N LYS A 83 -31.05 7.46 21.07
CA LYS A 83 -31.98 8.39 20.44
C LYS A 83 -33.04 7.58 19.69
N PHE A 84 -34.29 7.73 20.11
CA PHE A 84 -35.40 6.99 19.50
C PHE A 84 -36.04 7.84 18.42
N ILE A 85 -36.09 7.32 17.21
CA ILE A 85 -36.48 8.07 16.02
C ILE A 85 -37.73 7.43 15.42
N ASN A 86 -38.78 8.24 15.24
CA ASN A 86 -40.01 7.88 14.54
C ASN A 86 -40.84 6.85 15.28
N TRP A 87 -40.80 6.85 16.62
CA TRP A 87 -41.57 5.90 17.40
C TRP A 87 -42.99 6.37 17.68
N ARG A 88 -43.34 7.61 17.32
CA ARG A 88 -44.68 8.13 17.48
C ARG A 88 -45.43 8.35 16.18
N THR A 89 -44.71 8.44 15.06
CA THR A 89 -45.34 8.78 13.79
C THR A 89 -45.36 7.59 12.85
N PRO A 90 -46.39 7.47 12.02
CA PRO A 90 -46.45 6.35 11.08
C PRO A 90 -45.65 6.63 9.82
N GLY A 91 -45.31 5.55 9.11
CA GLY A 91 -44.67 5.68 7.82
C GLY A 91 -43.54 4.71 7.58
N PRO A 92 -42.67 5.05 6.63
CA PRO A 92 -41.64 4.12 6.19
C PRO A 92 -40.48 4.03 7.19
N GLY A 93 -39.66 3.00 6.99
CA GLY A 93 -38.42 2.90 7.71
C GLY A 93 -37.38 3.81 7.10
N GLU A 94 -37.15 4.96 7.73
CA GLU A 94 -36.25 5.97 7.19
C GLU A 94 -35.36 6.49 8.30
N ALA A 95 -34.17 6.95 7.93
CA ALA A 95 -33.19 7.37 8.91
C ALA A 95 -33.52 8.72 9.54
N LYS A 96 -34.18 9.59 8.81
CA LYS A 96 -34.48 10.94 9.28
C LYS A 96 -35.80 10.97 10.03
N ALA A 97 -35.85 11.74 11.11
CA ALA A 97 -37.05 11.84 11.92
C ALA A 97 -38.16 12.55 11.16
N ARG A 98 -39.38 12.06 11.32
CA ARG A 98 -40.55 12.74 10.78
C ARG A 98 -40.94 13.91 11.68
N THR A 99 -41.81 14.76 11.17
CA THR A 99 -42.27 15.95 11.89
C THR A 99 -43.57 15.65 12.62
N ILE A 100 -43.66 16.10 13.87
CA ILE A 100 -44.89 15.99 14.64
C ILE A 100 -45.00 17.24 15.52
N ASP A 101 -46.12 17.96 15.39
CA ASP A 101 -46.34 19.20 16.13
C ASP A 101 -45.22 20.20 15.91
N GLY A 102 -44.76 20.30 14.66
CA GLY A 102 -43.68 21.20 14.31
C GLY A 102 -42.30 20.77 14.77
N ARG A 103 -42.17 19.63 15.45
CA ARG A 103 -40.90 19.17 15.95
C ARG A 103 -40.50 17.87 15.28
N PRO A 104 -39.20 17.57 15.21
CA PRO A 104 -38.79 16.23 14.80
C PRO A 104 -39.32 15.18 15.77
N ASP A 105 -39.67 14.02 15.23
CA ASP A 105 -40.13 12.91 16.07
C ASP A 105 -38.92 12.11 16.54
N HIS A 106 -38.26 12.63 17.57
CA HIS A 106 -37.19 11.91 18.22
C HIS A 106 -37.14 12.32 19.69
N PHE A 107 -36.63 11.42 20.53
CA PHE A 107 -36.41 11.73 21.93
C PHE A 107 -35.21 10.94 22.42
N TYR A 108 -34.59 11.43 23.48
CA TYR A 108 -33.35 10.87 23.99
C TYR A 108 -33.59 10.14 25.30
N HIS A 109 -32.73 9.16 25.57
CA HIS A 109 -32.69 8.44 26.84
C HIS A 109 -31.25 8.52 27.35
N PRO A 110 -30.88 9.61 28.01
CA PRO A 110 -29.50 9.77 28.47
C PRO A 110 -29.24 9.04 29.78
N PHE A 111 -27.97 9.06 30.19
CA PHE A 111 -27.55 8.46 31.44
C PHE A 111 -27.66 9.50 32.56
N GLY A 112 -27.19 9.14 33.75
CA GLY A 112 -27.21 10.05 34.87
C GLY A 112 -28.50 9.99 35.66
N LEU A 113 -28.56 10.82 36.70
CA LEU A 113 -29.72 10.91 37.58
C LEU A 113 -30.27 12.33 37.53
N LEU A 114 -31.58 12.44 37.48
CA LEU A 114 -32.22 13.75 37.48
C LEU A 114 -32.03 14.45 38.82
N PRO A 115 -31.85 15.76 38.84
CA PRO A 115 -31.80 16.48 40.11
C PRO A 115 -33.18 16.59 40.74
N GLU A 116 -33.18 16.89 42.03
CA GLU A 116 -34.40 17.07 42.79
C GLU A 116 -34.46 18.47 43.36
N HIS A 117 -35.68 18.90 43.67
CA HIS A 117 -35.92 20.03 44.58
C HIS A 117 -37.03 19.61 45.52
N GLY A 118 -36.83 19.87 46.82
CA GLY A 118 -37.76 19.33 47.82
C GLY A 118 -37.87 17.83 47.76
N GLN A 119 -36.81 17.14 47.33
CA GLN A 119 -36.78 15.69 47.15
C GLN A 119 -37.83 15.19 46.17
N VAL A 120 -38.25 16.05 45.25
CA VAL A 120 -39.12 15.68 44.13
C VAL A 120 -38.30 15.77 42.85
N PRO A 121 -38.28 14.73 42.01
CA PRO A 121 -37.45 14.78 40.80
C PRO A 121 -37.86 15.90 39.87
N LEU A 122 -36.88 16.40 39.10
CA LEU A 122 -37.15 17.47 38.14
C LEU A 122 -38.22 17.06 37.13
N SER A 123 -38.31 15.76 36.82
CA SER A 123 -39.33 15.25 35.92
C SER A 123 -40.73 15.71 36.33
N HIS A 124 -40.98 15.77 37.63
CA HIS A 124 -42.33 16.06 38.10
C HIS A 124 -42.64 17.54 38.08
N TYR A 125 -41.62 18.39 38.15
CA TYR A 125 -41.85 19.82 37.92
C TYR A 125 -42.06 20.11 36.44
N TRP A 126 -41.43 19.33 35.56
CA TRP A 126 -41.71 19.48 34.13
C TRP A 126 -43.14 19.10 33.81
N ALA A 127 -43.62 17.98 34.37
CA ALA A 127 -45.01 17.59 34.17
C ALA A 127 -45.96 18.60 34.78
N TYR A 128 -45.55 19.26 35.87
CA TYR A 128 -46.38 20.31 36.45
C TYR A 128 -46.53 21.49 35.49
N ASN A 129 -45.43 21.92 34.88
CA ASN A 129 -45.47 23.07 33.98
C ASN A 129 -46.23 22.75 32.71
N ARG A 130 -46.11 21.52 32.20
CA ARG A 130 -46.88 21.12 31.03
C ARG A 130 -48.38 21.17 31.32
N ALA A 131 -48.80 20.65 32.48
CA ALA A 131 -50.20 20.70 32.86
C ALA A 131 -50.68 22.13 33.05
N ALA A 132 -49.83 22.99 33.63
CA ALA A 132 -50.17 24.39 33.79
C ALA A 132 -50.23 25.15 32.46
N GLY A 133 -49.70 24.57 31.39
CA GLY A 133 -49.74 25.21 30.09
C GLY A 133 -48.75 26.33 29.88
N THR A 134 -47.77 26.48 30.76
CA THR A 134 -46.76 27.53 30.64
C THR A 134 -45.55 27.11 29.83
N THR A 135 -45.49 25.85 29.40
CA THR A 135 -44.41 25.38 28.55
C THR A 135 -44.93 24.25 27.68
N ASP A 136 -44.34 24.12 26.49
CA ASP A 136 -44.59 22.97 25.62
C ASP A 136 -43.29 22.25 25.28
N GLU A 137 -42.25 22.48 26.07
CA GLU A 137 -40.95 21.88 25.78
C GLU A 137 -40.98 20.39 26.08
N PRO A 138 -40.39 19.55 25.22
CA PRO A 138 -40.33 18.12 25.50
C PRO A 138 -39.58 17.83 26.79
N PHE A 139 -39.90 16.69 27.40
CA PHE A 139 -39.29 16.34 28.67
C PHE A 139 -37.77 16.26 28.58
N ASP A 140 -37.26 15.63 27.52
CA ASP A 140 -35.83 15.37 27.47
C ASP A 140 -35.04 16.67 27.26
N TYR A 141 -35.57 17.60 26.46
CA TYR A 141 -34.87 18.86 26.25
C TYR A 141 -34.96 19.79 27.46
N ALA A 142 -35.94 19.61 28.31
CA ALA A 142 -36.10 20.49 29.47
C ALA A 142 -35.31 20.03 30.69
N CYS A 143 -35.11 18.71 30.84
CA CYS A 143 -34.50 18.16 32.04
C CYS A 143 -33.09 17.63 31.83
N PHE A 144 -32.61 17.52 30.59
CA PHE A 144 -31.30 16.94 30.30
C PHE A 144 -30.47 17.94 29.52
N ALA A 145 -29.35 18.37 30.11
CA ALA A 145 -28.40 19.21 29.37
C ALA A 145 -27.75 18.47 28.21
N GLU A 146 -27.73 17.14 28.27
CA GLU A 146 -27.05 16.35 27.24
C GLU A 146 -27.70 16.51 25.87
N THR A 147 -29.00 16.79 25.82
CA THR A 147 -29.71 16.84 24.54
C THR A 147 -29.08 17.87 23.60
N ALA A 148 -28.73 19.04 24.12
CA ALA A 148 -28.10 20.07 23.30
C ALA A 148 -26.75 19.60 22.76
N ALA A 149 -25.95 18.95 23.62
CA ALA A 149 -24.62 18.51 23.19
C ALA A 149 -24.70 17.42 22.13
N MET A 150 -25.70 16.55 22.22
CA MET A 150 -25.86 15.49 21.24
C MET A 150 -26.33 16.02 19.89
N ASP A 151 -27.22 17.03 19.90
CA ASP A 151 -27.64 17.65 18.64
C ASP A 151 -26.47 18.36 17.96
N ALA A 152 -25.57 18.94 18.74
CA ALA A 152 -24.35 19.55 18.22
C ALA A 152 -23.20 18.56 18.10
N VAL A 153 -23.50 17.25 18.12
CA VAL A 153 -22.55 16.14 18.10
C VAL A 153 -21.26 16.46 18.86
N ARG A 154 -21.41 16.91 20.11
CA ARG A 154 -20.26 17.19 20.96
C ARG A 154 -19.74 15.91 21.61
N ALA A 155 -18.45 15.94 21.97
CA ALA A 155 -17.88 14.87 22.77
C ALA A 155 -18.40 14.98 24.21
N PRO A 156 -18.41 13.87 24.94
CA PRO A 156 -18.85 13.93 26.34
C PRO A 156 -17.81 14.53 27.29
N LYS A 157 -16.62 14.84 26.79
CA LYS A 157 -15.54 15.36 27.60
C LYS A 157 -14.79 16.43 26.81
N TRP A 158 -14.07 17.28 27.53
CA TRP A 158 -13.12 18.16 26.87
C TRP A 158 -11.88 17.37 26.47
N LEU A 159 -11.10 17.95 25.55
CA LEU A 159 -10.00 17.22 24.93
C LEU A 159 -8.96 16.75 25.94
N ASP A 160 -8.77 17.50 27.03
CA ASP A 160 -7.75 17.17 28.01
C ASP A 160 -8.23 16.23 29.10
N GLY A 161 -9.41 15.63 28.93
CA GLY A 161 -9.94 14.67 29.87
C GLY A 161 -11.02 15.21 30.78
N ARG A 162 -11.18 16.52 30.86
CA ARG A 162 -12.20 17.16 31.69
C ARG A 162 -13.56 16.55 31.41
N PRO A 163 -14.21 15.90 32.38
CA PRO A 163 -15.54 15.34 32.15
C PRO A 163 -16.58 16.43 31.99
N ALA A 164 -17.68 16.08 31.33
CA ALA A 164 -18.77 17.01 31.13
C ALA A 164 -20.12 16.32 31.39
N THR A 165 -20.35 15.18 30.75
CA THR A 165 -21.61 14.47 30.91
C THR A 165 -21.34 12.98 31.07
N ARG A 166 -22.28 12.29 31.71
CA ARG A 166 -22.21 10.85 31.86
C ARG A 166 -22.25 10.18 30.49
N TYR A 167 -21.45 9.12 30.33
CA TYR A 167 -21.33 8.52 29.01
C TYR A 167 -20.92 7.05 29.12
N ALA A 168 -21.17 6.33 28.03
CA ALA A 168 -20.67 4.97 27.83
C ALA A 168 -19.97 4.87 26.48
N TRP A 169 -19.98 3.70 25.84
CA TRP A 169 -19.11 3.47 24.69
C TRP A 169 -19.81 2.71 23.59
N HIS A 170 -19.40 3.01 22.36
CA HIS A 170 -19.60 2.15 21.20
C HIS A 170 -18.26 1.52 20.83
N PHE A 171 -18.26 0.24 20.47
CA PHE A 171 -17.03 -0.36 19.98
C PHE A 171 -17.33 -1.57 19.11
N ASP A 172 -16.27 -2.09 18.50
CA ASP A 172 -16.33 -3.33 17.73
C ASP A 172 -16.08 -4.48 18.70
N ALA A 173 -17.11 -5.31 18.91
CA ALA A 173 -17.02 -6.35 19.94
C ALA A 173 -15.92 -7.36 19.64
N HIS A 174 -15.64 -7.62 18.36
CA HIS A 174 -14.55 -8.54 18.04
C HIS A 174 -13.20 -7.96 18.45
N LEU A 175 -13.00 -6.66 18.22
CA LEU A 175 -11.75 -6.03 18.62
C LEU A 175 -11.59 -6.00 20.14
N VAL A 176 -12.70 -5.91 20.88
CA VAL A 176 -12.63 -5.94 22.34
C VAL A 176 -12.23 -7.33 22.82
N ALA A 177 -12.79 -8.37 22.22
CA ALA A 177 -12.45 -9.73 22.63
C ALA A 177 -10.99 -10.04 22.34
N GLU A 178 -10.48 -9.57 21.20
CA GLU A 178 -9.07 -9.79 20.88
C GLU A 178 -8.16 -9.04 21.83
N PHE A 179 -8.53 -7.81 22.20
CA PHE A 179 -7.74 -7.05 23.16
C PHE A 179 -7.70 -7.77 24.50
N LEU A 180 -8.85 -8.25 24.97
CA LEU A 180 -8.91 -8.96 26.24
C LEU A 180 -8.26 -10.33 26.15
N ARG A 181 -8.35 -10.97 24.98
CA ARG A 181 -7.62 -12.23 24.78
C ARG A 181 -6.12 -12.03 24.99
N ARG A 182 -5.57 -10.97 24.40
CA ARG A 182 -4.15 -10.67 24.57
C ARG A 182 -3.84 -10.34 26.02
N HIS A 183 -4.67 -9.48 26.65
CA HIS A 183 -4.43 -9.10 28.03
C HIS A 183 -4.46 -10.30 28.96
N ALA A 184 -5.44 -11.19 28.78
CA ALA A 184 -5.58 -12.32 29.70
C ALA A 184 -4.43 -13.30 29.56
N THR A 185 -4.04 -13.63 28.34
CA THR A 185 -3.01 -14.64 28.12
C THR A 185 -1.60 -14.12 28.33
N GLU A 186 -1.37 -12.81 28.20
CA GLU A 186 -0.04 -12.24 28.35
C GLU A 186 0.22 -11.68 29.74
N ARG A 187 -0.81 -11.19 30.44
CA ARG A 187 -0.63 -10.58 31.75
C ARG A 187 -1.33 -11.30 32.89
N LEU A 188 -2.27 -12.21 32.60
CA LEU A 188 -3.07 -12.85 33.64
C LEU A 188 -2.98 -14.37 33.59
N ASN A 189 -2.07 -14.93 32.78
CA ASN A 189 -1.74 -16.35 32.81
C ASN A 189 -2.94 -17.25 32.49
N VAL A 190 -3.91 -16.73 31.74
CA VAL A 190 -5.00 -17.57 31.24
C VAL A 190 -4.48 -18.40 30.07
N GLU A 191 -4.77 -19.69 30.10
CA GLU A 191 -4.34 -20.59 29.04
C GLU A 191 -5.40 -20.63 27.95
N HIS A 192 -4.99 -20.28 26.73
CA HIS A 192 -5.87 -20.28 25.57
C HIS A 192 -5.66 -21.59 24.82
N VAL A 193 -6.74 -22.35 24.64
CA VAL A 193 -6.71 -23.61 23.90
C VAL A 193 -7.54 -23.42 22.63
N GLN A 194 -6.87 -23.49 21.48
CA GLN A 194 -7.53 -23.35 20.18
C GLN A 194 -7.96 -24.73 19.71
N GLY A 195 -9.25 -25.01 19.80
CA GLY A 195 -9.78 -26.29 19.37
C GLY A 195 -11.28 -26.32 19.56
N GLU A 196 -11.88 -27.43 19.13
CA GLU A 196 -13.30 -27.66 19.26
C GLU A 196 -13.55 -28.68 20.37
N MET A 197 -14.72 -28.58 21.01
CA MET A 197 -15.06 -29.51 22.07
C MET A 197 -15.67 -30.78 21.48
N GLN A 198 -15.10 -31.92 21.83
CA GLN A 198 -15.58 -33.21 21.34
C GLN A 198 -16.70 -33.76 22.21
N GLN A 199 -16.55 -33.69 23.53
CA GLN A 199 -17.57 -34.20 24.44
C GLN A 199 -17.37 -33.61 25.82
N VAL A 200 -18.42 -33.67 26.63
CA VAL A 200 -18.42 -33.17 28.01
C VAL A 200 -18.40 -34.38 28.93
N LEU A 201 -17.35 -34.48 29.74
CA LEU A 201 -17.20 -35.57 30.69
C LEU A 201 -17.90 -35.21 32.00
N ARG A 202 -18.78 -36.10 32.46
CA ARG A 202 -19.55 -35.86 33.67
C ARG A 202 -19.41 -37.03 34.63
N ASP A 203 -19.56 -36.74 35.92
CA ASP A 203 -19.44 -37.76 36.96
C ASP A 203 -20.80 -38.36 37.29
N GLU A 204 -20.85 -39.13 38.38
CA GLU A 204 -22.09 -39.81 38.77
C GLU A 204 -23.20 -38.83 39.11
N ARG A 205 -22.86 -37.67 39.66
CA ARG A 205 -23.85 -36.69 40.07
C ARG A 205 -24.20 -35.69 38.99
N GLY A 206 -23.78 -35.95 37.74
CA GLY A 206 -24.03 -35.05 36.65
C GLY A 206 -23.14 -33.83 36.59
N PHE A 207 -22.23 -33.66 37.55
CA PHE A 207 -21.30 -32.54 37.52
C PHE A 207 -20.29 -32.74 36.40
N ILE A 208 -19.93 -31.65 35.73
CA ILE A 208 -18.90 -31.72 34.69
C ILE A 208 -17.54 -31.90 35.34
N THR A 209 -16.75 -32.82 34.81
CA THR A 209 -15.39 -33.06 35.28
C THR A 209 -14.31 -32.60 34.33
N ALA A 210 -14.60 -32.57 33.02
CA ALA A 210 -13.59 -32.18 32.05
C ALA A 210 -14.28 -31.89 30.72
N LEU A 211 -13.65 -31.01 29.94
CA LEU A 211 -13.99 -30.84 28.53
C LEU A 211 -12.92 -31.52 27.69
N ARG A 212 -13.35 -32.38 26.77
CA ARG A 212 -12.44 -33.12 25.90
C ARG A 212 -12.45 -32.48 24.52
N THR A 213 -11.26 -32.14 24.03
CA THR A 213 -11.11 -31.50 22.73
C THR A 213 -11.05 -32.54 21.62
N VAL A 214 -11.15 -32.05 20.37
CA VAL A 214 -11.06 -32.95 19.23
C VAL A 214 -9.65 -33.52 19.10
N GLU A 215 -8.65 -32.79 19.61
CA GLU A 215 -7.29 -33.31 19.66
C GLU A 215 -7.11 -34.40 20.71
N GLY A 216 -8.13 -34.65 21.53
CA GLY A 216 -8.06 -35.67 22.57
C GLY A 216 -7.56 -35.19 23.91
N ARG A 217 -7.50 -33.89 24.14
CA ARG A 217 -7.02 -33.34 25.41
C ARG A 217 -8.19 -33.13 26.36
N ASP A 218 -8.01 -33.57 27.61
CA ASP A 218 -9.02 -33.40 28.65
C ASP A 218 -8.69 -32.14 29.45
N LEU A 219 -9.56 -31.13 29.35
CA LEU A 219 -9.41 -29.90 30.11
C LEU A 219 -10.14 -30.10 31.44
N GLU A 220 -9.39 -30.45 32.48
CA GLU A 220 -9.98 -30.78 33.78
C GLU A 220 -10.32 -29.52 34.55
N GLY A 221 -11.43 -29.54 35.26
CA GLY A 221 -11.84 -28.39 36.04
C GLY A 221 -12.86 -28.74 37.10
N ASP A 222 -13.01 -27.82 38.05
CA ASP A 222 -14.04 -27.91 39.08
C ASP A 222 -15.24 -27.02 38.78
N LEU A 223 -15.03 -25.94 38.01
CA LEU A 223 -16.07 -24.98 37.66
C LEU A 223 -15.97 -24.69 36.17
N PHE A 224 -17.12 -24.70 35.50
CA PHE A 224 -17.16 -24.54 34.04
C PHE A 224 -18.09 -23.40 33.67
N ILE A 225 -17.62 -22.51 32.80
CA ILE A 225 -18.37 -21.33 32.38
C ILE A 225 -18.78 -21.53 30.93
N ASP A 226 -20.09 -21.46 30.67
CA ASP A 226 -20.60 -21.62 29.30
C ASP A 226 -20.72 -20.23 28.68
N CYS A 227 -19.77 -19.90 27.81
CA CYS A 227 -19.81 -18.68 27.00
C CYS A 227 -19.88 -19.03 25.52
N SER A 228 -20.63 -20.07 25.17
CA SER A 228 -20.69 -20.56 23.81
C SER A 228 -21.79 -19.90 22.98
N GLY A 229 -22.34 -18.78 23.45
CA GLY A 229 -23.36 -18.10 22.68
C GLY A 229 -24.68 -18.86 22.70
N PHE A 230 -25.49 -18.63 21.66
CA PHE A 230 -26.81 -19.23 21.57
C PHE A 230 -26.74 -20.76 21.60
N ARG A 231 -25.57 -21.34 21.33
CA ARG A 231 -25.45 -22.80 21.28
C ARG A 231 -25.73 -23.43 22.64
N GLY A 232 -25.29 -22.77 23.71
CA GLY A 232 -25.45 -23.31 25.06
C GLY A 232 -24.95 -24.73 25.17
N LEU A 233 -23.75 -24.99 24.65
CA LEU A 233 -23.24 -26.35 24.57
C LEU A 233 -23.15 -27.02 25.94
N LEU A 234 -22.92 -26.24 26.99
CA LEU A 234 -22.86 -26.80 28.34
C LEU A 234 -24.21 -26.72 29.04
N ILE A 235 -24.76 -25.51 29.16
CA ILE A 235 -25.92 -25.29 30.02
C ILE A 235 -27.17 -25.94 29.41
N ASN A 236 -27.34 -25.86 28.09
CA ASN A 236 -28.54 -26.37 27.45
C ASN A 236 -28.39 -27.80 26.95
N LYS A 237 -27.26 -28.12 26.31
CA LYS A 237 -27.09 -29.41 25.67
C LYS A 237 -26.55 -30.47 26.62
N ALA A 238 -25.53 -30.15 27.40
CA ALA A 238 -24.95 -31.11 28.32
C ALA A 238 -25.74 -31.20 29.62
N MET A 239 -26.08 -30.05 30.21
CA MET A 239 -26.80 -30.02 31.47
C MET A 239 -28.31 -30.14 31.29
N GLU A 240 -28.80 -30.02 30.06
CA GLU A 240 -30.22 -30.23 29.73
C GLU A 240 -31.13 -29.22 30.43
N GLU A 241 -30.61 -28.05 30.77
CA GLU A 241 -31.45 -27.03 31.39
C GLU A 241 -32.30 -26.35 30.33
N PRO A 242 -33.62 -26.28 30.52
CA PRO A 242 -34.48 -25.72 29.48
C PRO A 242 -34.28 -24.23 29.31
N PHE A 243 -34.65 -23.75 28.12
CA PHE A 243 -34.64 -22.33 27.79
C PHE A 243 -36.08 -21.85 27.76
N ILE A 244 -36.35 -20.71 28.41
CA ILE A 244 -37.69 -20.15 28.47
C ILE A 244 -37.82 -19.13 27.35
N ASP A 245 -38.56 -19.50 26.31
CA ASP A 245 -38.79 -18.61 25.17
C ASP A 245 -39.80 -17.53 25.57
N MET A 246 -39.42 -16.27 25.37
CA MET A 246 -40.27 -15.15 25.73
C MET A 246 -40.64 -14.31 24.51
N ASN A 247 -40.58 -14.91 23.32
CA ASN A 247 -40.94 -14.25 22.08
C ASN A 247 -42.42 -13.90 22.00
N ASP A 248 -43.24 -14.45 22.90
CA ASP A 248 -44.64 -14.02 22.97
C ASP A 248 -44.75 -12.61 23.50
N GLN A 249 -43.82 -12.19 24.35
CA GLN A 249 -43.83 -10.87 24.96
C GLN A 249 -43.04 -9.85 24.14
N LEU A 250 -41.98 -10.29 23.47
CA LEU A 250 -41.17 -9.46 22.58
C LEU A 250 -41.13 -10.16 21.23
N LEU A 251 -41.73 -9.55 20.21
CA LEU A 251 -41.98 -10.24 18.96
C LEU A 251 -40.77 -10.33 18.05
N CYS A 252 -39.80 -9.44 18.19
CA CYS A 252 -38.67 -9.43 17.27
C CYS A 252 -37.78 -10.65 17.49
N ASN A 253 -37.39 -11.29 16.39
CA ASN A 253 -36.58 -12.51 16.49
C ASN A 253 -35.57 -12.65 15.36
N ARG A 254 -35.36 -11.62 14.54
CA ARG A 254 -34.43 -11.67 13.43
C ARG A 254 -33.69 -10.34 13.34
N ALA A 255 -32.56 -10.36 12.63
CA ALA A 255 -31.87 -9.12 12.29
C ALA A 255 -31.13 -9.28 10.97
N VAL A 256 -31.02 -8.17 10.25
CA VAL A 256 -30.17 -8.05 9.08
C VAL A 256 -29.29 -6.84 9.32
N ALA A 257 -27.97 -7.03 9.22
CA ALA A 257 -27.03 -6.05 9.72
C ALA A 257 -25.80 -5.96 8.83
N THR A 258 -25.11 -4.84 8.95
CA THR A 258 -23.85 -4.60 8.24
C THR A 258 -23.20 -3.38 8.88
N ALA A 259 -22.02 -3.02 8.36
CA ALA A 259 -21.34 -1.79 8.73
C ALA A 259 -21.16 -0.95 7.48
N ILE A 260 -21.30 0.36 7.63
CA ILE A 260 -21.26 1.30 6.51
C ILE A 260 -20.14 2.29 6.74
N LYS A 261 -19.29 2.46 5.74
CA LYS A 261 -18.27 3.49 5.79
C LYS A 261 -18.93 4.87 5.80
N HIS A 262 -18.32 5.81 6.51
CA HIS A 262 -18.95 7.10 6.74
C HIS A 262 -17.93 8.22 6.69
N ASP A 263 -18.30 9.30 6.02
CA ASP A 263 -17.47 10.50 5.94
C ASP A 263 -17.78 11.37 7.15
N ASP A 264 -16.95 11.25 8.19
CA ASP A 264 -17.19 11.98 9.42
C ASP A 264 -17.03 13.49 9.26
N ASP A 265 -16.27 13.92 8.26
CA ASP A 265 -16.05 15.36 8.09
C ASP A 265 -17.28 16.10 7.60
N ALA A 266 -18.32 15.39 7.15
CA ALA A 266 -19.50 16.05 6.61
C ALA A 266 -20.43 16.54 7.71
N HIS A 267 -20.83 15.65 8.63
CA HIS A 267 -21.73 16.00 9.71
C HIS A 267 -21.28 15.38 11.05
N GLY A 268 -19.99 15.06 11.19
CA GLY A 268 -19.48 14.57 12.44
C GLY A 268 -19.87 13.13 12.77
N VAL A 269 -19.57 12.75 14.00
CA VAL A 269 -19.89 11.43 14.54
C VAL A 269 -20.91 11.62 15.65
N GLU A 270 -22.07 10.98 15.50
CA GLU A 270 -23.12 11.12 16.50
C GLU A 270 -22.73 10.41 17.79
N PRO A 271 -22.72 11.10 18.93
CA PRO A 271 -22.31 10.49 20.20
C PRO A 271 -23.47 9.79 20.92
N TYR A 272 -24.20 8.94 20.20
CA TYR A 272 -25.33 8.22 20.76
C TYR A 272 -25.72 7.10 19.81
N THR A 273 -26.31 6.05 20.38
CA THR A 273 -26.95 5.01 19.58
C THR A 273 -28.32 5.50 19.13
N SER A 274 -28.65 5.21 17.88
CA SER A 274 -29.99 5.49 17.36
C SER A 274 -30.80 4.20 17.30
N ALA A 275 -32.06 4.29 17.66
CA ALA A 275 -33.03 3.20 17.50
C ALA A 275 -34.13 3.72 16.59
N ILE A 276 -34.10 3.33 15.32
CA ILE A 276 -34.97 3.88 14.29
C ILE A 276 -36.15 2.94 14.09
N ALA A 277 -37.35 3.41 14.37
CA ALA A 277 -38.55 2.60 14.19
C ALA A 277 -38.75 2.26 12.72
N MET A 278 -39.14 1.02 12.46
CA MET A 278 -39.41 0.52 11.12
C MET A 278 -40.83 -0.04 11.06
N ARG A 279 -41.18 -0.60 9.90
CA ARG A 279 -42.54 -1.12 9.71
C ARG A 279 -42.79 -2.36 10.56
N SER A 280 -41.78 -3.21 10.75
CA SER A 280 -41.94 -4.46 11.48
C SER A 280 -40.86 -4.63 12.54
N GLY A 281 -40.44 -3.54 13.15
CA GLY A 281 -39.38 -3.58 14.15
C GLY A 281 -38.66 -2.26 14.27
N TRP A 282 -37.35 -2.31 14.48
CA TRP A 282 -36.55 -1.11 14.67
C TRP A 282 -35.13 -1.40 14.23
N SER A 283 -34.41 -0.35 13.84
CA SER A 283 -33.04 -0.47 13.37
C SER A 283 -32.09 0.28 14.28
N TRP A 284 -30.98 -0.35 14.62
CA TRP A 284 -29.96 0.34 15.40
C TRP A 284 -28.97 1.04 14.49
N LYS A 285 -28.31 2.05 15.03
CA LYS A 285 -27.19 2.71 14.39
C LYS A 285 -26.16 3.00 15.47
N ILE A 286 -24.97 2.42 15.34
CA ILE A 286 -23.93 2.52 16.34
C ILE A 286 -22.71 3.17 15.68
N PRO A 287 -22.56 4.48 15.84
CA PRO A 287 -21.47 5.19 15.14
C PRO A 287 -20.13 5.02 15.85
N MET A 288 -19.08 4.88 15.03
CA MET A 288 -17.70 4.89 15.47
C MET A 288 -16.91 5.79 14.52
N LEU A 289 -15.60 5.85 14.72
CA LEU A 289 -14.77 6.70 13.87
C LEU A 289 -14.69 6.10 12.46
N GLY A 290 -15.16 6.86 11.47
CA GLY A 290 -15.04 6.47 10.08
C GLY A 290 -16.07 5.49 9.56
N ARG A 291 -16.97 5.01 10.41
CA ARG A 291 -17.94 3.99 10.01
C ARG A 291 -18.99 3.89 11.11
N PHE A 292 -20.15 3.33 10.75
CA PHE A 292 -21.17 3.02 11.74
C PHE A 292 -21.76 1.66 11.48
N GLY A 293 -22.06 0.94 12.56
CA GLY A 293 -22.78 -0.31 12.47
C GLY A 293 -24.28 -0.07 12.52
N THR A 294 -25.02 -0.95 11.85
CA THR A 294 -26.47 -0.78 11.79
C THR A 294 -27.11 -2.11 11.46
N GLY A 295 -28.27 -2.36 12.06
CA GLY A 295 -29.00 -3.59 11.83
C GLY A 295 -30.49 -3.41 12.06
N TYR A 296 -31.30 -4.07 11.23
CA TYR A 296 -32.75 -4.03 11.33
C TYR A 296 -33.21 -5.23 12.15
N VAL A 297 -33.73 -4.96 13.35
CA VAL A 297 -34.30 -5.99 14.21
C VAL A 297 -35.80 -6.07 13.90
N TYR A 298 -36.26 -7.24 13.47
CA TYR A 298 -37.65 -7.39 13.06
C TYR A 298 -38.20 -8.73 13.51
N SER A 299 -39.52 -8.87 13.37
CA SER A 299 -40.24 -10.06 13.76
C SER A 299 -40.58 -10.88 12.52
N SER A 300 -40.19 -12.15 12.52
CA SER A 300 -40.48 -13.01 11.38
C SER A 300 -41.97 -13.29 11.25
N ARG A 301 -42.75 -13.07 12.31
CA ARG A 301 -44.19 -13.25 12.24
C ARG A 301 -44.87 -12.14 11.45
N PHE A 302 -44.17 -11.04 11.17
CA PHE A 302 -44.77 -9.89 10.49
C PHE A 302 -44.01 -9.42 9.25
N ALA A 303 -42.82 -9.93 8.99
CA ALA A 303 -42.07 -9.49 7.82
C ALA A 303 -41.29 -10.67 7.25
N GLU A 304 -41.27 -10.76 5.92
CA GLU A 304 -40.45 -11.75 5.24
C GLU A 304 -38.99 -11.32 5.26
N LYS A 305 -38.10 -12.32 5.15
CA LYS A 305 -36.67 -12.04 5.16
C LYS A 305 -36.29 -11.05 4.06
N ASP A 306 -36.85 -11.22 2.86
CA ASP A 306 -36.45 -10.38 1.74
C ASP A 306 -36.90 -8.94 1.92
N GLU A 307 -38.13 -8.71 2.40
CA GLU A 307 -38.59 -7.33 2.55
C GLU A 307 -37.85 -6.61 3.66
N ALA A 308 -37.49 -7.32 4.72
CA ALA A 308 -36.67 -6.71 5.77
C ALA A 308 -35.31 -6.31 5.22
N THR A 309 -34.67 -7.21 4.47
CA THR A 309 -33.42 -6.89 3.81
C THR A 309 -33.55 -5.66 2.92
N LEU A 310 -34.59 -5.63 2.08
CA LEU A 310 -34.75 -4.50 1.16
C LEU A 310 -35.10 -3.22 1.92
N ASP A 311 -36.00 -3.31 2.90
CA ASP A 311 -36.30 -2.14 3.73
C ASP A 311 -35.04 -1.60 4.40
N PHE A 312 -34.20 -2.50 4.89
CA PHE A 312 -32.96 -2.09 5.55
C PHE A 312 -32.01 -1.40 4.58
N CYS A 313 -31.78 -2.02 3.42
CA CYS A 313 -30.89 -1.43 2.42
C CYS A 313 -31.45 -0.11 1.89
N ARG A 314 -32.76 -0.02 1.70
CA ARG A 314 -33.37 1.20 1.19
C ARG A 314 -33.17 2.36 2.15
N MET A 315 -33.22 2.10 3.46
CA MET A 315 -33.02 3.17 4.43
C MET A 315 -31.65 3.81 4.28
N TRP A 316 -30.63 3.01 4.01
CA TRP A 316 -29.27 3.51 3.91
C TRP A 316 -28.80 3.68 2.47
N GLY A 317 -29.70 3.58 1.50
CA GLY A 317 -29.33 3.74 0.11
C GLY A 317 -28.32 2.73 -0.36
N LEU A 318 -28.45 1.48 0.08
CA LEU A 318 -27.51 0.42 -0.25
C LEU A 318 -28.02 -0.42 -1.41
N ASP A 319 -27.11 -0.83 -2.27
CA ASP A 319 -27.42 -1.80 -3.32
C ASP A 319 -27.58 -3.17 -2.65
N PRO A 320 -28.78 -3.74 -2.59
CA PRO A 320 -28.97 -4.99 -1.84
C PRO A 320 -28.19 -6.16 -2.40
N GLU A 321 -27.84 -6.16 -3.68
CA GLU A 321 -27.16 -7.29 -4.31
C GLU A 321 -25.65 -7.14 -4.33
N ASN A 322 -25.10 -6.03 -3.82
CA ASN A 322 -23.66 -5.83 -3.72
C ASN A 322 -23.31 -5.29 -2.33
N THR A 323 -24.01 -5.77 -1.31
CA THR A 323 -23.76 -5.34 0.06
C THR A 323 -23.55 -6.57 0.94
N PRO A 324 -22.47 -6.63 1.71
CA PRO A 324 -22.32 -7.73 2.68
C PRO A 324 -23.29 -7.57 3.82
N LEU A 325 -24.10 -8.60 4.06
CA LEU A 325 -25.12 -8.56 5.09
C LEU A 325 -25.01 -9.77 5.99
N ASN A 326 -25.20 -9.56 7.29
CA ASN A 326 -25.36 -10.65 8.24
C ASN A 326 -26.85 -10.90 8.47
N GLN A 327 -27.27 -12.14 8.29
CA GLN A 327 -28.64 -12.57 8.53
C GLN A 327 -28.62 -13.48 9.75
N VAL A 328 -29.23 -13.04 10.85
CA VAL A 328 -29.19 -13.77 12.10
C VAL A 328 -30.60 -13.94 12.65
N ALA A 329 -30.86 -15.11 13.23
CA ALA A 329 -32.07 -15.37 14.00
C ALA A 329 -31.73 -15.35 15.49
N PHE A 330 -32.62 -14.78 16.30
CA PHE A 330 -32.37 -14.63 17.72
C PHE A 330 -33.12 -15.66 18.55
N ARG A 331 -32.61 -15.84 19.77
CA ARG A 331 -33.22 -16.62 20.84
C ARG A 331 -33.55 -15.61 21.94
N VAL A 332 -34.82 -15.22 22.04
CA VAL A 332 -35.27 -14.24 23.02
C VAL A 332 -35.81 -14.98 24.24
N GLY A 333 -35.23 -14.71 25.39
CA GLY A 333 -35.60 -15.36 26.62
C GLY A 333 -34.37 -15.63 27.46
N ARG A 334 -34.52 -16.55 28.41
CA ARG A 334 -33.44 -16.89 29.32
C ARG A 334 -33.61 -18.34 29.76
N ASN A 335 -32.51 -18.93 30.20
CA ASN A 335 -32.60 -20.26 30.79
C ASN A 335 -33.43 -20.21 32.07
N ARG A 336 -34.06 -21.34 32.40
CA ARG A 336 -34.79 -21.43 33.65
C ARG A 336 -33.87 -21.12 34.83
N ARG A 337 -32.63 -21.60 34.76
CA ARG A 337 -31.59 -21.26 35.72
C ARG A 337 -30.30 -20.99 34.96
N ALA A 338 -29.62 -19.91 35.33
CA ALA A 338 -28.35 -19.58 34.67
C ALA A 338 -27.20 -20.44 35.17
N TRP A 339 -27.26 -20.87 36.42
CA TRP A 339 -26.20 -21.68 37.04
C TRP A 339 -26.83 -22.99 37.48
N VAL A 340 -26.32 -24.10 36.94
CA VAL A 340 -26.79 -25.44 37.27
C VAL A 340 -25.59 -26.30 37.63
N LYS A 341 -25.65 -26.94 38.80
CA LYS A 341 -24.55 -27.74 39.33
C LYS A 341 -23.25 -26.93 39.30
N ASN A 342 -22.25 -27.38 38.53
CA ASN A 342 -20.99 -26.66 38.42
C ASN A 342 -20.83 -26.01 37.04
N CYS A 343 -21.93 -25.57 36.44
CA CYS A 343 -21.93 -24.98 35.11
C CYS A 343 -22.64 -23.62 35.18
N VAL A 344 -21.91 -22.55 34.89
CA VAL A 344 -22.45 -21.19 34.93
C VAL A 344 -22.48 -20.65 33.50
N SER A 345 -23.67 -20.29 33.03
CA SER A 345 -23.82 -19.72 31.71
C SER A 345 -23.72 -18.20 31.80
N ILE A 346 -22.93 -17.61 30.90
CA ILE A 346 -22.73 -16.17 30.85
C ILE A 346 -22.87 -15.71 29.40
N GLY A 347 -23.56 -14.59 29.19
CA GLY A 347 -23.73 -14.07 27.85
C GLY A 347 -24.89 -14.68 27.10
N LEU A 348 -24.74 -14.87 25.79
CA LEU A 348 -25.84 -15.37 24.98
C LEU A 348 -26.22 -16.79 25.38
N ALA A 349 -25.27 -17.55 25.95
CA ALA A 349 -25.59 -18.87 26.48
C ALA A 349 -26.58 -18.79 27.63
N SER A 350 -26.66 -17.64 28.29
CA SER A 350 -27.55 -17.46 29.43
C SER A 350 -28.90 -16.87 29.02
N CYS A 351 -28.89 -15.78 28.26
CA CYS A 351 -30.10 -15.02 27.99
C CYS A 351 -29.81 -14.03 26.88
N PHE A 352 -30.89 -13.46 26.32
CA PHE A 352 -30.75 -12.47 25.26
C PHE A 352 -32.02 -11.65 25.12
N LEU A 353 -31.85 -10.34 24.97
CA LEU A 353 -32.90 -9.42 24.56
C LEU A 353 -32.41 -8.62 23.37
N GLU A 354 -33.33 -8.20 22.53
CA GLU A 354 -32.96 -7.31 21.43
C GLU A 354 -32.25 -6.09 22.00
N PRO A 355 -31.22 -5.59 21.32
CA PRO A 355 -30.37 -4.55 21.95
C PRO A 355 -31.00 -3.17 21.98
N LEU A 356 -32.28 -3.09 22.34
CA LEU A 356 -32.97 -1.80 22.31
C LEU A 356 -32.40 -0.84 23.34
N GLU A 357 -31.99 -1.35 24.50
CA GLU A 357 -31.43 -0.51 25.56
C GLU A 357 -30.04 -0.99 25.97
N SER A 358 -29.30 -1.59 25.03
CA SER A 358 -27.89 -1.93 25.19
C SER A 358 -27.64 -2.70 26.49
N THR A 359 -28.22 -3.89 26.58
CA THR A 359 -28.11 -4.72 27.77
C THR A 359 -27.13 -5.87 27.61
N GLY A 360 -26.65 -6.14 26.39
CA GLY A 360 -25.78 -7.27 26.14
C GLY A 360 -24.51 -7.31 26.96
N ILE A 361 -23.65 -6.30 26.79
CA ILE A 361 -22.42 -6.24 27.57
C ILE A 361 -22.72 -6.12 29.05
N TYR A 362 -23.80 -5.42 29.40
CA TYR A 362 -24.15 -5.25 30.81
C TYR A 362 -24.55 -6.58 31.45
N PHE A 363 -25.30 -7.41 30.73
CA PHE A 363 -25.70 -8.71 31.30
C PHE A 363 -24.49 -9.59 31.56
N ILE A 364 -23.44 -9.47 30.74
CA ILE A 364 -22.21 -10.21 30.97
C ILE A 364 -21.49 -9.66 32.20
N THR A 365 -21.27 -8.35 32.22
CA THR A 365 -20.63 -7.68 33.35
C THR A 365 -21.32 -8.04 34.66
N ALA A 366 -22.65 -7.97 34.67
CA ALA A 366 -23.40 -8.24 35.90
C ALA A 366 -23.29 -9.69 36.32
N ALA A 367 -23.35 -10.62 35.35
CA ALA A 367 -23.21 -12.03 35.68
C ALA A 367 -21.82 -12.35 36.19
N ILE A 368 -20.79 -11.74 35.60
CA ILE A 368 -19.43 -11.91 36.07
C ILE A 368 -19.31 -11.40 37.51
N TYR A 369 -19.84 -10.21 37.77
CA TYR A 369 -19.77 -9.63 39.10
C TYR A 369 -20.53 -10.49 40.10
N GLN A 370 -21.75 -10.90 39.76
CA GLN A 370 -22.55 -11.71 40.67
C GLN A 370 -21.92 -13.07 40.92
N LEU A 371 -21.18 -13.60 39.95
CA LEU A 371 -20.51 -14.89 40.15
C LEU A 371 -19.44 -14.77 41.23
N THR A 372 -18.63 -13.71 41.19
CA THR A 372 -17.63 -13.52 42.25
C THR A 372 -18.29 -13.26 43.60
N GLN A 373 -19.46 -12.61 43.61
CA GLN A 373 -20.17 -12.40 44.87
C GLN A 373 -20.70 -13.70 45.46
N HIS A 374 -21.09 -14.66 44.61
CA HIS A 374 -21.60 -15.95 45.05
C HIS A 374 -20.65 -17.09 44.69
N PHE A 375 -19.36 -16.81 44.65
CA PHE A 375 -18.40 -17.80 44.16
C PHE A 375 -18.40 -19.02 45.06
N PRO A 376 -18.38 -20.22 44.49
CA PRO A 376 -18.53 -21.42 45.30
C PRO A 376 -17.20 -22.03 45.71
N ASP A 377 -17.26 -23.08 46.52
CA ASP A 377 -16.18 -24.02 46.69
C ASP A 377 -16.61 -25.36 46.10
N ARG A 378 -15.78 -26.39 46.26
CA ARG A 378 -16.08 -27.69 45.67
C ARG A 378 -17.30 -28.38 46.28
N THR A 379 -17.84 -27.86 47.38
CA THR A 379 -19.10 -28.39 47.89
C THR A 379 -20.31 -27.83 47.14
N PHE A 380 -20.15 -26.67 46.51
CA PHE A 380 -21.22 -26.04 45.71
C PHE A 380 -22.52 -25.94 46.52
N ALA A 381 -22.46 -25.18 47.60
CA ALA A 381 -23.62 -24.96 48.44
C ALA A 381 -24.77 -24.40 47.60
N LEU A 382 -25.95 -24.99 47.75
CA LEU A 382 -27.07 -24.63 46.88
C LEU A 382 -27.50 -23.18 47.06
N ALA A 383 -27.30 -22.61 48.26
CA ALA A 383 -27.73 -21.23 48.50
C ALA A 383 -26.99 -20.25 47.59
N LEU A 384 -25.73 -20.56 47.25
CA LEU A 384 -24.95 -19.65 46.41
C LEU A 384 -25.54 -19.58 45.00
N SER A 385 -25.82 -20.73 44.38
CA SER A 385 -26.32 -20.73 43.02
C SER A 385 -27.79 -20.32 42.97
N ASP A 386 -28.57 -20.68 43.99
CA ASP A 386 -29.95 -20.20 44.06
C ASP A 386 -30.00 -18.67 44.12
N ALA A 387 -29.15 -18.07 44.96
CA ALA A 387 -29.11 -16.61 45.04
C ALA A 387 -28.61 -16.00 43.74
N PHE A 388 -27.60 -16.62 43.11
CA PHE A 388 -27.11 -16.14 41.83
C PHE A 388 -28.21 -16.19 40.78
N ASN A 389 -28.91 -17.31 40.69
CA ASN A 389 -29.98 -17.45 39.70
C ASN A 389 -31.08 -16.42 39.92
N HIS A 390 -31.38 -16.11 41.19
CA HIS A 390 -32.42 -15.13 41.49
C HIS A 390 -32.04 -13.76 40.95
N GLU A 391 -30.81 -13.31 41.23
CA GLU A 391 -30.39 -11.99 40.79
C GLU A 391 -30.36 -11.90 39.26
N ILE A 392 -29.85 -12.94 38.59
CA ILE A 392 -29.82 -12.94 37.14
C ILE A 392 -31.23 -12.92 36.57
N GLU A 393 -32.11 -13.76 37.14
CA GLU A 393 -33.49 -13.82 36.65
C GLU A 393 -34.20 -12.48 36.83
N ALA A 394 -34.05 -11.86 38.00
CA ALA A 394 -34.72 -10.59 38.26
C ALA A 394 -34.16 -9.48 37.38
N MET A 395 -32.85 -9.48 37.16
CA MET A 395 -32.22 -8.49 36.28
C MET A 395 -32.78 -8.58 34.87
N PHE A 396 -32.87 -9.80 34.34
CA PHE A 396 -33.35 -9.99 32.97
C PHE A 396 -34.83 -9.64 32.84
N ASP A 397 -35.66 -10.17 33.74
CA ASP A 397 -37.10 -9.98 33.63
C ASP A 397 -37.49 -8.52 33.78
N ASP A 398 -36.75 -7.77 34.60
CA ASP A 398 -37.06 -6.35 34.77
C ASP A 398 -36.74 -5.57 33.50
N THR A 399 -35.62 -5.87 32.85
CA THR A 399 -35.30 -5.21 31.60
C THR A 399 -36.19 -5.69 30.47
N ARG A 400 -36.53 -6.99 30.46
CA ARG A 400 -37.47 -7.51 29.47
C ARG A 400 -38.78 -6.73 29.49
N ASP A 401 -39.37 -6.55 30.67
CA ASP A 401 -40.60 -5.79 30.79
C ASP A 401 -40.40 -4.34 30.36
N PHE A 402 -39.28 -3.74 30.75
CA PHE A 402 -39.00 -2.37 30.35
C PHE A 402 -38.92 -2.24 28.83
N ILE A 403 -38.28 -3.20 28.17
CA ILE A 403 -38.21 -3.18 26.71
C ILE A 403 -39.60 -3.27 26.11
N GLN A 404 -40.43 -4.19 26.62
CA GLN A 404 -41.77 -4.37 26.04
C GLN A 404 -42.58 -3.08 26.12
N ALA A 405 -42.41 -2.31 27.21
CA ALA A 405 -43.16 -1.07 27.36
C ALA A 405 -42.83 -0.05 26.29
N HIS A 406 -41.66 -0.14 25.65
CA HIS A 406 -41.37 0.73 24.51
C HIS A 406 -42.38 0.49 23.39
N PHE A 407 -42.63 -0.76 23.04
CA PHE A 407 -43.59 -1.07 21.98
C PHE A 407 -45.03 -0.90 22.43
N TYR A 408 -45.31 -1.20 23.70
CA TYR A 408 -46.68 -1.12 24.21
C TYR A 408 -47.15 0.32 24.33
N VAL A 409 -46.29 1.20 24.84
CA VAL A 409 -46.67 2.60 25.05
C VAL A 409 -46.55 3.42 23.78
N SER A 410 -45.77 2.98 22.79
CA SER A 410 -45.73 3.65 21.51
C SER A 410 -47.14 3.79 20.95
N PRO A 411 -47.53 4.97 20.46
CA PRO A 411 -48.89 5.14 19.95
C PRO A 411 -49.08 4.64 18.52
N ARG A 412 -48.05 4.12 17.89
CA ARG A 412 -48.16 3.67 16.50
C ARG A 412 -49.07 2.46 16.41
N THR A 413 -49.98 2.48 15.42
CA THR A 413 -50.82 1.34 15.09
C THR A 413 -50.89 1.13 13.58
N ASP A 414 -49.93 1.68 12.84
CA ASP A 414 -50.06 1.80 11.39
C ASP A 414 -49.71 0.53 10.64
N THR A 415 -48.95 -0.39 11.23
CA THR A 415 -48.67 -1.67 10.60
C THR A 415 -49.13 -2.80 11.52
N PRO A 416 -49.28 -4.02 10.99
CA PRO A 416 -49.67 -5.13 11.86
C PRO A 416 -48.71 -5.36 13.02
N PHE A 417 -47.43 -5.03 12.86
CA PHE A 417 -46.47 -5.20 13.95
C PHE A 417 -46.78 -4.26 15.11
N TRP A 418 -46.92 -2.97 14.82
CA TRP A 418 -47.13 -1.99 15.89
C TRP A 418 -48.49 -2.18 16.57
N LYS A 419 -49.50 -2.60 15.81
CA LYS A 419 -50.80 -2.87 16.41
C LYS A 419 -50.76 -4.12 17.27
N ALA A 420 -50.04 -5.16 16.81
CA ALA A 420 -49.99 -6.41 17.57
C ALA A 420 -49.33 -6.23 18.92
N ASN A 421 -48.39 -5.29 19.03
CA ASN A 421 -47.75 -5.06 20.32
C ASN A 421 -48.73 -4.60 21.37
N LYS A 422 -49.80 -3.90 20.97
CA LYS A 422 -50.83 -3.45 21.89
C LYS A 422 -51.76 -4.56 22.36
N ASP A 423 -51.77 -5.71 21.67
CA ASP A 423 -52.63 -6.84 22.04
C ASP A 423 -51.94 -7.82 22.97
N LEU A 424 -50.63 -7.69 23.17
CA LEU A 424 -49.93 -8.60 24.05
C LEU A 424 -50.27 -8.31 25.50
N HIS A 425 -50.12 -9.34 26.33
CA HIS A 425 -50.38 -9.19 27.76
C HIS A 425 -49.34 -8.29 28.39
N LEU A 426 -49.80 -7.29 29.15
CA LEU A 426 -48.87 -6.45 29.90
C LEU A 426 -48.67 -7.04 31.30
N PRO A 427 -47.44 -7.28 31.73
CA PRO A 427 -47.22 -7.80 33.08
C PRO A 427 -47.75 -6.83 34.13
N GLU A 428 -48.26 -7.41 35.23
CA GLU A 428 -48.95 -6.61 36.24
C GLU A 428 -48.05 -5.53 36.84
N GLN A 429 -46.77 -5.85 37.04
CA GLN A 429 -45.87 -4.85 37.62
C GLN A 429 -45.68 -3.66 36.69
N MET A 430 -45.71 -3.88 35.37
CA MET A 430 -45.57 -2.77 34.43
C MET A 430 -46.88 -1.98 34.33
N ARG A 431 -48.01 -2.68 34.41
CA ARG A 431 -49.30 -2.00 34.50
C ARG A 431 -49.36 -1.12 35.73
N GLU A 432 -48.87 -1.64 36.87
CA GLU A 432 -48.82 -0.86 38.09
C GLU A 432 -47.97 0.40 37.91
N LYS A 433 -46.82 0.26 37.23
CA LYS A 433 -45.95 1.40 37.04
C LYS A 433 -46.60 2.46 36.15
N ILE A 434 -47.24 2.03 35.05
CA ILE A 434 -47.94 2.99 34.19
C ILE A 434 -49.03 3.71 34.97
N ALA A 435 -49.74 2.98 35.84
CA ALA A 435 -50.80 3.60 36.64
C ALA A 435 -50.21 4.62 37.62
N MET A 436 -49.10 4.27 38.28
CA MET A 436 -48.44 5.21 39.17
C MET A 436 -47.93 6.43 38.42
N TYR A 437 -47.38 6.21 37.22
CA TYR A 437 -46.91 7.33 36.40
C TYR A 437 -48.06 8.26 36.02
N LYS A 438 -49.22 7.70 35.70
CA LYS A 438 -50.35 8.52 35.31
C LYS A 438 -50.94 9.28 36.48
N ALA A 439 -50.78 8.77 37.70
CA ALA A 439 -51.24 9.46 38.89
C ALA A 439 -50.23 10.47 39.41
N GLY A 440 -49.09 10.61 38.75
CA GLY A 440 -48.11 11.61 39.10
C GLY A 440 -46.97 11.12 39.97
N LEU A 441 -46.94 9.84 40.33
CA LEU A 441 -45.92 9.33 41.23
C LEU A 441 -44.61 9.09 40.50
N PRO A 442 -43.48 9.26 41.20
CA PRO A 442 -42.21 8.78 40.65
C PRO A 442 -42.18 7.26 40.65
N ILE A 443 -41.39 6.73 39.72
CA ILE A 443 -41.17 5.28 39.59
C ILE A 443 -39.70 5.03 39.87
N ASN A 444 -39.40 4.25 40.91
CA ASN A 444 -38.03 3.86 41.21
C ASN A 444 -37.13 5.10 41.33
N ALA A 445 -37.58 6.08 42.09
CA ALA A 445 -36.82 7.31 42.25
C ALA A 445 -35.46 6.99 42.86
N PRO A 446 -34.39 7.61 42.37
CA PRO A 446 -33.08 7.39 42.98
C PRO A 446 -32.98 8.14 44.30
N VAL A 447 -32.32 7.52 45.27
CA VAL A 447 -32.17 8.10 46.60
C VAL A 447 -30.73 8.42 46.93
N THR A 448 -29.81 8.22 46.00
CA THR A 448 -28.41 8.57 46.20
C THR A 448 -27.95 9.49 45.08
N ASP A 449 -26.84 10.18 45.32
CA ASP A 449 -26.26 10.96 44.25
C ASP A 449 -25.58 10.05 43.23
N GLU A 450 -25.11 10.65 42.14
CA GLU A 450 -24.51 9.86 41.06
C GLU A 450 -23.25 9.15 41.51
N SER A 451 -22.48 9.76 42.42
CA SER A 451 -21.20 9.18 42.82
C SER A 451 -21.39 7.85 43.53
N THR A 452 -22.41 7.75 44.38
CA THR A 452 -22.72 6.45 44.99
C THR A 452 -23.32 5.49 43.96
N TYR A 453 -24.23 5.99 43.12
CA TYR A 453 -24.91 5.16 42.14
C TYR A 453 -23.93 4.54 41.16
N TYR A 454 -23.03 5.34 40.61
CA TYR A 454 -22.03 4.86 39.67
C TYR A 454 -20.75 4.39 40.35
N GLY A 455 -20.58 4.67 41.63
CA GLY A 455 -19.41 4.19 42.34
C GLY A 455 -19.55 2.77 42.85
N ARG A 456 -20.76 2.37 43.22
CA ARG A 456 -21.02 1.04 43.76
C ARG A 456 -21.97 0.31 42.83
N PHE A 457 -21.50 -0.79 42.23
CA PHE A 457 -22.32 -1.53 41.26
C PHE A 457 -23.58 -2.06 41.90
N GLU A 458 -23.52 -2.47 43.17
CA GLU A 458 -24.70 -2.96 43.87
C GLU A 458 -25.76 -1.87 44.01
N ALA A 459 -25.33 -0.61 44.12
CA ALA A 459 -26.29 0.49 44.16
C ALA A 459 -27.11 0.53 42.88
N GLU A 460 -26.44 0.51 41.73
CA GLU A 460 -27.18 0.59 40.48
C GLU A 460 -28.00 -0.68 40.25
N PHE A 461 -27.41 -1.83 40.55
CA PHE A 461 -28.05 -3.11 40.27
C PHE A 461 -29.39 -3.25 40.97
N ARG A 462 -29.52 -2.66 42.17
CA ARG A 462 -30.78 -2.70 42.90
C ARG A 462 -31.80 -1.67 42.42
N ASN A 463 -31.41 -0.76 41.51
CA ASN A 463 -32.30 0.26 40.97
C ASN A 463 -31.77 0.67 39.59
N PHE A 464 -31.87 -0.26 38.63
CA PHE A 464 -31.20 -0.04 37.35
C PHE A 464 -31.96 0.94 36.46
N TRP A 465 -33.28 0.77 36.34
CA TRP A 465 -34.11 1.70 35.59
C TRP A 465 -34.77 2.65 36.58
N THR A 466 -34.20 3.85 36.73
CA THR A 466 -34.69 4.82 37.69
C THR A 466 -35.84 5.63 37.10
N ASN A 467 -36.31 6.60 37.89
CA ASN A 467 -37.43 7.44 37.47
C ASN A 467 -37.13 8.21 36.20
N GLY A 468 -35.90 8.71 36.07
CA GLY A 468 -35.54 9.43 34.86
C GLY A 468 -35.72 8.60 33.60
N SER A 469 -35.41 7.30 33.69
CA SER A 469 -35.50 6.44 32.51
C SER A 469 -36.94 6.12 32.15
N TYR A 470 -37.81 5.94 33.15
CA TYR A 470 -39.22 5.72 32.84
C TYR A 470 -39.86 6.97 32.27
N TYR A 471 -39.44 8.15 32.72
CA TYR A 471 -39.92 9.39 32.12
C TYR A 471 -39.37 9.57 30.71
N CYS A 472 -38.08 9.26 30.51
CA CYS A 472 -37.50 9.34 29.18
C CYS A 472 -38.32 8.59 28.15
N ILE A 473 -38.75 7.37 28.50
CA ILE A 473 -39.46 6.52 27.55
C ILE A 473 -40.93 6.91 27.47
N PHE A 474 -41.60 7.00 28.63
CA PHE A 474 -43.03 7.27 28.65
C PHE A 474 -43.33 8.65 28.06
N ALA A 475 -42.63 9.68 28.52
CA ALA A 475 -42.86 11.02 28.00
C ALA A 475 -42.34 11.15 26.57
N GLY A 476 -41.23 10.48 26.26
CA GLY A 476 -40.73 10.49 24.90
C GLY A 476 -41.72 9.89 23.92
N LEU A 477 -42.45 8.86 24.34
CA LEU A 477 -43.47 8.26 23.50
C LEU A 477 -44.80 8.99 23.54
N GLY A 478 -44.87 10.12 24.26
CA GLY A 478 -46.07 10.93 24.30
C GLY A 478 -47.00 10.64 25.46
N LEU A 479 -46.65 9.73 26.36
CA LEU A 479 -47.48 9.42 27.51
C LEU A 479 -47.16 10.37 28.66
N ARG A 480 -48.18 11.03 29.17
CA ARG A 480 -48.03 12.04 30.21
C ARG A 480 -49.02 11.77 31.33
N PRO A 481 -48.67 12.10 32.57
CA PRO A 481 -49.60 11.83 33.68
C PRO A 481 -50.91 12.58 33.53
N ASP A 482 -51.96 12.00 34.09
CA ASP A 482 -53.28 12.64 34.08
C ASP A 482 -53.29 13.95 34.84
N ASN A 483 -52.39 14.12 35.80
CA ASN A 483 -52.28 15.31 36.62
C ASN A 483 -50.92 15.29 37.30
N PRO A 484 -50.39 16.45 37.68
CA PRO A 484 -49.12 16.46 38.41
C PRO A 484 -49.28 15.83 39.79
N LEU A 485 -48.13 15.54 40.41
CA LEU A 485 -48.08 15.02 41.76
C LEU A 485 -48.93 15.89 42.70
N PRO A 486 -49.98 15.33 43.31
CA PRO A 486 -50.93 16.17 44.06
C PRO A 486 -50.30 16.98 45.19
N MET A 487 -49.20 16.50 45.78
CA MET A 487 -48.54 17.27 46.84
C MET A 487 -48.02 18.59 46.32
N LEU A 488 -47.68 18.66 45.02
CA LEU A 488 -47.11 19.89 44.46
C LEU A 488 -48.10 21.04 44.51
N ARG A 489 -49.40 20.75 44.42
CA ARG A 489 -50.40 21.80 44.52
C ARG A 489 -50.53 22.34 45.94
N HIS A 490 -49.92 21.70 46.92
CA HIS A 490 -49.85 22.21 48.28
C HIS A 490 -48.54 22.94 48.58
N ARG A 491 -47.60 22.93 47.64
CA ARG A 491 -46.27 23.52 47.84
C ARG A 491 -45.93 24.47 46.71
N PRO A 492 -46.71 25.55 46.53
CA PRO A 492 -46.43 26.46 45.41
C PRO A 492 -45.08 27.14 45.50
N GLU A 493 -44.61 27.43 46.72
CA GLU A 493 -43.28 28.04 46.87
C GLU A 493 -42.18 27.09 46.42
N GLN A 494 -42.33 25.78 46.64
CA GLN A 494 -41.33 24.85 46.14
C GLN A 494 -41.36 24.77 44.62
N VAL A 495 -42.53 24.93 44.01
CA VAL A 495 -42.62 24.96 42.56
C VAL A 495 -41.91 26.19 42.01
N ARG A 496 -42.10 27.35 42.65
CA ARG A 496 -41.41 28.56 42.22
C ARG A 496 -39.90 28.41 42.32
N GLU A 497 -39.43 27.84 43.44
CA GLU A 497 -38.00 27.66 43.64
C GLU A 497 -37.40 26.65 42.67
N ALA A 498 -38.17 25.62 42.30
CA ALA A 498 -37.65 24.56 41.45
C ALA A 498 -37.34 25.04 40.04
N GLN A 499 -37.93 26.16 39.60
CA GLN A 499 -37.73 26.63 38.25
C GLN A 499 -36.29 27.03 37.97
N ALA A 500 -35.52 27.37 39.02
CA ALA A 500 -34.10 27.66 38.83
C ALA A 500 -33.36 26.47 38.22
N LEU A 501 -33.84 25.26 38.47
CA LEU A 501 -33.19 24.08 37.91
C LEU A 501 -33.35 24.02 36.40
N PHE A 502 -34.51 24.40 35.89
CA PHE A 502 -34.69 24.45 34.44
C PHE A 502 -33.79 25.50 33.81
N ALA A 503 -33.56 26.62 34.51
CA ALA A 503 -32.61 27.61 34.02
C ALA A 503 -31.18 27.09 34.08
N GLY A 504 -30.86 26.30 35.10
CA GLY A 504 -29.54 25.70 35.17
C GLY A 504 -29.28 24.72 34.05
N VAL A 505 -30.31 23.96 33.65
CA VAL A 505 -30.16 23.09 32.50
C VAL A 505 -29.98 23.90 31.22
N LYS A 506 -30.74 24.98 31.06
CA LYS A 506 -30.59 25.82 29.88
C LYS A 506 -29.20 26.42 29.81
N ASP A 507 -28.69 26.90 30.95
CA ASP A 507 -27.33 27.45 30.98
C ASP A 507 -26.31 26.38 30.57
N LYS A 508 -26.40 25.19 31.16
CA LYS A 508 -25.46 24.13 30.83
C LYS A 508 -25.60 23.72 29.37
N GLN A 509 -26.81 23.77 28.81
CA GLN A 509 -27.00 23.44 27.41
C GLN A 509 -26.18 24.36 26.51
N ARG A 510 -26.23 25.66 26.77
CA ARG A 510 -25.45 26.60 25.95
C ARG A 510 -23.95 26.46 26.21
N GLU A 511 -23.57 26.22 27.47
CA GLU A 511 -22.15 26.10 27.80
C GLU A 511 -21.51 24.92 27.09
N LEU A 512 -22.18 23.76 27.10
CA LEU A 512 -21.61 22.57 26.47
C LEU A 512 -21.56 22.71 24.95
N VAL A 513 -22.63 23.24 24.34
CA VAL A 513 -22.64 23.42 22.89
C VAL A 513 -21.54 24.37 22.45
N GLU A 514 -21.25 25.40 23.26
CA GLU A 514 -20.33 26.44 22.86
C GLU A 514 -18.87 26.16 23.23
N THR A 515 -18.61 25.33 24.24
CA THR A 515 -17.23 25.07 24.68
C THR A 515 -16.78 23.62 24.52
N LEU A 516 -17.69 22.66 24.35
CA LEU A 516 -17.23 21.28 24.20
C LEU A 516 -16.68 21.05 22.80
N PRO A 517 -15.66 20.20 22.67
CA PRO A 517 -15.20 19.80 21.34
C PRO A 517 -16.19 18.83 20.70
N SER A 518 -16.06 18.66 19.39
CA SER A 518 -16.90 17.71 18.70
C SER A 518 -16.49 16.29 19.07
N ASN A 519 -17.46 15.36 18.92
CA ASN A 519 -17.16 13.95 19.09
C ASN A 519 -16.06 13.51 18.13
N LEU A 520 -16.11 14.00 16.89
CA LEU A 520 -15.08 13.65 15.90
C LEU A 520 -13.70 14.11 16.35
N GLU A 521 -13.59 15.33 16.88
CA GLU A 521 -12.29 15.85 17.30
C GLU A 521 -11.66 14.97 18.37
N PHE A 522 -12.45 14.60 19.39
CA PHE A 522 -11.91 13.76 20.46
C PHE A 522 -11.50 12.39 19.93
N LEU A 523 -12.31 11.81 19.05
CA LEU A 523 -12.00 10.48 18.52
C LEU A 523 -10.69 10.50 17.73
N ARG A 524 -10.44 11.57 16.97
CA ARG A 524 -9.19 11.64 16.23
C ARG A 524 -8.01 11.93 17.15
N SER A 525 -8.26 12.64 18.26
CA SER A 525 -7.22 12.78 19.27
C SER A 525 -6.93 11.46 19.97
N LEU A 526 -7.96 10.63 20.15
CA LEU A 526 -7.81 9.36 20.83
C LEU A 526 -7.23 8.29 19.92
N HIS A 527 -7.70 8.22 18.68
CA HIS A 527 -7.23 7.20 17.74
C HIS A 527 -6.11 7.71 16.84
N ASP B 2 -38.43 -43.21 -9.13
CA ASP B 2 -37.02 -42.91 -9.34
C ASP B 2 -36.16 -43.45 -8.19
N ASN B 3 -35.11 -44.18 -8.55
CA ASN B 3 -34.19 -44.76 -7.58
C ASN B 3 -32.89 -43.98 -7.43
N ARG B 4 -32.65 -42.99 -8.29
CA ARG B 4 -31.39 -42.26 -8.26
C ARG B 4 -31.22 -41.50 -6.95
N ILE B 5 -29.97 -41.31 -6.56
CA ILE B 5 -29.65 -40.31 -5.55
C ILE B 5 -30.05 -38.95 -6.09
N ASN B 6 -30.67 -38.13 -5.23
CA ASN B 6 -30.99 -36.76 -5.61
C ASN B 6 -30.42 -35.71 -4.67
N ARG B 7 -29.98 -36.09 -3.47
CA ARG B 7 -29.42 -35.15 -2.52
C ARG B 7 -28.13 -35.72 -1.95
N ILE B 8 -27.04 -34.97 -2.07
CA ILE B 8 -25.76 -35.29 -1.46
C ILE B 8 -25.39 -34.17 -0.51
N VAL B 9 -24.84 -34.54 0.65
CA VAL B 9 -24.43 -33.57 1.68
C VAL B 9 -22.99 -33.87 2.03
N ILE B 10 -22.13 -32.87 1.92
CA ILE B 10 -20.70 -33.00 2.19
C ILE B 10 -20.38 -32.25 3.47
N LEU B 11 -19.71 -32.92 4.39
CA LEU B 11 -19.26 -32.32 5.65
C LEU B 11 -17.76 -32.03 5.53
N GLY B 12 -17.40 -30.77 5.58
CA GLY B 12 -16.00 -30.38 5.46
C GLY B 12 -15.73 -29.48 4.28
N GLY B 13 -15.15 -28.32 4.54
CA GLY B 13 -14.89 -27.37 3.48
C GLY B 13 -13.41 -27.11 3.27
N GLY B 14 -12.61 -28.16 3.35
CA GLY B 14 -11.20 -28.10 3.05
C GLY B 14 -10.93 -28.40 1.60
N THR B 15 -9.76 -28.96 1.33
CA THR B 15 -9.42 -29.34 -0.04
C THR B 15 -10.25 -30.54 -0.48
N ALA B 16 -10.38 -31.54 0.39
CA ALA B 16 -11.19 -32.71 0.03
C ALA B 16 -12.64 -32.34 -0.19
N GLY B 17 -13.17 -31.42 0.63
CA GLY B 17 -14.58 -31.10 0.56
C GLY B 17 -14.95 -30.42 -0.75
N TRP B 18 -14.14 -29.44 -1.18
CA TRP B 18 -14.46 -28.69 -2.39
C TRP B 18 -13.94 -29.34 -3.66
N MET B 19 -12.98 -30.27 -3.58
CA MET B 19 -12.72 -31.11 -4.74
C MET B 19 -13.87 -32.10 -4.95
N THR B 20 -14.39 -32.66 -3.86
CA THR B 20 -15.55 -33.55 -3.97
C THR B 20 -16.75 -32.78 -4.51
N ALA B 21 -17.04 -31.62 -3.93
CA ALA B 21 -18.21 -30.84 -4.34
C ALA B 21 -18.14 -30.47 -5.82
N SER B 22 -17.01 -29.89 -6.24
CA SER B 22 -16.89 -29.44 -7.62
C SER B 22 -16.94 -30.61 -8.59
N TYR B 23 -16.19 -31.68 -8.32
CA TYR B 23 -16.17 -32.83 -9.21
C TYR B 23 -17.55 -33.48 -9.32
N LEU B 24 -18.19 -33.73 -8.18
CA LEU B 24 -19.50 -34.39 -8.21
C LEU B 24 -20.54 -33.52 -8.87
N ALA B 25 -20.52 -32.21 -8.60
CA ALA B 25 -21.49 -31.30 -9.22
C ALA B 25 -21.34 -31.30 -10.73
N LYS B 26 -20.11 -31.30 -11.23
CA LYS B 26 -19.91 -31.33 -12.68
C LYS B 26 -20.27 -32.69 -13.25
N ALA B 27 -20.12 -33.76 -12.47
CA ALA B 27 -20.45 -35.09 -12.95
C ALA B 27 -21.96 -35.30 -13.00
N LEU B 28 -22.68 -34.86 -11.97
CA LEU B 28 -24.11 -35.15 -11.85
C LEU B 28 -25.01 -34.05 -12.39
N GLY B 29 -24.53 -32.81 -12.47
CA GLY B 29 -25.34 -31.75 -13.05
C GLY B 29 -26.62 -31.48 -12.28
N ASP B 30 -27.69 -31.18 -13.01
CA ASP B 30 -28.97 -30.84 -12.41
C ASP B 30 -29.69 -32.02 -11.77
N THR B 31 -29.19 -33.25 -11.98
CA THR B 31 -29.89 -34.42 -11.48
C THR B 31 -29.74 -34.60 -9.97
N VAL B 32 -28.92 -33.79 -9.31
CA VAL B 32 -28.61 -33.99 -7.89
C VAL B 32 -28.40 -32.63 -7.24
N THR B 33 -28.90 -32.47 -6.02
CA THR B 33 -28.59 -31.29 -5.21
C THR B 33 -27.44 -31.63 -4.27
N ILE B 34 -26.42 -30.77 -4.27
CA ILE B 34 -25.24 -30.95 -3.42
C ILE B 34 -25.11 -29.74 -2.52
N THR B 35 -25.03 -29.99 -1.22
CA THR B 35 -24.86 -28.95 -0.21
C THR B 35 -23.68 -29.32 0.67
N LEU B 36 -22.83 -28.35 0.98
CA LEU B 36 -21.62 -28.58 1.76
C LEU B 36 -21.72 -27.81 3.07
N LEU B 37 -21.58 -28.53 4.18
CA LEU B 37 -21.59 -27.96 5.52
C LEU B 37 -20.15 -27.81 6.00
N GLU B 38 -19.73 -26.58 6.27
CA GLU B 38 -18.36 -26.31 6.69
C GLU B 38 -18.23 -26.29 8.21
N ALA B 39 -17.38 -25.41 8.73
CA ALA B 39 -17.18 -25.25 10.16
C ALA B 39 -16.52 -23.90 10.46
N ILE B 45 -1.08 -21.32 9.01
CA ILE B 45 -0.05 -20.98 8.04
C ILE B 45 -0.05 -21.95 6.87
N GLY B 46 0.06 -21.41 5.66
CA GLY B 46 0.09 -22.20 4.45
C GLY B 46 1.45 -22.80 4.19
N VAL B 47 1.62 -24.07 4.56
CA VAL B 47 2.91 -24.74 4.51
C VAL B 47 3.12 -25.50 3.20
N GLY B 48 2.26 -25.30 2.21
CA GLY B 48 2.50 -25.85 0.89
C GLY B 48 2.11 -27.31 0.73
N GLU B 49 1.76 -27.70 -0.50
CA GLU B 49 1.39 -29.08 -0.79
C GLU B 49 1.84 -29.44 -2.20
N ALA B 50 2.24 -30.69 -2.38
CA ALA B 50 2.73 -31.20 -3.65
C ALA B 50 1.73 -32.18 -4.25
N THR B 51 1.87 -32.42 -5.56
CA THR B 51 0.90 -33.20 -6.32
C THR B 51 1.62 -34.09 -7.32
N VAL B 52 0.83 -34.86 -8.07
CA VAL B 52 1.32 -35.75 -9.11
C VAL B 52 0.70 -35.32 -10.43
N PRO B 53 1.28 -35.72 -11.57
CA PRO B 53 0.83 -35.17 -12.86
C PRO B 53 -0.62 -35.49 -13.22
N ASN B 54 -1.24 -36.52 -12.66
CA ASN B 54 -2.59 -36.84 -13.09
C ASN B 54 -3.63 -35.83 -12.62
N LEU B 55 -3.23 -34.87 -11.78
CA LEU B 55 -4.21 -33.95 -11.19
C LEU B 55 -4.88 -33.10 -12.26
N GLN B 56 -4.11 -32.61 -13.23
CA GLN B 56 -4.70 -31.78 -14.28
C GLN B 56 -5.64 -32.59 -15.15
N ARG B 57 -5.20 -33.78 -15.56
CA ARG B 57 -5.98 -34.58 -16.49
C ARG B 57 -7.24 -35.14 -15.85
N VAL B 58 -7.13 -35.63 -14.62
CA VAL B 58 -8.28 -36.27 -13.98
C VAL B 58 -9.21 -35.23 -13.37
N PHE B 59 -8.66 -34.20 -12.73
CA PHE B 59 -9.50 -33.28 -11.96
C PHE B 59 -9.78 -31.98 -12.70
N PHE B 60 -8.74 -31.15 -12.92
CA PHE B 60 -8.97 -29.81 -13.45
C PHE B 60 -9.49 -29.84 -14.89
N ASP B 61 -9.09 -30.83 -15.69
CA ASP B 61 -9.63 -30.92 -17.04
C ASP B 61 -11.08 -31.38 -17.03
N PHE B 62 -11.47 -32.21 -16.04
CA PHE B 62 -12.87 -32.60 -15.90
C PHE B 62 -13.76 -31.40 -15.62
N LEU B 63 -13.22 -30.40 -14.93
CA LEU B 63 -13.93 -29.15 -14.68
C LEU B 63 -13.74 -28.13 -15.78
N GLY B 64 -12.85 -28.38 -16.74
CA GLY B 64 -12.59 -27.42 -17.80
C GLY B 64 -11.68 -26.28 -17.40
N LEU B 65 -10.93 -26.43 -16.31
CA LEU B 65 -10.07 -25.37 -15.81
C LEU B 65 -8.63 -25.64 -16.26
N ARG B 66 -8.09 -24.74 -17.08
CA ARG B 66 -6.71 -24.87 -17.52
C ARG B 66 -5.76 -24.28 -16.49
N GLU B 67 -4.49 -24.69 -16.58
CA GLU B 67 -3.47 -24.22 -15.64
C GLU B 67 -3.35 -22.70 -15.68
N GLU B 68 -3.50 -22.11 -16.87
CA GLU B 68 -3.38 -20.66 -17.01
C GLU B 68 -4.41 -19.92 -16.17
N GLU B 69 -5.48 -20.59 -15.75
CA GLU B 69 -6.51 -19.98 -14.91
C GLU B 69 -6.31 -20.26 -13.43
N TRP B 70 -6.18 -21.54 -13.03
CA TRP B 70 -6.21 -21.86 -11.62
C TRP B 70 -4.86 -21.64 -10.95
N MET B 71 -3.75 -21.73 -11.70
CA MET B 71 -2.45 -21.64 -11.04
C MET B 71 -2.19 -20.23 -10.49
N PRO B 72 -2.44 -19.14 -11.24
CA PRO B 72 -2.17 -17.80 -10.67
C PRO B 72 -3.04 -17.45 -9.49
N GLU B 73 -4.19 -18.09 -9.30
CA GLU B 73 -5.08 -17.78 -8.20
C GLU B 73 -4.76 -18.57 -6.95
N CYS B 74 -3.91 -19.59 -7.03
CA CYS B 74 -3.53 -20.41 -5.90
CA CYS B 74 -3.53 -20.38 -5.86
C CYS B 74 -2.02 -20.39 -5.65
N ASN B 75 -1.29 -19.47 -6.29
CA ASN B 75 0.15 -19.32 -6.09
C ASN B 75 0.91 -20.59 -6.43
N ALA B 76 0.51 -21.25 -7.52
CA ALA B 76 1.04 -22.57 -7.83
C ALA B 76 2.38 -22.48 -8.57
N ALA B 77 3.24 -23.46 -8.30
CA ALA B 77 4.54 -23.59 -8.93
C ALA B 77 4.68 -25.01 -9.49
N PHE B 78 5.86 -25.31 -10.03
CA PHE B 78 6.07 -26.56 -10.77
C PHE B 78 6.91 -27.55 -9.97
N LYS B 79 6.61 -28.83 -10.17
CA LYS B 79 7.29 -29.93 -9.50
C LYS B 79 7.70 -30.96 -10.55
N THR B 80 9.01 -31.14 -10.72
CA THR B 80 9.54 -32.14 -11.65
C THR B 80 9.87 -33.47 -10.98
N ALA B 81 10.10 -33.46 -9.67
CA ALA B 81 10.44 -34.67 -8.93
C ALA B 81 10.35 -34.34 -7.44
N VAL B 82 10.65 -35.35 -6.62
CA VAL B 82 11.10 -35.15 -5.25
C VAL B 82 12.59 -35.43 -5.19
N LYS B 83 13.31 -34.61 -4.43
CA LYS B 83 14.74 -34.73 -4.26
C LYS B 83 15.01 -35.15 -2.82
N PHE B 84 15.60 -36.34 -2.66
CA PHE B 84 15.90 -36.87 -1.34
C PHE B 84 17.32 -36.48 -0.96
N ILE B 85 17.47 -35.84 0.19
CA ILE B 85 18.74 -35.25 0.63
C ILE B 85 19.17 -35.92 1.92
N ASN B 86 20.40 -36.44 1.94
CA ASN B 86 21.08 -36.95 3.13
C ASN B 86 20.45 -38.22 3.68
N TRP B 87 19.85 -39.04 2.81
CA TRP B 87 19.26 -40.29 3.25
C TRP B 87 20.26 -41.44 3.34
N ARG B 88 21.50 -41.22 2.91
CA ARG B 88 22.53 -42.25 3.00
C ARG B 88 23.65 -41.93 3.98
N THR B 89 23.78 -40.68 4.41
CA THR B 89 24.90 -40.28 5.24
C THR B 89 24.43 -39.84 6.62
N PRO B 90 25.20 -40.13 7.66
CA PRO B 90 24.82 -39.72 9.01
C PRO B 90 25.10 -38.25 9.26
N GLY B 91 24.39 -37.70 10.25
CA GLY B 91 24.67 -36.36 10.69
C GLY B 91 23.45 -35.54 11.04
N PRO B 92 23.61 -34.22 11.06
CA PRO B 92 22.53 -33.35 11.54
C PRO B 92 21.45 -33.16 10.48
N GLY B 93 20.31 -32.67 10.93
CA GLY B 93 19.30 -32.20 10.01
C GLY B 93 19.69 -30.88 9.40
N GLU B 94 20.24 -30.93 8.19
CA GLU B 94 20.71 -29.74 7.50
C GLU B 94 20.17 -29.74 6.07
N ALA B 95 19.97 -28.54 5.53
CA ALA B 95 19.34 -28.38 4.24
C ALA B 95 20.25 -28.73 3.07
N LYS B 96 21.57 -28.65 3.26
CA LYS B 96 22.51 -28.90 2.19
C LYS B 96 22.96 -30.36 2.21
N ALA B 97 23.09 -30.92 1.01
CA ALA B 97 23.48 -32.33 0.89
C ALA B 97 24.91 -32.53 1.38
N ARG B 98 25.10 -33.59 2.17
CA ARG B 98 26.44 -33.98 2.54
C ARG B 98 27.14 -34.65 1.35
N THR B 99 28.45 -34.84 1.48
CA THR B 99 29.25 -35.45 0.44
C THR B 99 29.50 -36.91 0.78
N ILE B 100 29.11 -37.80 -0.12
CA ILE B 100 29.40 -39.23 0.00
C ILE B 100 30.26 -39.62 -1.19
N ASP B 101 31.41 -40.23 -0.92
CA ASP B 101 32.48 -40.40 -1.91
C ASP B 101 32.88 -39.03 -2.45
N GLY B 102 32.53 -38.75 -3.70
CA GLY B 102 32.83 -37.46 -4.28
C GLY B 102 31.59 -36.71 -4.71
N ARG B 103 30.42 -37.31 -4.49
CA ARG B 103 29.17 -36.76 -4.94
C ARG B 103 28.32 -36.28 -3.75
N PRO B 104 27.52 -35.23 -3.94
CA PRO B 104 26.56 -34.87 -2.90
C PRO B 104 25.56 -35.98 -2.69
N ASP B 105 25.13 -36.15 -1.44
CA ASP B 105 24.18 -37.21 -1.08
C ASP B 105 22.77 -36.73 -1.37
N HIS B 106 22.40 -36.81 -2.65
CA HIS B 106 21.01 -36.57 -3.03
C HIS B 106 20.68 -37.45 -4.23
N PHE B 107 19.39 -37.77 -4.36
CA PHE B 107 18.90 -38.49 -5.54
C PHE B 107 17.47 -38.05 -5.82
N TYR B 108 17.08 -38.16 -7.08
CA TYR B 108 15.80 -37.68 -7.56
C TYR B 108 14.85 -38.83 -7.83
N HIS B 109 13.55 -38.53 -7.68
CA HIS B 109 12.47 -39.45 -8.05
C HIS B 109 11.54 -38.69 -9.00
N PRO B 110 11.87 -38.67 -10.29
CA PRO B 110 11.07 -37.91 -11.26
C PRO B 110 9.85 -38.69 -11.73
N PHE B 111 9.00 -38.01 -12.48
CA PHE B 111 7.81 -38.60 -13.07
C PHE B 111 8.16 -39.26 -14.39
N GLY B 112 7.14 -39.68 -15.14
CA GLY B 112 7.36 -40.27 -16.45
C GLY B 112 7.75 -41.73 -16.36
N LEU B 113 7.86 -42.35 -17.53
CA LEU B 113 8.21 -43.76 -17.65
C LEU B 113 9.57 -43.90 -18.33
N LEU B 114 10.36 -44.86 -17.87
CA LEU B 114 11.67 -45.09 -18.47
C LEU B 114 11.51 -45.67 -19.87
N PRO B 115 12.39 -45.31 -20.80
CA PRO B 115 12.38 -45.95 -22.11
C PRO B 115 12.90 -47.38 -22.02
N GLU B 116 12.60 -48.16 -23.05
CA GLU B 116 12.98 -49.55 -23.13
C GLU B 116 13.83 -49.80 -24.37
N HIS B 117 14.64 -50.85 -24.30
CA HIS B 117 15.30 -51.41 -25.48
C HIS B 117 15.25 -52.93 -25.37
N GLY B 118 14.80 -53.59 -26.43
CA GLY B 118 14.52 -55.01 -26.34
C GLY B 118 13.47 -55.35 -25.31
N GLN B 119 12.55 -54.42 -25.04
CA GLN B 119 11.52 -54.58 -24.01
C GLN B 119 12.13 -54.80 -22.64
N VAL B 120 13.29 -54.18 -22.39
CA VAL B 120 13.93 -54.20 -21.08
C VAL B 120 14.12 -52.75 -20.65
N PRO B 121 13.69 -52.36 -19.45
CA PRO B 121 13.79 -50.95 -19.05
C PRO B 121 15.22 -50.46 -19.05
N LEU B 122 15.38 -49.14 -19.26
CA LEU B 122 16.70 -48.54 -19.28
C LEU B 122 17.41 -48.71 -17.94
N SER B 123 16.66 -48.86 -16.85
CA SER B 123 17.26 -49.07 -15.55
C SER B 123 18.13 -50.32 -15.52
N HIS B 124 17.78 -51.33 -16.31
CA HIS B 124 18.51 -52.60 -16.25
C HIS B 124 19.78 -52.57 -17.07
N TYR B 125 19.83 -51.77 -18.13
CA TYR B 125 21.10 -51.54 -18.81
C TYR B 125 22.02 -50.68 -17.96
N TRP B 126 21.46 -49.81 -17.12
CA TRP B 126 22.30 -49.04 -16.20
C TRP B 126 22.91 -49.96 -15.14
N ALA B 127 22.10 -50.85 -14.56
CA ALA B 127 22.64 -51.80 -13.60
C ALA B 127 23.66 -52.73 -14.23
N TYR B 128 23.46 -53.08 -15.51
CA TYR B 128 24.45 -53.89 -16.21
C TYR B 128 25.77 -53.15 -16.34
N ASN B 129 25.71 -51.89 -16.79
CA ASN B 129 26.94 -51.11 -16.97
C ASN B 129 27.66 -50.90 -15.64
N ARG B 130 26.91 -50.68 -14.56
CA ARG B 130 27.54 -50.52 -13.25
C ARG B 130 28.28 -51.78 -12.84
N ALA B 131 27.65 -52.94 -13.00
CA ALA B 131 28.29 -54.21 -12.64
C ALA B 131 29.49 -54.51 -13.53
N ALA B 132 29.46 -54.04 -14.78
CA ALA B 132 30.56 -54.27 -15.71
C ALA B 132 31.71 -53.29 -15.53
N GLY B 133 31.60 -52.34 -14.59
CA GLY B 133 32.66 -51.38 -14.36
C GLY B 133 32.80 -50.32 -15.41
N THR B 134 31.82 -50.17 -16.31
CA THR B 134 31.89 -49.14 -17.34
C THR B 134 31.71 -47.75 -16.74
N THR B 135 30.64 -47.54 -15.99
CA THR B 135 30.32 -46.23 -15.46
C THR B 135 30.16 -46.29 -13.95
N ASP B 136 30.43 -45.17 -13.30
CA ASP B 136 30.09 -44.96 -11.89
C ASP B 136 28.96 -43.95 -11.74
N GLU B 137 28.27 -43.62 -12.82
CA GLU B 137 27.23 -42.61 -12.78
C GLU B 137 26.04 -43.12 -11.96
N PRO B 138 25.43 -42.28 -11.14
CA PRO B 138 24.23 -42.70 -10.42
C PRO B 138 23.07 -42.96 -11.37
N PHE B 139 22.12 -43.76 -10.90
CA PHE B 139 21.00 -44.19 -11.73
C PHE B 139 20.20 -43.01 -12.26
N ASP B 140 19.89 -42.04 -11.41
CA ASP B 140 18.97 -40.99 -11.84
C ASP B 140 19.61 -40.06 -12.88
N TYR B 141 20.92 -39.80 -12.76
CA TYR B 141 21.57 -38.94 -13.74
C TYR B 141 21.80 -39.64 -15.07
N ALA B 142 21.87 -40.97 -15.08
CA ALA B 142 22.07 -41.69 -16.33
C ALA B 142 20.76 -41.91 -17.09
N CYS B 143 19.65 -42.07 -16.37
CA CYS B 143 18.40 -42.51 -16.97
C CYS B 143 17.33 -41.43 -17.07
N PHE B 144 17.49 -40.30 -16.39
CA PHE B 144 16.50 -39.22 -16.40
C PHE B 144 17.15 -37.93 -16.85
N ALA B 145 16.67 -37.40 -17.99
CA ALA B 145 17.15 -36.10 -18.43
C ALA B 145 16.68 -34.98 -17.52
N GLU B 146 15.63 -35.21 -16.73
CA GLU B 146 15.08 -34.18 -15.86
C GLU B 146 16.06 -33.78 -14.76
N THR B 147 16.97 -34.69 -14.38
CA THR B 147 17.86 -34.41 -13.26
C THR B 147 18.75 -33.21 -13.54
N ALA B 148 19.26 -33.09 -14.77
CA ALA B 148 20.11 -31.96 -15.11
C ALA B 148 19.32 -30.66 -15.23
N ALA B 149 18.04 -30.75 -15.55
CA ALA B 149 17.21 -29.55 -15.63
C ALA B 149 16.88 -29.02 -14.24
N MET B 150 16.65 -29.92 -13.28
CA MET B 150 16.35 -29.50 -11.92
C MET B 150 17.59 -28.93 -11.23
N ASP B 151 18.77 -29.50 -11.50
CA ASP B 151 20.00 -28.93 -10.95
C ASP B 151 20.20 -27.51 -11.44
N ALA B 152 19.83 -27.23 -12.69
CA ALA B 152 19.87 -25.89 -13.25
C ALA B 152 18.58 -25.11 -13.01
N VAL B 153 17.75 -25.59 -12.08
CA VAL B 153 16.44 -25.04 -11.72
C VAL B 153 15.66 -24.52 -12.93
N ARG B 154 15.56 -25.37 -13.96
CA ARG B 154 14.82 -25.01 -15.16
C ARG B 154 13.32 -25.19 -14.97
N ALA B 155 12.54 -24.47 -15.77
CA ALA B 155 11.12 -24.71 -15.84
C ALA B 155 10.84 -26.03 -16.56
N PRO B 156 9.67 -26.63 -16.33
CA PRO B 156 9.31 -27.85 -17.06
C PRO B 156 8.86 -27.60 -18.48
N LYS B 157 8.73 -26.35 -18.90
CA LYS B 157 8.29 -26.00 -20.24
C LYS B 157 9.03 -24.75 -20.70
N TRP B 158 9.05 -24.55 -22.01
CA TRP B 158 9.48 -23.26 -22.54
C TRP B 158 8.41 -22.22 -22.28
N LEU B 159 8.80 -20.94 -22.38
CA LEU B 159 7.90 -19.85 -22.00
C LEU B 159 6.66 -19.80 -22.88
N ASP B 160 6.77 -20.17 -24.16
CA ASP B 160 5.60 -20.10 -25.04
C ASP B 160 4.67 -21.30 -24.89
N GLY B 161 5.01 -22.25 -24.02
CA GLY B 161 4.11 -23.33 -23.67
C GLY B 161 4.49 -24.71 -24.16
N ARG B 162 5.48 -24.84 -25.04
CA ARG B 162 5.81 -26.16 -25.58
C ARG B 162 6.33 -27.05 -24.47
N PRO B 163 5.87 -28.29 -24.36
CA PRO B 163 6.25 -29.14 -23.24
C PRO B 163 7.68 -29.64 -23.36
N ALA B 164 8.30 -29.88 -22.20
CA ALA B 164 9.65 -30.42 -22.16
C ALA B 164 9.72 -31.67 -21.30
N THR B 165 9.28 -31.55 -20.04
CA THR B 165 9.36 -32.64 -19.08
C THR B 165 8.02 -32.83 -18.39
N ARG B 166 7.79 -34.06 -17.93
CA ARG B 166 6.58 -34.37 -17.17
C ARG B 166 6.65 -33.70 -15.80
N TYR B 167 5.58 -33.02 -15.41
CA TYR B 167 5.62 -32.20 -14.21
C TYR B 167 4.28 -32.22 -13.48
N ALA B 168 4.36 -31.89 -12.19
CA ALA B 168 3.17 -31.70 -11.35
C ALA B 168 3.30 -30.32 -10.70
N TRP B 169 2.63 -30.14 -9.55
CA TRP B 169 2.45 -28.79 -9.01
C TRP B 169 2.69 -28.74 -7.52
N HIS B 170 3.21 -27.59 -7.08
CA HIS B 170 3.16 -27.13 -5.71
C HIS B 170 2.13 -26.01 -5.61
N PHE B 171 1.42 -25.95 -4.49
CA PHE B 171 0.51 -24.83 -4.26
C PHE B 171 0.11 -24.77 -2.79
N ASP B 172 -0.47 -23.63 -2.41
CA ASP B 172 -1.12 -23.48 -1.12
C ASP B 172 -2.48 -24.15 -1.19
N ALA B 173 -2.71 -25.13 -0.32
CA ALA B 173 -3.95 -25.91 -0.38
C ALA B 173 -5.17 -25.08 0.02
N HIS B 174 -4.99 -24.08 0.89
CA HIS B 174 -6.11 -23.25 1.29
C HIS B 174 -6.58 -22.37 0.15
N LEU B 175 -5.64 -21.81 -0.63
CA LEU B 175 -6.02 -21.00 -1.78
C LEU B 175 -6.67 -21.86 -2.87
N VAL B 176 -6.27 -23.13 -2.97
CA VAL B 176 -6.92 -24.04 -3.91
C VAL B 176 -8.36 -24.31 -3.47
N ALA B 177 -8.56 -24.64 -2.20
CA ALA B 177 -9.90 -24.87 -1.68
C ALA B 177 -10.76 -23.61 -1.82
N GLU B 178 -10.18 -22.44 -1.59
CA GLU B 178 -10.91 -21.20 -1.75
C GLU B 178 -11.30 -20.98 -3.20
N PHE B 179 -10.39 -21.30 -4.13
CA PHE B 179 -10.69 -21.17 -5.56
C PHE B 179 -11.78 -22.14 -5.99
N LEU B 180 -11.76 -23.36 -5.46
CA LEU B 180 -12.76 -24.36 -5.85
C LEU B 180 -14.12 -24.03 -5.24
N ARG B 181 -14.15 -23.53 -4.01
CA ARG B 181 -15.41 -23.06 -3.43
C ARG B 181 -16.04 -21.98 -4.29
N ARG B 182 -15.21 -21.06 -4.80
CA ARG B 182 -15.70 -20.01 -5.69
C ARG B 182 -16.19 -20.57 -7.02
N HIS B 183 -15.66 -21.71 -7.45
CA HIS B 183 -16.09 -22.30 -8.71
C HIS B 183 -17.35 -23.13 -8.52
N ALA B 184 -17.39 -23.97 -7.48
CA ALA B 184 -18.52 -24.86 -7.28
C ALA B 184 -19.80 -24.08 -6.94
N THR B 185 -19.68 -22.99 -6.19
CA THR B 185 -20.88 -22.25 -5.79
C THR B 185 -21.36 -21.30 -6.87
N GLU B 186 -20.46 -20.73 -7.67
CA GLU B 186 -20.83 -19.75 -8.67
C GLU B 186 -21.17 -20.37 -10.02
N ARG B 187 -20.58 -21.52 -10.35
CA ARG B 187 -20.77 -22.13 -11.67
C ARG B 187 -21.32 -23.55 -11.63
N LEU B 188 -21.46 -24.16 -10.45
CA LEU B 188 -21.91 -25.54 -10.34
C LEU B 188 -23.06 -25.71 -9.36
N ASN B 189 -23.60 -24.61 -8.82
CA ASN B 189 -24.84 -24.63 -8.05
C ASN B 189 -24.74 -25.48 -6.78
N VAL B 190 -23.57 -25.50 -6.15
CA VAL B 190 -23.39 -26.14 -4.85
C VAL B 190 -23.76 -25.15 -3.76
N GLU B 191 -24.61 -25.57 -2.83
CA GLU B 191 -25.03 -24.71 -1.73
C GLU B 191 -24.02 -24.81 -0.60
N HIS B 192 -23.45 -23.67 -0.22
CA HIS B 192 -22.48 -23.58 0.86
C HIS B 192 -23.20 -23.14 2.13
N VAL B 193 -23.22 -24.02 3.14
CA VAL B 193 -23.89 -23.74 4.40
C VAL B 193 -22.83 -23.56 5.48
N GLN B 194 -22.89 -22.42 6.17
CA GLN B 194 -21.99 -22.13 7.27
C GLN B 194 -22.53 -22.69 8.57
N GLY B 195 -21.63 -23.09 9.45
CA GLY B 195 -21.99 -23.50 10.80
C GLY B 195 -21.43 -24.86 11.15
N GLU B 196 -21.59 -25.20 12.43
CA GLU B 196 -21.19 -26.50 12.94
C GLU B 196 -22.32 -27.51 12.76
N MET B 197 -21.97 -28.78 12.91
CA MET B 197 -22.94 -29.87 12.80
C MET B 197 -23.37 -30.27 14.21
N GLN B 198 -24.65 -30.07 14.51
CA GLN B 198 -25.17 -30.36 15.84
C GLN B 198 -25.34 -31.87 16.07
N GLN B 199 -26.12 -32.53 15.21
CA GLN B 199 -26.45 -33.94 15.40
C GLN B 199 -26.48 -34.64 14.05
N VAL B 200 -26.31 -35.97 14.11
CA VAL B 200 -26.34 -36.82 12.92
C VAL B 200 -27.62 -37.64 13.02
N LEU B 201 -28.61 -37.30 12.19
CA LEU B 201 -29.88 -38.01 12.20
C LEU B 201 -29.76 -39.27 11.35
N ARG B 202 -30.05 -40.42 11.95
CA ARG B 202 -30.00 -41.70 11.26
C ARG B 202 -31.31 -42.45 11.50
N ASP B 203 -31.72 -43.23 10.50
CA ASP B 203 -32.96 -43.98 10.59
C ASP B 203 -32.76 -45.30 11.33
N GLU B 204 -33.71 -46.22 11.18
CA GLU B 204 -33.67 -47.47 11.94
C GLU B 204 -32.54 -48.38 11.47
N ARG B 205 -32.28 -48.41 10.16
CA ARG B 205 -31.26 -49.27 9.59
C ARG B 205 -29.85 -48.70 9.76
N GLY B 206 -29.70 -47.52 10.36
CA GLY B 206 -28.40 -46.92 10.57
C GLY B 206 -27.96 -45.95 9.49
N PHE B 207 -28.69 -45.87 8.38
CA PHE B 207 -28.35 -44.93 7.32
C PHE B 207 -28.60 -43.50 7.76
N ILE B 208 -27.72 -42.59 7.34
CA ILE B 208 -27.87 -41.18 7.69
C ILE B 208 -28.94 -40.57 6.79
N THR B 209 -29.84 -39.79 7.40
CA THR B 209 -30.89 -39.10 6.66
C THR B 209 -30.69 -37.59 6.59
N ALA B 210 -30.04 -36.98 7.57
CA ALA B 210 -29.83 -35.54 7.57
C ALA B 210 -28.72 -35.19 8.54
N LEU B 211 -28.12 -34.02 8.29
CA LEU B 211 -27.18 -33.39 9.23
C LEU B 211 -27.83 -32.12 9.74
N ARG B 212 -28.05 -32.07 11.05
CA ARG B 212 -28.71 -30.93 11.68
C ARG B 212 -27.66 -29.93 12.14
N THR B 213 -27.74 -28.70 11.62
CA THR B 213 -26.79 -27.67 12.00
C THR B 213 -27.11 -27.14 13.39
N VAL B 214 -26.13 -26.45 13.98
CA VAL B 214 -26.31 -25.89 15.32
C VAL B 214 -27.32 -24.76 15.34
N GLU B 215 -27.72 -24.25 14.19
CA GLU B 215 -28.77 -23.25 14.11
C GLU B 215 -30.17 -23.86 14.14
N GLY B 216 -30.30 -25.13 13.77
CA GLY B 216 -31.57 -25.82 13.75
C GLY B 216 -32.01 -26.32 12.38
N ARG B 217 -31.24 -26.07 11.32
CA ARG B 217 -31.63 -26.48 9.98
C ARG B 217 -31.16 -27.90 9.70
N ASP B 218 -32.03 -28.69 9.07
CA ASP B 218 -31.73 -30.06 8.68
C ASP B 218 -31.30 -30.08 7.22
N LEU B 219 -30.11 -30.63 6.96
CA LEU B 219 -29.60 -30.80 5.61
C LEU B 219 -29.93 -32.22 5.17
N GLU B 220 -31.06 -32.37 4.48
CA GLU B 220 -31.50 -33.70 4.05
C GLU B 220 -30.63 -34.20 2.91
N GLY B 221 -30.42 -35.51 2.89
CA GLY B 221 -29.61 -36.12 1.86
C GLY B 221 -29.79 -37.62 1.81
N ASP B 222 -29.40 -38.19 0.68
CA ASP B 222 -29.34 -39.64 0.50
C ASP B 222 -27.94 -40.19 0.65
N LEU B 223 -26.94 -39.48 0.15
CA LEU B 223 -25.55 -39.85 0.27
C LEU B 223 -24.80 -38.75 1.01
N PHE B 224 -23.90 -39.15 1.91
CA PHE B 224 -23.16 -38.21 2.74
C PHE B 224 -21.67 -38.46 2.58
N ILE B 225 -20.90 -37.39 2.42
CA ILE B 225 -19.47 -37.46 2.21
C ILE B 225 -18.78 -36.85 3.43
N ASP B 226 -17.96 -37.65 4.10
CA ASP B 226 -17.21 -37.18 5.27
C ASP B 226 -15.87 -36.62 4.79
N CYS B 227 -15.76 -35.29 4.79
CA CYS B 227 -14.50 -34.61 4.50
C CYS B 227 -14.07 -33.75 5.68
N SER B 228 -14.35 -34.20 6.90
CA SER B 228 -14.09 -33.44 8.11
C SER B 228 -12.67 -33.64 8.64
N GLY B 229 -11.77 -34.20 7.85
CA GLY B 229 -10.38 -34.38 8.27
C GLY B 229 -10.19 -35.47 9.29
N PHE B 230 -9.10 -35.33 10.07
CA PHE B 230 -8.75 -36.31 11.09
C PHE B 230 -9.92 -36.60 12.03
N ARG B 231 -10.82 -35.64 12.20
CA ARG B 231 -11.97 -35.85 13.07
C ARG B 231 -12.76 -37.07 12.63
N GLY B 232 -13.23 -37.09 11.39
CA GLY B 232 -14.08 -38.17 10.93
C GLY B 232 -15.41 -38.18 11.65
N LEU B 233 -16.08 -37.03 11.67
CA LEU B 233 -17.31 -36.88 12.45
C LEU B 233 -18.41 -37.82 11.97
N LEU B 234 -18.39 -38.20 10.69
CA LEU B 234 -19.41 -39.10 10.16
C LEU B 234 -18.94 -40.55 10.18
N ILE B 235 -17.82 -40.85 9.51
CA ILE B 235 -17.41 -42.23 9.32
C ILE B 235 -16.96 -42.86 10.64
N ASN B 236 -16.25 -42.09 11.47
CA ASN B 236 -15.69 -42.66 12.69
C ASN B 236 -16.62 -42.54 13.89
N LYS B 237 -17.17 -41.34 14.13
CA LYS B 237 -18.05 -41.17 15.29
C LYS B 237 -19.44 -41.74 15.03
N ALA B 238 -20.16 -41.18 14.06
CA ALA B 238 -21.55 -41.55 13.86
C ALA B 238 -21.69 -43.00 13.39
N MET B 239 -20.92 -43.37 12.36
CA MET B 239 -21.00 -44.73 11.84
C MET B 239 -20.19 -45.74 12.64
N GLU B 240 -19.34 -45.28 13.57
CA GLU B 240 -18.60 -46.15 14.48
C GLU B 240 -17.68 -47.12 13.73
N GLU B 241 -17.12 -46.68 12.61
CA GLU B 241 -16.18 -47.53 11.89
C GLU B 241 -14.79 -47.36 12.48
N PRO B 242 -14.12 -48.45 12.87
CA PRO B 242 -12.83 -48.32 13.55
C PRO B 242 -11.73 -47.86 12.60
N PHE B 243 -10.82 -47.05 13.14
CA PHE B 243 -9.63 -46.63 12.42
C PHE B 243 -8.50 -47.60 12.73
N ILE B 244 -7.77 -48.04 11.70
CA ILE B 244 -6.66 -48.96 11.86
C ILE B 244 -5.39 -48.14 11.95
N ASP B 245 -4.80 -48.07 13.14
CA ASP B 245 -3.55 -47.37 13.35
C ASP B 245 -2.39 -48.20 12.80
N MET B 246 -1.52 -47.55 12.03
CA MET B 246 -0.41 -48.24 11.39
C MET B 246 0.92 -47.58 11.74
N ASN B 247 0.97 -46.90 12.89
CA ASN B 247 2.23 -46.35 13.38
C ASN B 247 3.23 -47.44 13.74
N ASP B 248 2.78 -48.70 13.85
CA ASP B 248 3.70 -49.81 14.03
C ASP B 248 4.63 -49.95 12.83
N GLN B 249 4.14 -49.64 11.64
CA GLN B 249 4.89 -49.78 10.39
C GLN B 249 5.59 -48.50 9.97
N LEU B 250 5.00 -47.34 10.27
CA LEU B 250 5.59 -46.04 9.97
C LEU B 250 5.62 -45.23 11.26
N LEU B 251 6.81 -44.82 11.67
CA LEU B 251 6.99 -44.31 13.03
C LEU B 251 6.60 -42.84 13.17
N CYS B 252 6.67 -42.07 12.09
CA CYS B 252 6.44 -40.64 12.20
C CYS B 252 4.97 -40.33 12.47
N ASN B 253 4.72 -39.44 13.43
CA ASN B 253 3.35 -39.13 13.85
C ASN B 253 3.17 -37.66 14.23
N ARG B 254 4.15 -36.80 13.97
CA ARG B 254 4.06 -35.39 14.31
C ARG B 254 4.71 -34.57 13.20
N ALA B 255 4.40 -33.27 13.19
CA ALA B 255 5.07 -32.35 12.29
C ALA B 255 5.13 -30.97 12.92
N VAL B 256 6.20 -30.24 12.62
CA VAL B 256 6.33 -28.83 12.93
C VAL B 256 6.65 -28.10 11.63
N ALA B 257 5.88 -27.07 11.30
CA ALA B 257 5.88 -26.54 9.95
C ALA B 257 5.66 -25.03 9.95
N THR B 258 6.09 -24.40 8.87
CA THR B 258 5.92 -22.97 8.67
C THR B 258 6.16 -22.66 7.20
N ALA B 259 5.98 -21.40 6.84
CA ALA B 259 6.30 -20.89 5.51
C ALA B 259 7.37 -19.82 5.65
N ILE B 260 8.30 -19.79 4.71
CA ILE B 260 9.47 -18.91 4.78
C ILE B 260 9.54 -18.08 3.50
N LYS B 261 9.59 -16.76 3.66
CA LYS B 261 9.81 -15.88 2.51
C LYS B 261 11.19 -16.14 1.91
N HIS B 262 11.30 -15.92 0.61
CA HIS B 262 12.49 -16.36 -0.11
C HIS B 262 12.83 -15.38 -1.22
N ASP B 263 14.11 -15.00 -1.32
CA ASP B 263 14.61 -14.15 -2.40
C ASP B 263 14.88 -15.05 -3.59
N ASP B 264 13.91 -15.13 -4.51
CA ASP B 264 14.05 -16.01 -5.66
C ASP B 264 15.13 -15.57 -6.62
N ASP B 265 15.47 -14.27 -6.65
CA ASP B 265 16.46 -13.78 -7.60
C ASP B 265 17.89 -14.18 -7.21
N ALA B 266 18.12 -14.53 -5.95
CA ALA B 266 19.48 -14.84 -5.53
C ALA B 266 19.97 -16.16 -6.09
N HIS B 267 19.08 -17.12 -6.31
CA HIS B 267 19.51 -18.43 -6.80
C HIS B 267 18.42 -19.19 -7.56
N GLY B 268 17.17 -18.75 -7.47
CA GLY B 268 16.10 -19.31 -8.26
C GLY B 268 15.06 -20.00 -7.42
N VAL B 269 14.14 -20.67 -8.10
CA VAL B 269 13.05 -21.42 -7.47
C VAL B 269 13.20 -22.87 -7.88
N GLU B 270 13.48 -23.74 -6.91
CA GLU B 270 13.71 -25.15 -7.20
C GLU B 270 12.44 -25.81 -7.73
N PRO B 271 12.47 -26.43 -8.91
CA PRO B 271 11.28 -27.09 -9.47
C PRO B 271 11.06 -28.50 -8.94
N TYR B 272 11.13 -28.65 -7.61
CA TYR B 272 10.94 -29.96 -7.02
C TYR B 272 10.68 -29.81 -5.53
N THR B 273 9.98 -30.80 -4.98
CA THR B 273 9.88 -30.96 -3.53
C THR B 273 11.17 -31.62 -3.01
N SER B 274 11.66 -31.13 -1.88
CA SER B 274 12.81 -31.74 -1.23
C SER B 274 12.34 -32.51 -0.01
N ALA B 275 12.94 -33.68 0.20
CA ALA B 275 12.71 -34.51 1.37
C ALA B 275 14.06 -34.69 2.06
N ILE B 276 14.24 -33.98 3.17
CA ILE B 276 15.55 -33.82 3.81
C ILE B 276 15.57 -34.68 5.06
N ALA B 277 16.42 -35.71 5.06
CA ALA B 277 16.52 -36.60 6.21
C ALA B 277 16.96 -35.82 7.45
N MET B 278 16.28 -36.08 8.57
CA MET B 278 16.60 -35.42 9.84
C MET B 278 17.05 -36.51 10.81
N ARG B 279 17.29 -36.13 12.07
CA ARG B 279 17.74 -37.11 13.06
C ARG B 279 16.64 -38.06 13.49
N SER B 280 15.38 -37.59 13.51
CA SER B 280 14.25 -38.44 13.91
C SER B 280 13.11 -38.37 12.91
N GLY B 281 13.41 -38.05 11.66
CA GLY B 281 12.40 -38.00 10.63
C GLY B 281 12.94 -37.37 9.37
N TRP B 282 12.14 -36.52 8.74
CA TRP B 282 12.54 -35.86 7.51
C TRP B 282 11.71 -34.59 7.35
N SER B 283 12.26 -33.63 6.60
CA SER B 283 11.62 -32.34 6.40
C SER B 283 11.31 -32.13 4.93
N TRP B 284 10.10 -31.67 4.64
CA TRP B 284 9.77 -31.32 3.26
C TRP B 284 10.16 -29.87 2.99
N LYS B 285 10.35 -29.57 1.72
CA LYS B 285 10.52 -28.20 1.25
C LYS B 285 9.72 -28.07 -0.04
N ILE B 286 8.74 -27.17 -0.05
CA ILE B 286 7.81 -27.02 -1.16
C ILE B 286 7.93 -25.60 -1.69
N PRO B 287 8.72 -25.38 -2.73
CA PRO B 287 8.99 -24.01 -3.19
C PRO B 287 7.89 -23.47 -4.10
N MET B 288 7.54 -22.20 -3.87
CA MET B 288 6.64 -21.44 -4.71
C MET B 288 7.28 -20.09 -4.98
N LEU B 289 6.60 -19.24 -5.74
CA LEU B 289 7.13 -17.91 -6.02
C LEU B 289 7.13 -17.09 -4.73
N GLY B 290 8.29 -16.58 -4.36
CA GLY B 290 8.42 -15.67 -3.23
C GLY B 290 8.47 -16.33 -1.87
N ARG B 291 8.16 -17.62 -1.76
CA ARG B 291 8.18 -18.30 -0.47
C ARG B 291 8.26 -19.80 -0.70
N PHE B 292 8.58 -20.52 0.36
CA PHE B 292 8.52 -21.98 0.33
C PHE B 292 7.94 -22.49 1.64
N GLY B 293 7.22 -23.60 1.55
CA GLY B 293 6.69 -24.28 2.71
C GLY B 293 7.62 -25.40 3.13
N THR B 294 7.76 -25.59 4.45
CA THR B 294 8.66 -26.60 4.97
C THR B 294 8.13 -27.09 6.31
N GLY B 295 8.31 -28.38 6.56
CA GLY B 295 7.89 -28.97 7.83
C GLY B 295 8.72 -30.17 8.21
N TYR B 296 9.05 -30.29 9.49
CA TYR B 296 9.79 -31.44 10.02
C TYR B 296 8.79 -32.51 10.45
N VAL B 297 8.74 -33.61 9.71
CA VAL B 297 7.93 -34.77 10.08
C VAL B 297 8.78 -35.68 10.95
N TYR B 298 8.32 -35.98 12.16
CA TYR B 298 9.14 -36.74 13.10
C TYR B 298 8.26 -37.70 13.89
N SER B 299 8.93 -38.57 14.63
CA SER B 299 8.30 -39.57 15.48
C SER B 299 8.43 -39.13 16.94
N SER B 300 7.29 -39.03 17.64
CA SER B 300 7.30 -38.62 19.04
C SER B 300 7.91 -39.70 19.93
N ARG B 301 8.03 -40.93 19.43
CA ARG B 301 8.70 -41.98 20.19
C ARG B 301 10.21 -41.86 20.19
N PHE B 302 10.77 -40.93 19.39
CA PHE B 302 12.21 -40.76 19.31
C PHE B 302 12.69 -39.33 19.45
N ALA B 303 11.80 -38.34 19.42
CA ALA B 303 12.19 -36.96 19.61
C ALA B 303 11.13 -36.23 20.43
N GLU B 304 11.59 -35.33 21.31
CA GLU B 304 10.68 -34.49 22.06
C GLU B 304 10.20 -33.33 21.18
N LYS B 305 9.05 -32.76 21.54
CA LYS B 305 8.49 -31.67 20.76
C LYS B 305 9.46 -30.51 20.64
N ASP B 306 10.16 -30.18 21.73
CA ASP B 306 11.03 -29.00 21.73
C ASP B 306 12.25 -29.20 20.84
N GLU B 307 12.90 -30.37 20.90
CA GLU B 307 14.09 -30.57 20.08
C GLU B 307 13.74 -30.68 18.60
N ALA B 308 12.60 -31.26 18.27
CA ALA B 308 12.14 -31.24 16.88
C ALA B 308 11.92 -29.81 16.40
N THR B 309 11.23 -29.00 17.23
CA THR B 309 11.05 -27.59 16.92
C THR B 309 12.40 -26.89 16.72
N LEU B 310 13.34 -27.12 17.65
CA LEU B 310 14.63 -26.44 17.56
C LEU B 310 15.44 -26.95 16.38
N ASP B 311 15.43 -28.26 16.13
CA ASP B 311 16.12 -28.81 14.96
C ASP B 311 15.56 -28.21 13.67
N PHE B 312 14.24 -28.06 13.60
CA PHE B 312 13.61 -27.47 12.43
C PHE B 312 14.07 -26.03 12.22
N CYS B 313 14.03 -25.21 13.29
CA CYS B 313 14.42 -23.81 13.17
C CYS B 313 15.91 -23.67 12.90
N ARG B 314 16.73 -24.52 13.51
CA ARG B 314 18.18 -24.45 13.31
C ARG B 314 18.53 -24.70 11.84
N MET B 315 17.81 -25.60 11.17
CA MET B 315 18.13 -25.93 9.79
C MET B 315 17.90 -24.75 8.86
N TRP B 316 16.83 -23.99 9.08
CA TRP B 316 16.51 -22.84 8.24
C TRP B 316 16.98 -21.53 8.83
N GLY B 317 17.73 -21.56 9.94
CA GLY B 317 18.19 -20.34 10.55
C GLY B 317 17.09 -19.47 11.13
N LEU B 318 16.04 -20.09 11.65
CA LEU B 318 14.88 -19.37 12.17
C LEU B 318 15.02 -19.16 13.67
N ASP B 319 14.60 -17.99 14.13
CA ASP B 319 14.52 -17.68 15.55
C ASP B 319 13.36 -18.45 16.16
N PRO B 320 13.60 -19.45 17.01
CA PRO B 320 12.49 -20.28 17.51
C PRO B 320 11.50 -19.51 18.37
N GLU B 321 11.89 -18.36 18.94
CA GLU B 321 10.98 -17.58 19.75
C GLU B 321 10.15 -16.58 18.96
N ASN B 322 10.60 -16.21 17.75
CA ASN B 322 9.87 -15.25 16.94
C ASN B 322 9.54 -15.84 15.57
N THR B 323 8.97 -17.05 15.55
CA THR B 323 8.62 -17.70 14.31
C THR B 323 7.25 -18.36 14.49
N PRO B 324 6.28 -18.05 13.63
CA PRO B 324 5.01 -18.78 13.66
C PRO B 324 5.21 -20.22 13.21
N LEU B 325 4.71 -21.16 14.00
CA LEU B 325 4.89 -22.58 13.74
C LEU B 325 3.57 -23.31 13.92
N ASN B 326 3.31 -24.26 13.02
CA ASN B 326 2.20 -25.19 13.18
C ASN B 326 2.71 -26.47 13.84
N GLN B 327 2.11 -26.83 14.97
CA GLN B 327 2.40 -28.09 15.66
C GLN B 327 1.19 -29.00 15.47
N VAL B 328 1.36 -30.09 14.74
CA VAL B 328 0.27 -31.01 14.43
C VAL B 328 0.67 -32.43 14.80
N ALA B 329 -0.29 -33.19 15.30
CA ALA B 329 -0.13 -34.62 15.51
C ALA B 329 -0.84 -35.36 14.38
N PHE B 330 -0.17 -36.38 13.84
CA PHE B 330 -0.68 -37.13 12.71
C PHE B 330 -1.39 -38.40 13.16
N ARG B 331 -2.36 -38.84 12.34
CA ARG B 331 -3.06 -40.10 12.51
C ARG B 331 -2.72 -40.95 11.28
N VAL B 332 -1.81 -41.91 11.45
CA VAL B 332 -1.27 -42.68 10.33
C VAL B 332 -2.04 -43.99 10.20
N GLY B 333 -2.67 -44.20 9.06
CA GLY B 333 -3.40 -45.41 8.80
C GLY B 333 -4.64 -45.12 7.97
N ARG B 334 -5.61 -46.03 8.06
CA ARG B 334 -6.84 -45.92 7.28
C ARG B 334 -7.97 -46.56 8.05
N ASN B 335 -9.19 -46.17 7.71
CA ASN B 335 -10.36 -46.83 8.27
C ASN B 335 -10.40 -48.28 7.80
N ARG B 336 -11.08 -49.12 8.59
CA ARG B 336 -11.28 -50.50 8.16
C ARG B 336 -12.02 -50.56 6.84
N ARG B 337 -13.01 -49.68 6.66
CA ARG B 337 -13.70 -49.48 5.40
C ARG B 337 -13.87 -47.99 5.17
N ALA B 338 -13.62 -47.55 3.94
CA ALA B 338 -13.75 -46.13 3.62
C ALA B 338 -15.20 -45.71 3.41
N TRP B 339 -16.06 -46.66 3.02
CA TRP B 339 -17.45 -46.39 2.70
C TRP B 339 -18.31 -47.37 3.47
N VAL B 340 -19.14 -46.84 4.37
CA VAL B 340 -20.04 -47.64 5.18
C VAL B 340 -21.45 -47.09 5.01
N LYS B 341 -22.38 -47.97 4.64
CA LYS B 341 -23.76 -47.57 4.37
C LYS B 341 -23.80 -46.44 3.34
N ASN B 342 -24.37 -45.30 3.71
CA ASN B 342 -24.47 -44.16 2.79
C ASN B 342 -23.51 -43.04 3.16
N CYS B 343 -22.40 -43.38 3.81
CA CYS B 343 -21.38 -42.41 4.22
C CYS B 343 -20.03 -42.81 3.61
N VAL B 344 -19.50 -41.95 2.75
CA VAL B 344 -18.22 -42.18 2.09
C VAL B 344 -17.21 -41.20 2.68
N SER B 345 -16.11 -41.74 3.22
CA SER B 345 -15.05 -40.90 3.75
C SER B 345 -14.05 -40.58 2.64
N ILE B 346 -13.70 -39.31 2.51
CA ILE B 346 -12.75 -38.85 1.51
C ILE B 346 -11.67 -38.03 2.20
N GLY B 347 -10.42 -38.27 1.79
CA GLY B 347 -9.32 -37.48 2.30
C GLY B 347 -8.89 -37.89 3.68
N LEU B 348 -8.65 -36.90 4.54
CA LEU B 348 -8.03 -37.16 5.82
C LEU B 348 -8.96 -37.95 6.74
N ALA B 349 -10.28 -37.81 6.54
CA ALA B 349 -11.24 -38.63 7.26
C ALA B 349 -11.14 -40.10 6.89
N SER B 350 -10.56 -40.41 5.73
CA SER B 350 -10.44 -41.79 5.26
C SER B 350 -9.12 -42.42 5.65
N CYS B 351 -8.01 -41.73 5.42
CA CYS B 351 -6.68 -42.31 5.60
C CYS B 351 -5.65 -41.19 5.56
N PHE B 352 -4.46 -41.49 6.06
CA PHE B 352 -3.36 -40.53 6.00
C PHE B 352 -2.01 -41.23 6.05
N LEU B 353 -1.09 -40.76 5.21
CA LEU B 353 0.32 -41.10 5.28
C LEU B 353 1.13 -39.81 5.29
N GLU B 354 2.32 -39.88 5.88
CA GLU B 354 3.22 -38.74 5.81
C GLU B 354 3.48 -38.38 4.35
N PRO B 355 3.61 -37.09 4.02
CA PRO B 355 3.68 -36.70 2.61
C PRO B 355 5.06 -36.92 1.99
N LEU B 356 5.65 -38.09 2.23
CA LEU B 356 6.98 -38.36 1.69
C LEU B 356 6.95 -38.47 0.16
N GLU B 357 5.87 -39.03 -0.39
CA GLU B 357 5.75 -39.18 -1.83
C GLU B 357 4.53 -38.45 -2.41
N SER B 358 4.04 -37.43 -1.70
CA SER B 358 3.01 -36.52 -2.21
C SER B 358 1.80 -37.28 -2.74
N THR B 359 1.11 -37.96 -1.83
CA THR B 359 -0.07 -38.73 -2.21
C THR B 359 -1.34 -38.24 -1.50
N GLY B 360 -1.28 -37.08 -0.84
CA GLY B 360 -2.45 -36.54 -0.17
C GLY B 360 -3.55 -36.13 -1.13
N ILE B 361 -3.24 -35.22 -2.05
CA ILE B 361 -4.21 -34.79 -3.05
C ILE B 361 -4.57 -35.95 -3.97
N TYR B 362 -3.61 -36.85 -4.24
CA TYR B 362 -3.89 -37.99 -5.12
C TYR B 362 -4.89 -38.94 -4.49
N PHE B 363 -4.78 -39.19 -3.19
CA PHE B 363 -5.73 -40.08 -2.52
C PHE B 363 -7.14 -39.50 -2.56
N ILE B 364 -7.25 -38.17 -2.51
CA ILE B 364 -8.53 -37.51 -2.70
C ILE B 364 -9.01 -37.66 -4.14
N THR B 365 -8.13 -37.31 -5.09
CA THR B 365 -8.45 -37.44 -6.51
C THR B 365 -8.92 -38.85 -6.85
N ALA B 366 -8.22 -39.86 -6.33
CA ALA B 366 -8.57 -41.25 -6.65
C ALA B 366 -9.87 -41.66 -5.97
N ALA B 367 -10.09 -41.21 -4.74
CA ALA B 367 -11.32 -41.56 -4.03
C ALA B 367 -12.53 -40.96 -4.71
N ILE B 368 -12.42 -39.71 -5.19
CA ILE B 368 -13.52 -39.10 -5.94
C ILE B 368 -13.77 -39.86 -7.23
N TYR B 369 -12.72 -40.14 -8.00
CA TYR B 369 -12.89 -40.85 -9.25
C TYR B 369 -13.52 -42.22 -9.03
N GLN B 370 -13.00 -42.97 -8.07
CA GLN B 370 -13.56 -44.30 -7.80
C GLN B 370 -15.00 -44.20 -7.28
N LEU B 371 -15.33 -43.13 -6.55
CA LEU B 371 -16.71 -42.94 -6.11
C LEU B 371 -17.65 -42.80 -7.30
N THR B 372 -17.23 -42.04 -8.33
CA THR B 372 -18.05 -41.94 -9.53
C THR B 372 -18.10 -43.25 -10.29
N GLN B 373 -17.01 -44.02 -10.27
CA GLN B 373 -16.99 -45.32 -10.93
C GLN B 373 -17.88 -46.33 -10.22
N HIS B 374 -18.12 -46.14 -8.92
CA HIS B 374 -18.98 -47.03 -8.14
C HIS B 374 -20.16 -46.26 -7.57
N PHE B 375 -20.67 -45.28 -8.31
CA PHE B 375 -21.71 -44.42 -7.77
C PHE B 375 -22.98 -45.23 -7.49
N PRO B 376 -23.57 -45.09 -6.32
CA PRO B 376 -24.73 -45.91 -5.97
C PRO B 376 -26.05 -45.24 -6.34
N ASP B 377 -27.12 -46.01 -6.20
CA ASP B 377 -28.46 -45.47 -6.10
C ASP B 377 -28.94 -45.60 -4.66
N ARG B 378 -30.22 -45.37 -4.44
CA ARG B 378 -30.74 -45.39 -3.07
C ARG B 378 -30.83 -46.79 -2.48
N THR B 379 -30.71 -47.83 -3.30
CA THR B 379 -30.65 -49.19 -2.77
C THR B 379 -29.28 -49.52 -2.19
N PHE B 380 -28.25 -48.77 -2.56
CA PHE B 380 -26.88 -48.95 -2.07
C PHE B 380 -26.46 -50.41 -2.11
N ALA B 381 -26.31 -50.90 -3.36
CA ALA B 381 -25.86 -52.26 -3.58
C ALA B 381 -24.53 -52.50 -2.89
N LEU B 382 -24.46 -53.61 -2.13
CA LEU B 382 -23.28 -53.87 -1.32
C LEU B 382 -22.04 -54.10 -2.17
N ALA B 383 -22.20 -54.62 -3.39
CA ALA B 383 -21.04 -54.86 -4.25
C ALA B 383 -20.37 -53.55 -4.66
N LEU B 384 -21.13 -52.46 -4.75
CA LEU B 384 -20.55 -51.17 -5.12
C LEU B 384 -19.57 -50.68 -4.06
N SER B 385 -20.02 -50.63 -2.80
CA SER B 385 -19.15 -50.15 -1.73
C SER B 385 -18.05 -51.15 -1.40
N ASP B 386 -18.33 -52.44 -1.53
CA ASP B 386 -17.28 -53.44 -1.34
C ASP B 386 -16.15 -53.24 -2.35
N ALA B 387 -16.50 -53.05 -3.61
CA ALA B 387 -15.47 -52.81 -4.63
C ALA B 387 -14.75 -51.49 -4.38
N PHE B 388 -15.49 -50.45 -3.99
CA PHE B 388 -14.85 -49.17 -3.69
C PHE B 388 -13.88 -49.30 -2.53
N ASN B 389 -14.30 -49.98 -1.46
CA ASN B 389 -13.43 -50.15 -0.30
C ASN B 389 -12.17 -50.91 -0.66
N HIS B 390 -12.30 -51.95 -1.48
CA HIS B 390 -11.13 -52.76 -1.86
C HIS B 390 -10.12 -51.94 -2.65
N GLU B 391 -10.59 -51.06 -3.53
CA GLU B 391 -9.67 -50.26 -4.33
C GLU B 391 -8.95 -49.22 -3.48
N ILE B 392 -9.68 -48.54 -2.60
CA ILE B 392 -9.07 -47.56 -1.70
C ILE B 392 -8.08 -48.25 -0.77
N GLU B 393 -8.46 -49.41 -0.24
CA GLU B 393 -7.58 -50.13 0.68
C GLU B 393 -6.29 -50.57 0.01
N ALA B 394 -6.40 -51.14 -1.19
CA ALA B 394 -5.21 -51.58 -1.91
C ALA B 394 -4.33 -50.40 -2.33
N MET B 395 -4.96 -49.30 -2.75
CA MET B 395 -4.21 -48.09 -3.06
C MET B 395 -3.41 -47.59 -1.87
N PHE B 396 -4.02 -47.56 -0.69
CA PHE B 396 -3.34 -47.02 0.49
C PHE B 396 -2.22 -47.95 0.95
N ASP B 397 -2.53 -49.23 1.12
CA ASP B 397 -1.54 -50.18 1.64
C ASP B 397 -0.34 -50.31 0.72
N ASP B 398 -0.55 -50.15 -0.59
CA ASP B 398 0.57 -50.24 -1.53
C ASP B 398 1.53 -49.07 -1.34
N THR B 399 0.99 -47.86 -1.24
CA THR B 399 1.83 -46.68 -1.01
C THR B 399 2.45 -46.69 0.38
N ARG B 400 1.72 -47.18 1.38
CA ARG B 400 2.29 -47.31 2.72
C ARG B 400 3.54 -48.18 2.72
N ASP B 401 3.46 -49.36 2.09
CA ASP B 401 4.62 -50.23 2.07
C ASP B 401 5.76 -49.58 1.30
N PHE B 402 5.44 -48.87 0.21
CA PHE B 402 6.46 -48.19 -0.58
C PHE B 402 7.15 -47.09 0.24
N ILE B 403 6.39 -46.38 1.06
CA ILE B 403 6.98 -45.34 1.90
C ILE B 403 7.87 -45.96 2.98
N GLN B 404 7.39 -47.04 3.61
CA GLN B 404 8.20 -47.69 4.64
C GLN B 404 9.54 -48.18 4.09
N ALA B 405 9.57 -48.56 2.81
CA ALA B 405 10.80 -49.03 2.21
C ALA B 405 11.85 -47.93 2.09
N HIS B 406 11.42 -46.66 2.02
CA HIS B 406 12.38 -45.55 2.05
C HIS B 406 13.21 -45.59 3.32
N PHE B 407 12.57 -45.81 4.47
CA PHE B 407 13.28 -45.87 5.74
C PHE B 407 13.97 -47.20 5.95
N TYR B 408 13.37 -48.30 5.47
CA TYR B 408 13.93 -49.63 5.70
C TYR B 408 15.18 -49.84 4.87
N VAL B 409 15.16 -49.42 3.61
CA VAL B 409 16.30 -49.63 2.71
C VAL B 409 17.40 -48.60 2.93
N SER B 410 17.08 -47.43 3.47
CA SER B 410 18.10 -46.45 3.79
C SER B 410 19.20 -47.10 4.64
N PRO B 411 20.47 -46.84 4.35
CA PRO B 411 21.54 -47.47 5.12
C PRO B 411 21.83 -46.78 6.45
N ARG B 412 21.12 -45.73 6.80
CA ARG B 412 21.44 -44.97 7.99
C ARG B 412 21.07 -45.74 9.25
N THR B 413 22.00 -45.75 10.22
CA THR B 413 21.73 -46.32 11.54
C THR B 413 22.25 -45.40 12.64
N ASP B 414 22.56 -44.14 12.33
CA ASP B 414 23.28 -43.29 13.26
C ASP B 414 22.43 -42.80 14.42
N THR B 415 21.10 -42.81 14.30
CA THR B 415 20.23 -42.42 15.39
C THR B 415 19.29 -43.58 15.73
N PRO B 416 18.70 -43.58 16.92
CA PRO B 416 17.75 -44.64 17.26
C PRO B 416 16.53 -44.67 16.35
N PHE B 417 16.17 -43.55 15.72
CA PHE B 417 15.06 -43.57 14.77
C PHE B 417 15.43 -44.31 13.50
N TRP B 418 16.62 -44.06 12.96
CA TRP B 418 17.03 -44.72 11.72
C TRP B 418 17.32 -46.19 11.96
N LYS B 419 17.84 -46.55 13.14
CA LYS B 419 18.09 -47.94 13.47
C LYS B 419 16.79 -48.70 13.73
N ALA B 420 15.82 -48.05 14.39
CA ALA B 420 14.57 -48.73 14.71
C ALA B 420 13.77 -49.06 13.45
N ASN B 421 13.93 -48.27 12.39
CA ASN B 421 13.26 -48.57 11.14
C ASN B 421 13.73 -49.90 10.56
N LYS B 422 14.98 -50.28 10.82
CA LYS B 422 15.50 -51.57 10.34
C LYS B 422 14.92 -52.75 11.10
N ASP B 423 14.43 -52.53 12.32
CA ASP B 423 13.91 -53.63 13.12
C ASP B 423 12.42 -53.84 12.95
N LEU B 424 11.73 -52.95 12.24
CA LEU B 424 10.31 -53.14 11.99
C LEU B 424 10.08 -54.30 11.04
N HIS B 425 8.91 -54.93 11.17
CA HIS B 425 8.54 -56.02 10.27
C HIS B 425 8.36 -55.50 8.85
N LEU B 426 8.95 -56.21 7.89
CA LEU B 426 8.77 -55.85 6.49
C LEU B 426 7.68 -56.70 5.87
N PRO B 427 6.67 -56.09 5.25
CA PRO B 427 5.60 -56.88 4.62
C PRO B 427 6.17 -57.83 3.58
N GLU B 428 5.50 -58.98 3.44
CA GLU B 428 6.01 -60.05 2.56
C GLU B 428 6.10 -59.58 1.11
N GLN B 429 5.13 -58.78 0.67
CA GLN B 429 5.15 -58.33 -0.73
C GLN B 429 6.33 -57.40 -1.00
N MET B 430 6.73 -56.60 -0.02
CA MET B 430 7.91 -55.75 -0.19
C MET B 430 9.19 -56.56 -0.09
N ARG B 431 9.21 -57.59 0.75
CA ARG B 431 10.37 -58.48 0.82
C ARG B 431 10.61 -59.16 -0.52
N GLU B 432 9.53 -59.62 -1.17
CA GLU B 432 9.67 -60.23 -2.49
C GLU B 432 10.15 -59.23 -3.52
N LYS B 433 9.65 -57.99 -3.46
CA LYS B 433 10.07 -56.96 -4.42
C LYS B 433 11.57 -56.68 -4.30
N ILE B 434 12.06 -56.52 -3.07
CA ILE B 434 13.49 -56.31 -2.86
C ILE B 434 14.29 -57.50 -3.37
N ALA B 435 13.79 -58.71 -3.13
CA ALA B 435 14.50 -59.90 -3.59
C ALA B 435 14.49 -59.98 -5.12
N MET B 436 13.36 -59.64 -5.76
CA MET B 436 13.32 -59.60 -7.22
C MET B 436 14.30 -58.57 -7.76
N TYR B 437 14.38 -57.40 -7.11
CA TYR B 437 15.30 -56.35 -7.52
C TYR B 437 16.76 -56.80 -7.43
N LYS B 438 17.11 -57.49 -6.35
CA LYS B 438 18.48 -57.96 -6.19
C LYS B 438 18.84 -59.03 -7.22
N ALA B 439 17.84 -59.79 -7.69
CA ALA B 439 18.08 -60.80 -8.71
C ALA B 439 18.11 -60.23 -10.12
N GLY B 440 17.92 -58.92 -10.27
CA GLY B 440 17.96 -58.28 -11.57
C GLY B 440 16.62 -58.11 -12.25
N LEU B 441 15.53 -58.55 -11.61
CA LEU B 441 14.19 -58.49 -12.20
C LEU B 441 13.64 -57.07 -12.14
N PRO B 442 12.91 -56.63 -13.16
CA PRO B 442 12.10 -55.41 -13.02
C PRO B 442 10.95 -55.64 -12.07
N ILE B 443 10.47 -54.54 -11.49
CA ILE B 443 9.35 -54.57 -10.56
C ILE B 443 8.25 -53.70 -11.15
N ASN B 444 7.08 -54.28 -11.39
CA ASN B 444 5.94 -53.54 -11.93
C ASN B 444 6.34 -52.75 -13.17
N ALA B 445 6.90 -53.46 -14.14
CA ALA B 445 7.32 -52.81 -15.37
C ALA B 445 6.11 -52.19 -16.08
N PRO B 446 6.22 -50.97 -16.59
CA PRO B 446 5.10 -50.37 -17.32
C PRO B 446 4.93 -51.04 -18.68
N VAL B 447 3.70 -51.41 -18.99
CA VAL B 447 3.40 -52.07 -20.25
C VAL B 447 2.88 -51.11 -21.31
N THR B 448 2.46 -49.91 -20.94
CA THR B 448 1.90 -48.94 -21.86
C THR B 448 2.84 -47.78 -22.07
N ASP B 449 2.62 -47.06 -23.17
CA ASP B 449 3.42 -45.87 -23.46
C ASP B 449 3.03 -44.75 -22.51
N GLU B 450 3.82 -43.68 -22.52
CA GLU B 450 3.60 -42.63 -21.52
C GLU B 450 2.34 -41.81 -21.80
N SER B 451 1.82 -41.83 -23.03
CA SER B 451 0.61 -41.08 -23.31
C SER B 451 -0.64 -41.79 -22.81
N THR B 452 -0.62 -43.14 -22.81
CA THR B 452 -1.77 -43.89 -22.29
C THR B 452 -1.80 -43.90 -20.76
N TYR B 453 -0.65 -44.13 -20.14
CA TYR B 453 -0.55 -44.18 -18.68
C TYR B 453 -1.07 -42.89 -18.04
N TYR B 454 -0.60 -41.71 -18.51
CA TYR B 454 -1.14 -40.46 -17.97
C TYR B 454 -2.44 -40.03 -18.64
N GLY B 455 -2.83 -40.67 -19.74
CA GLY B 455 -4.06 -40.31 -20.43
C GLY B 455 -5.30 -40.99 -19.88
N ARG B 456 -5.14 -42.21 -19.38
CA ARG B 456 -6.23 -42.99 -18.82
C ARG B 456 -5.93 -43.26 -17.35
N PHE B 457 -6.78 -42.74 -16.46
CA PHE B 457 -6.45 -42.76 -15.04
C PHE B 457 -6.37 -44.17 -14.49
N GLU B 458 -7.24 -45.06 -14.95
CA GLU B 458 -7.24 -46.41 -14.41
C GLU B 458 -6.01 -47.20 -14.87
N ALA B 459 -5.38 -46.80 -15.97
CA ALA B 459 -4.12 -47.41 -16.34
C ALA B 459 -3.05 -47.11 -15.31
N GLU B 460 -2.96 -45.85 -14.87
CA GLU B 460 -1.99 -45.50 -13.85
C GLU B 460 -2.39 -46.05 -12.49
N PHE B 461 -3.70 -46.12 -12.21
CA PHE B 461 -4.18 -46.63 -10.93
C PHE B 461 -3.82 -48.11 -10.73
N ARG B 462 -3.77 -48.89 -11.82
CA ARG B 462 -3.44 -50.31 -11.73
C ARG B 462 -1.93 -50.57 -11.68
N ASN B 463 -1.11 -49.55 -11.90
CA ASN B 463 0.34 -49.70 -11.86
C ASN B 463 0.94 -48.36 -11.43
N PHE B 464 0.66 -47.94 -10.19
CA PHE B 464 0.98 -46.58 -9.78
C PHE B 464 2.48 -46.40 -9.55
N TRP B 465 3.11 -47.34 -8.85
CA TRP B 465 4.56 -47.30 -8.61
C TRP B 465 5.21 -48.26 -9.60
N THR B 466 5.78 -47.72 -10.67
CA THR B 466 6.35 -48.56 -11.71
C THR B 466 7.81 -48.89 -11.39
N ASN B 467 8.43 -49.63 -12.31
CA ASN B 467 9.82 -50.04 -12.16
C ASN B 467 10.74 -48.84 -11.99
N GLY B 468 10.47 -47.75 -12.69
CA GLY B 468 11.30 -46.57 -12.56
C GLY B 468 11.31 -46.02 -11.14
N SER B 469 10.15 -46.05 -10.47
CA SER B 469 10.07 -45.51 -9.12
C SER B 469 10.83 -46.38 -8.12
N TYR B 470 10.70 -47.70 -8.23
CA TYR B 470 11.42 -48.57 -7.32
C TYR B 470 12.93 -48.45 -7.51
N TYR B 471 13.37 -48.31 -8.76
CA TYR B 471 14.80 -48.08 -9.00
C TYR B 471 15.23 -46.73 -8.46
N CYS B 472 14.43 -45.68 -8.68
CA CYS B 472 14.74 -44.37 -8.12
C CYS B 472 15.00 -44.45 -6.63
N ILE B 473 14.18 -45.22 -5.92
CA ILE B 473 14.28 -45.28 -4.46
C ILE B 473 15.37 -46.26 -4.04
N PHE B 474 15.35 -47.48 -4.60
CA PHE B 474 16.32 -48.49 -4.18
C PHE B 474 17.73 -48.09 -4.58
N ALA B 475 17.93 -47.72 -5.84
CA ALA B 475 19.27 -47.30 -6.28
C ALA B 475 19.66 -45.96 -5.68
N GLY B 476 18.69 -45.06 -5.52
CA GLY B 476 19.00 -43.78 -4.89
C GLY B 476 19.54 -43.95 -3.48
N LEU B 477 19.01 -44.92 -2.74
CA LEU B 477 19.49 -45.21 -1.40
C LEU B 477 20.73 -46.09 -1.38
N GLY B 478 21.28 -46.43 -2.56
CA GLY B 478 22.53 -47.18 -2.62
C GLY B 478 22.36 -48.68 -2.76
N LEU B 479 21.14 -49.18 -2.87
CA LEU B 479 20.89 -50.60 -3.04
C LEU B 479 20.93 -50.96 -4.51
N ARG B 480 21.78 -51.92 -4.87
CA ARG B 480 21.95 -52.33 -6.26
C ARG B 480 21.77 -53.83 -6.38
N PRO B 481 21.34 -54.31 -7.55
CA PRO B 481 21.13 -55.75 -7.72
C PRO B 481 22.42 -56.54 -7.49
N ASP B 482 22.26 -57.77 -6.98
CA ASP B 482 23.40 -58.66 -6.83
C ASP B 482 24.09 -58.91 -8.17
N ASN B 483 23.33 -58.88 -9.26
CA ASN B 483 23.84 -59.12 -10.60
C ASN B 483 22.81 -58.61 -11.59
N PRO B 484 23.22 -58.33 -12.82
CA PRO B 484 22.25 -57.85 -13.82
C PRO B 484 21.26 -58.96 -14.20
N LEU B 485 20.21 -58.54 -14.88
CA LEU B 485 19.21 -59.45 -15.44
C LEU B 485 19.91 -60.54 -16.25
N PRO B 486 19.78 -61.82 -15.86
CA PRO B 486 20.59 -62.87 -16.53
C PRO B 486 20.40 -62.94 -18.03
N MET B 487 19.22 -62.61 -18.55
CA MET B 487 18.99 -62.70 -19.98
C MET B 487 19.90 -61.73 -20.74
N LEU B 488 20.31 -60.64 -20.10
CA LEU B 488 21.16 -59.67 -20.78
C LEU B 488 22.52 -60.24 -21.13
N ARG B 489 22.99 -61.25 -20.38
CA ARG B 489 24.26 -61.89 -20.71
C ARG B 489 24.17 -62.70 -22.00
N HIS B 490 22.97 -63.13 -22.38
CA HIS B 490 22.77 -63.86 -23.63
C HIS B 490 22.53 -62.94 -24.81
N ARG B 491 22.32 -61.65 -24.58
CA ARG B 491 22.01 -60.70 -25.66
C ARG B 491 22.93 -59.49 -25.58
N PRO B 492 24.25 -59.69 -25.73
CA PRO B 492 25.17 -58.54 -25.60
C PRO B 492 25.00 -57.50 -26.70
N GLU B 493 24.44 -57.87 -27.86
CA GLU B 493 24.18 -56.87 -28.87
C GLU B 493 23.10 -55.88 -28.42
N GLN B 494 22.15 -56.33 -27.61
CA GLN B 494 21.17 -55.41 -27.03
C GLN B 494 21.85 -54.43 -26.09
N VAL B 495 22.81 -54.90 -25.30
CA VAL B 495 23.53 -54.02 -24.39
C VAL B 495 24.36 -53.00 -25.17
N ARG B 496 25.00 -53.45 -26.26
CA ARG B 496 25.75 -52.51 -27.10
C ARG B 496 24.82 -51.48 -27.73
N GLU B 497 23.67 -51.92 -28.23
CA GLU B 497 22.72 -50.99 -28.86
C GLU B 497 22.15 -50.01 -27.86
N ALA B 498 21.84 -50.49 -26.65
CA ALA B 498 21.16 -49.66 -25.65
C ALA B 498 21.99 -48.47 -25.19
N GLN B 499 23.30 -48.44 -25.49
CA GLN B 499 24.12 -47.30 -25.09
C GLN B 499 23.66 -46.02 -25.77
N ALA B 500 23.05 -46.14 -26.95
CA ALA B 500 22.54 -44.96 -27.64
C ALA B 500 21.45 -44.26 -26.83
N LEU B 501 20.68 -45.01 -26.03
CA LEU B 501 19.68 -44.38 -25.17
C LEU B 501 20.33 -43.48 -24.12
N PHE B 502 21.43 -43.94 -23.51
CA PHE B 502 22.14 -43.11 -22.55
C PHE B 502 22.75 -41.88 -23.21
N ALA B 503 23.25 -42.03 -24.43
CA ALA B 503 23.77 -40.89 -25.17
C ALA B 503 22.65 -39.90 -25.51
N GLY B 504 21.43 -40.41 -25.71
CA GLY B 504 20.30 -39.52 -25.94
C GLY B 504 19.90 -38.76 -24.70
N VAL B 505 19.95 -39.41 -23.53
CA VAL B 505 19.64 -38.71 -22.29
C VAL B 505 20.66 -37.60 -22.05
N LYS B 506 21.94 -37.88 -22.29
CA LYS B 506 22.96 -36.85 -22.13
C LYS B 506 22.75 -35.69 -23.09
N ASP B 507 22.31 -35.99 -24.33
CA ASP B 507 22.03 -34.91 -25.28
C ASP B 507 20.84 -34.08 -24.82
N LYS B 508 19.75 -34.75 -24.41
CA LYS B 508 18.58 -34.03 -23.92
C LYS B 508 18.93 -33.23 -22.67
N GLN B 509 19.78 -33.77 -21.80
CA GLN B 509 20.18 -33.04 -20.60
C GLN B 509 20.84 -31.71 -20.94
N ARG B 510 21.74 -31.70 -21.93
CA ARG B 510 22.39 -30.46 -22.31
C ARG B 510 21.41 -29.51 -22.99
N GLU B 511 20.49 -30.05 -23.79
CA GLU B 511 19.52 -29.20 -24.48
C GLU B 511 18.58 -28.52 -23.50
N LEU B 512 18.13 -29.24 -22.47
CA LEU B 512 17.24 -28.65 -21.49
C LEU B 512 17.93 -27.55 -20.69
N VAL B 513 19.17 -27.79 -20.26
CA VAL B 513 19.89 -26.78 -19.49
C VAL B 513 20.22 -25.57 -20.37
N GLU B 514 20.56 -25.80 -21.63
CA GLU B 514 21.00 -24.71 -22.49
C GLU B 514 19.87 -23.88 -23.08
N THR B 515 18.65 -24.44 -23.20
CA THR B 515 17.57 -23.75 -23.89
C THR B 515 16.33 -23.47 -23.04
N LEU B 516 16.10 -24.23 -21.98
CA LEU B 516 14.90 -24.00 -21.17
C LEU B 516 15.06 -22.72 -20.34
N PRO B 517 13.96 -22.00 -20.12
CA PRO B 517 13.99 -20.88 -19.17
C PRO B 517 14.02 -21.40 -17.75
N SER B 518 14.40 -20.52 -16.83
CA SER B 518 14.43 -20.89 -15.42
C SER B 518 13.01 -21.03 -14.89
N ASN B 519 12.87 -21.85 -13.84
CA ASN B 519 11.57 -22.00 -13.17
C ASN B 519 11.05 -20.64 -12.72
N LEU B 520 11.93 -19.77 -12.23
CA LEU B 520 11.52 -18.43 -11.79
C LEU B 520 10.99 -17.62 -12.97
N GLU B 521 11.67 -17.69 -14.12
CA GLU B 521 11.21 -16.94 -15.29
C GLU B 521 9.80 -17.34 -15.70
N PHE B 522 9.48 -18.63 -15.64
CA PHE B 522 8.14 -19.06 -16.03
C PHE B 522 7.11 -18.62 -15.00
N LEU B 523 7.42 -18.75 -13.72
CA LEU B 523 6.48 -18.33 -12.68
C LEU B 523 6.17 -16.85 -12.76
N ARG B 524 7.19 -16.03 -13.07
CA ARG B 524 6.96 -14.60 -13.19
C ARG B 524 6.19 -14.25 -14.47
N SER B 525 6.34 -15.07 -15.51
CA SER B 525 5.52 -14.89 -16.70
C SER B 525 4.09 -15.35 -16.49
N LEU B 526 3.86 -16.17 -15.48
CA LEU B 526 2.54 -16.73 -15.23
C LEU B 526 1.78 -16.01 -14.13
N HIS B 527 2.47 -15.51 -13.11
CA HIS B 527 1.84 -14.77 -12.02
C HIS B 527 2.01 -13.26 -12.15
N GLY B 528 2.98 -12.80 -12.94
CA GLY B 528 3.25 -11.38 -13.07
C GLY B 528 4.62 -11.00 -12.56
N ASP C 2 -10.77 30.68 23.46
CA ASP C 2 -9.57 29.85 23.32
C ASP C 2 -8.43 30.67 22.73
N ASN C 3 -7.27 30.62 23.38
CA ASN C 3 -6.14 31.48 23.06
C ASN C 3 -5.04 30.78 22.27
N ARG C 4 -5.21 29.53 21.88
CA ARG C 4 -4.11 28.82 21.25
C ARG C 4 -3.99 29.20 19.78
N ILE C 5 -2.74 29.16 19.28
CA ILE C 5 -2.46 29.48 17.88
C ILE C 5 -3.26 28.58 16.97
N ASN C 6 -3.85 29.16 15.93
CA ASN C 6 -4.66 28.43 14.96
C ASN C 6 -4.01 28.31 13.58
N ARG C 7 -3.30 29.36 13.14
CA ARG C 7 -2.77 29.39 11.77
C ARG C 7 -1.33 29.88 11.79
N ILE C 8 -0.47 29.17 11.08
CA ILE C 8 0.94 29.52 10.93
C ILE C 8 1.22 29.71 9.45
N VAL C 9 1.93 30.79 9.12
CA VAL C 9 2.36 31.06 7.75
C VAL C 9 3.88 31.12 7.73
N ILE C 10 4.48 30.39 6.80
CA ILE C 10 5.93 30.35 6.63
C ILE C 10 6.27 31.02 5.31
N LEU C 11 7.23 31.94 5.35
CA LEU C 11 7.67 32.67 4.16
C LEU C 11 9.03 32.11 3.73
N GLY C 12 9.06 31.47 2.57
CA GLY C 12 10.30 30.96 2.02
C GLY C 12 10.36 29.45 2.11
N GLY C 13 10.82 28.83 1.03
CA GLY C 13 11.05 27.40 1.03
C GLY C 13 12.46 27.05 1.44
N GLY C 14 13.19 26.35 0.57
CA GLY C 14 14.52 25.92 0.91
C GLY C 14 14.48 24.88 2.02
N THR C 15 15.65 24.64 2.60
CA THR C 15 15.73 23.69 3.70
C THR C 15 15.10 24.25 4.97
N ALA C 16 15.35 25.54 5.24
CA ALA C 16 14.80 26.14 6.47
C ALA C 16 13.28 26.10 6.48
N GLY C 17 12.65 26.48 5.37
CA GLY C 17 11.20 26.54 5.34
C GLY C 17 10.54 25.18 5.47
N TRP C 18 11.07 24.19 4.73
CA TRP C 18 10.41 22.89 4.71
C TRP C 18 10.77 22.02 5.92
N MET C 19 11.96 22.22 6.51
CA MET C 19 12.20 21.61 7.82
C MET C 19 11.25 22.18 8.87
N THR C 20 11.03 23.49 8.82
CA THR C 20 10.10 24.12 9.76
C THR C 20 8.69 23.60 9.54
N ALA C 21 8.23 23.60 8.29
CA ALA C 21 6.87 23.16 7.99
C ALA C 21 6.67 21.70 8.41
N SER C 22 7.63 20.84 8.10
CA SER C 22 7.49 19.43 8.43
C SER C 22 7.47 19.22 9.94
N TYR C 23 8.40 19.85 10.66
CA TYR C 23 8.50 19.63 12.10
C TYR C 23 7.28 20.18 12.82
N LEU C 24 6.87 21.41 12.48
CA LEU C 24 5.71 22.00 13.15
C LEU C 24 4.43 21.23 12.83
N ALA C 25 4.25 20.83 11.57
CA ALA C 25 3.05 20.08 11.20
C ALA C 25 2.97 18.75 11.95
N LYS C 26 4.12 18.09 12.13
CA LYS C 26 4.13 16.85 12.90
C LYS C 26 3.83 17.11 14.37
N ALA C 27 4.38 18.20 14.93
CA ALA C 27 4.25 18.46 16.36
C ALA C 27 2.84 18.96 16.71
N LEU C 28 2.24 19.77 15.84
CA LEU C 28 0.96 20.38 16.15
C LEU C 28 -0.23 19.65 15.55
N GLY C 29 -0.03 18.83 14.52
CA GLY C 29 -1.10 18.03 13.97
C GLY C 29 -2.26 18.87 13.47
N ASP C 30 -3.48 18.41 13.74
CA ASP C 30 -4.69 19.08 13.29
C ASP C 30 -4.94 20.41 13.97
N THR C 31 -4.23 20.71 15.07
CA THR C 31 -4.56 21.89 15.87
C THR C 31 -4.27 23.20 15.15
N VAL C 32 -3.40 23.18 14.14
CA VAL C 32 -3.09 24.38 13.37
C VAL C 32 -3.05 24.03 11.89
N THR C 33 -3.42 25.01 11.06
CA THR C 33 -3.18 24.92 9.62
C THR C 33 -1.86 25.61 9.32
N ILE C 34 -1.05 24.98 8.49
CA ILE C 34 0.28 25.49 8.16
C ILE C 34 0.35 25.77 6.66
N THR C 35 0.75 26.98 6.31
CA THR C 35 0.87 27.40 4.92
C THR C 35 2.26 27.94 4.67
N LEU C 36 2.85 27.58 3.55
CA LEU C 36 4.19 28.02 3.17
C LEU C 36 4.12 28.71 1.81
N LEU C 37 4.65 29.93 1.75
CA LEU C 37 4.68 30.73 0.53
C LEU C 37 6.11 30.82 0.03
N GLU C 38 6.32 30.49 -1.24
CA GLU C 38 7.66 30.58 -1.82
C GLU C 38 7.55 30.73 -3.34
N ALA C 39 8.61 31.26 -3.93
CA ALA C 39 8.72 31.49 -5.35
C ALA C 39 9.16 30.22 -6.07
N PRO C 40 8.81 30.06 -7.36
CA PRO C 40 9.18 28.83 -8.06
C PRO C 40 10.66 28.80 -8.45
N GLY C 46 24.03 22.58 -6.91
CA GLY C 46 24.26 21.72 -5.76
C GLY C 46 25.72 21.63 -5.37
N VAL C 47 26.12 22.46 -4.40
CA VAL C 47 27.51 22.51 -3.95
C VAL C 47 27.72 21.77 -2.64
N GLY C 48 26.69 21.10 -2.13
CA GLY C 48 26.84 20.22 -0.99
C GLY C 48 26.60 20.92 0.34
N GLU C 49 26.19 20.12 1.33
CA GLU C 49 26.00 20.61 2.68
C GLU C 49 26.30 19.48 3.66
N ALA C 50 26.95 19.83 4.77
CA ALA C 50 27.31 18.87 5.80
C ALA C 50 26.47 19.13 7.06
N THR C 51 26.38 18.11 7.91
CA THR C 51 25.47 18.13 9.04
C THR C 51 26.17 17.59 10.28
N VAL C 52 25.41 17.48 11.37
CA VAL C 52 25.91 16.93 12.63
C VAL C 52 24.97 15.80 13.05
N PRO C 53 25.46 14.87 13.88
CA PRO C 53 24.70 13.63 14.14
C PRO C 53 23.26 13.82 14.64
N ASN C 54 22.97 14.86 15.43
CA ASN C 54 21.64 14.98 16.01
C ASN C 54 20.55 15.20 14.97
N LEU C 55 20.89 15.38 13.70
CA LEU C 55 19.88 15.63 12.68
C LEU C 55 18.90 14.48 12.56
N GLN C 56 19.39 13.24 12.68
CA GLN C 56 18.49 12.10 12.56
C GLN C 56 17.63 11.95 13.81
N ARG C 57 18.23 12.08 14.99
CA ARG C 57 17.48 11.85 16.23
C ARG C 57 16.46 12.96 16.48
N VAL C 58 16.83 14.21 16.21
CA VAL C 58 15.98 15.34 16.56
C VAL C 58 14.97 15.65 15.45
N PHE C 59 15.38 15.58 14.18
CA PHE C 59 14.50 15.96 13.08
C PHE C 59 13.88 14.75 12.39
N PHE C 60 14.69 13.89 11.78
CA PHE C 60 14.13 12.83 10.95
C PHE C 60 13.40 11.78 11.79
N ASP C 61 13.98 11.38 12.92
CA ASP C 61 13.28 10.45 13.81
C ASP C 61 11.94 11.01 14.25
N PHE C 62 11.89 12.31 14.56
CA PHE C 62 10.64 12.93 14.95
C PHE C 62 9.60 12.81 13.85
N LEU C 63 10.04 12.88 12.59
CA LEU C 63 9.15 12.69 11.45
C LEU C 63 8.88 11.22 11.15
N GLY C 64 9.58 10.29 11.79
CA GLY C 64 9.42 8.89 11.49
C GLY C 64 10.12 8.43 10.23
N LEU C 65 11.13 9.16 9.78
CA LEU C 65 11.84 8.89 8.53
C LEU C 65 13.20 8.30 8.86
N ARG C 66 13.38 7.03 8.53
CA ARG C 66 14.65 6.35 8.72
C ARG C 66 15.65 6.77 7.63
N GLU C 67 16.93 6.59 7.93
CA GLU C 67 17.98 6.90 6.95
C GLU C 67 17.77 6.14 5.65
N GLU C 68 17.27 4.91 5.71
CA GLU C 68 16.99 4.13 4.51
C GLU C 68 15.93 4.81 3.63
N GLU C 69 15.12 5.69 4.20
CA GLU C 69 14.08 6.38 3.44
C GLU C 69 14.61 7.65 2.77
N TRP C 70 15.19 8.56 3.56
CA TRP C 70 15.52 9.88 3.03
C TRP C 70 16.89 9.96 2.37
N MET C 71 17.87 9.14 2.79
CA MET C 71 19.18 9.19 2.14
C MET C 71 19.14 8.86 0.66
N PRO C 72 18.46 7.80 0.20
CA PRO C 72 18.40 7.58 -1.25
C PRO C 72 17.70 8.70 -2.00
N GLU C 73 16.81 9.43 -1.34
CA GLU C 73 16.06 10.50 -1.98
C GLU C 73 16.85 11.80 -2.13
N CYS C 74 18.02 11.91 -1.50
CA CYS C 74 18.79 13.14 -1.56
CA CYS C 74 18.79 13.14 -1.52
C CYS C 74 20.26 12.89 -1.84
N ASN C 75 20.60 11.72 -2.39
CA ASN C 75 21.98 11.37 -2.74
C ASN C 75 22.93 11.58 -1.56
N ALA C 76 22.48 11.21 -0.37
CA ALA C 76 23.21 11.52 0.85
C ALA C 76 24.39 10.56 1.04
N ALA C 77 25.48 11.08 1.58
CA ALA C 77 26.66 10.31 1.95
C ALA C 77 26.89 10.45 3.44
N PHE C 78 28.03 9.95 3.91
CA PHE C 78 28.34 9.90 5.34
C PHE C 78 29.47 10.84 5.70
N LYS C 79 29.38 11.44 6.88
CA LYS C 79 30.40 12.32 7.42
C LYS C 79 30.82 11.80 8.79
N THR C 80 32.11 11.50 8.93
CA THR C 80 32.66 11.06 10.20
C THR C 80 33.39 12.16 10.95
N ALA C 81 33.85 13.19 10.25
CA ALA C 81 34.57 14.30 10.85
C ALA C 81 34.66 15.42 9.83
N VAL C 82 35.31 16.50 10.22
CA VAL C 82 35.86 17.48 9.29
C VAL C 82 37.37 17.36 9.36
N LYS C 83 38.02 17.36 8.19
CA LYS C 83 39.47 17.24 8.09
C LYS C 83 40.04 18.58 7.67
N PHE C 84 40.89 19.16 8.52
CA PHE C 84 41.51 20.45 8.24
C PHE C 84 42.87 20.21 7.57
N ILE C 85 43.06 20.82 6.40
CA ILE C 85 44.23 20.56 5.58
C ILE C 85 45.02 21.86 5.43
N ASN C 86 46.31 21.80 5.80
CA ASN C 86 47.28 22.87 5.57
C ASN C 86 46.99 24.13 6.37
N TRP C 87 46.39 23.98 7.55
CA TRP C 87 46.14 25.13 8.42
C TRP C 87 47.35 25.52 9.26
N ARG C 88 48.44 24.73 9.21
CA ARG C 88 49.64 25.03 9.97
C ARG C 88 50.82 25.47 9.10
N THR C 89 50.80 25.18 7.80
CA THR C 89 51.95 25.42 6.96
C THR C 89 51.68 26.51 5.94
N PRO C 90 52.68 27.33 5.62
CA PRO C 90 52.51 28.35 4.59
C PRO C 90 52.46 27.74 3.21
N GLY C 91 51.88 28.49 2.27
CA GLY C 91 51.78 28.06 0.90
C GLY C 91 50.45 28.39 0.28
N PRO C 92 50.32 28.12 -1.02
CA PRO C 92 49.08 28.42 -1.73
C PRO C 92 48.01 27.38 -1.45
N GLY C 93 46.82 27.61 -1.99
CA GLY C 93 45.73 26.67 -1.87
C GLY C 93 46.00 25.38 -2.60
N GLU C 94 46.19 24.30 -1.86
CA GLU C 94 46.50 22.99 -2.43
C GLU C 94 45.59 21.94 -1.79
N ALA C 95 44.98 21.11 -2.64
CA ALA C 95 44.07 20.09 -2.14
C ALA C 95 44.81 19.03 -1.32
N LYS C 96 46.10 18.84 -1.57
CA LYS C 96 46.89 17.83 -0.88
C LYS C 96 47.63 18.44 0.30
N ALA C 97 47.71 17.68 1.39
CA ALA C 97 48.35 18.16 2.60
C ALA C 97 49.85 18.34 2.38
N ARG C 98 50.38 19.47 2.83
CA ARG C 98 51.82 19.66 2.84
C ARG C 98 52.43 18.84 3.97
N THR C 99 53.76 18.88 4.06
CA THR C 99 54.50 18.10 5.04
C THR C 99 55.13 19.02 6.07
N ILE C 100 54.75 18.84 7.34
CA ILE C 100 55.38 19.52 8.45
C ILE C 100 56.12 18.47 9.26
N ASP C 101 57.44 18.65 9.41
CA ASP C 101 58.30 17.63 10.03
C ASP C 101 58.20 16.32 9.29
N GLY C 102 57.55 15.36 9.92
CA GLY C 102 57.47 14.03 9.33
C GLY C 102 56.11 13.72 8.75
N ARG C 103 55.04 14.23 9.39
CA ARG C 103 53.67 13.87 9.06
C ARG C 103 53.04 14.92 8.16
N PRO C 104 51.98 14.57 7.43
CA PRO C 104 51.26 15.59 6.66
C PRO C 104 50.54 16.58 7.57
N ASP C 105 50.34 17.79 7.05
CA ASP C 105 49.66 18.85 7.80
C ASP C 105 48.15 18.68 7.64
N HIS C 106 47.60 17.76 8.43
CA HIS C 106 46.16 17.64 8.53
C HIS C 106 45.80 17.12 9.91
N PHE C 107 44.59 17.44 10.34
CA PHE C 107 44.06 16.91 11.59
C PHE C 107 42.56 16.77 11.46
N TYR C 108 41.98 15.91 12.30
CA TYR C 108 40.57 15.60 12.23
C TYR C 108 39.83 16.19 13.41
N HIS C 109 38.53 16.39 13.20
CA HIS C 109 37.60 16.83 14.24
C HIS C 109 36.40 15.89 14.18
N PRO C 110 36.49 14.73 14.83
CA PRO C 110 35.40 13.75 14.78
C PRO C 110 34.32 14.06 15.81
N PHE C 111 33.26 13.26 15.75
CA PHE C 111 32.15 13.37 16.67
C PHE C 111 32.41 12.48 17.89
N GLY C 112 31.41 12.37 18.77
CA GLY C 112 31.54 11.54 19.95
C GLY C 112 32.22 12.25 21.09
N LEU C 113 32.24 11.59 22.23
CA LEU C 113 32.88 12.11 23.44
C LEU C 113 34.11 11.29 23.77
N LEU C 114 35.14 11.95 24.27
CA LEU C 114 36.37 11.27 24.62
C LEU C 114 36.16 10.41 25.86
N PRO C 115 36.75 9.20 25.90
CA PRO C 115 36.68 8.40 27.12
C PRO C 115 37.43 9.09 28.26
N GLU C 116 37.14 8.63 29.47
CA GLU C 116 37.73 9.21 30.67
C GLU C 116 38.25 8.12 31.58
N HIS C 117 39.22 8.49 32.40
CA HIS C 117 39.75 7.63 33.46
C HIS C 117 39.97 8.48 34.69
N GLY C 118 39.46 8.04 35.83
CA GLY C 118 39.42 8.91 36.99
C GLY C 118 38.65 10.19 36.74
N GLN C 119 37.66 10.13 35.84
CA GLN C 119 36.88 11.30 35.43
C GLN C 119 37.76 12.41 34.85
N VAL C 120 38.85 12.03 34.20
CA VAL C 120 39.73 12.95 33.49
C VAL C 120 39.74 12.53 32.03
N PRO C 121 39.49 13.44 31.09
CA PRO C 121 39.40 13.04 29.68
C PRO C 121 40.73 12.53 29.14
N LEU C 122 40.62 11.66 28.14
CA LEU C 122 41.81 11.07 27.52
C LEU C 122 42.75 12.14 26.98
N SER C 123 42.20 13.27 26.53
CA SER C 123 43.01 14.36 26.00
C SER C 123 44.05 14.83 27.00
N HIS C 124 43.73 14.79 28.30
CA HIS C 124 44.67 15.29 29.31
C HIS C 124 45.78 14.30 29.60
N TYR C 125 45.56 13.01 29.35
CA TYR C 125 46.64 12.04 29.45
C TYR C 125 47.53 12.10 28.21
N TRP C 126 46.97 12.46 27.06
CA TRP C 126 47.80 12.73 25.89
C TRP C 126 48.69 13.95 26.13
N ALA C 127 48.09 15.02 26.67
CA ALA C 127 48.87 16.21 27.01
C ALA C 127 49.94 15.91 28.06
N TYR C 128 49.64 15.00 28.99
CA TYR C 128 50.65 14.58 29.96
C TYR C 128 51.82 13.91 29.26
N ASN C 129 51.54 13.01 28.31
CA ASN C 129 52.61 12.28 27.63
C ASN C 129 53.38 13.17 26.66
N ARG C 130 52.73 14.18 26.09
CA ARG C 130 53.44 15.10 25.21
C ARG C 130 54.37 16.01 26.01
N ALA C 131 53.89 16.55 27.13
CA ALA C 131 54.72 17.43 27.94
C ALA C 131 55.87 16.67 28.60
N ALA C 132 55.68 15.38 28.87
CA ALA C 132 56.78 14.56 29.37
C ALA C 132 57.72 14.11 28.26
N GLY C 133 57.38 14.36 27.00
CA GLY C 133 58.23 13.96 25.88
C GLY C 133 58.25 12.48 25.60
N THR C 134 57.38 11.69 26.24
CA THR C 134 57.38 10.25 26.03
C THR C 134 56.67 9.84 24.76
N THR C 135 56.02 10.77 24.07
CA THR C 135 55.43 10.50 22.76
C THR C 135 55.39 11.81 21.98
N ASP C 136 55.32 11.68 20.65
CA ASP C 136 55.09 12.82 19.77
C ASP C 136 53.90 12.58 18.85
N GLU C 137 53.07 11.59 19.15
CA GLU C 137 51.91 11.29 18.32
C GLU C 137 50.91 12.45 18.36
N PRO C 138 50.30 12.79 17.23
CA PRO C 138 49.26 13.83 17.23
C PRO C 138 48.05 13.44 18.06
N PHE C 139 47.35 14.46 18.55
CA PHE C 139 46.24 14.24 19.47
C PHE C 139 45.14 13.39 18.86
N ASP C 140 44.78 13.66 17.61
CA ASP C 140 43.62 12.98 17.03
C ASP C 140 43.91 11.50 16.77
N TYR C 141 45.11 11.18 16.30
CA TYR C 141 45.46 9.79 16.06
C TYR C 141 45.61 9.01 17.37
N ALA C 142 45.96 9.70 18.46
CA ALA C 142 46.10 9.02 19.75
C ALA C 142 44.76 8.77 20.43
N CYS C 143 43.79 9.68 20.24
CA CYS C 143 42.57 9.66 21.03
C CYS C 143 41.32 9.27 20.25
N PHE C 144 41.36 9.26 18.92
CA PHE C 144 40.18 8.98 18.11
C PHE C 144 40.46 7.82 17.17
N ALA C 145 39.77 6.70 17.39
CA ALA C 145 39.89 5.56 16.48
C ALA C 145 39.39 5.89 15.09
N GLU C 146 38.54 6.91 14.95
CA GLU C 146 37.97 7.26 13.65
C GLU C 146 39.02 7.67 12.64
N THR C 147 40.15 8.22 13.11
CA THR C 147 41.17 8.71 12.18
C THR C 147 41.68 7.61 11.27
N ALA C 148 41.86 6.40 11.81
CA ALA C 148 42.34 5.28 10.99
C ALA C 148 41.28 4.84 10.00
N ALA C 149 40.03 4.70 10.44
CA ALA C 149 38.95 4.32 9.53
C ALA C 149 38.76 5.35 8.42
N MET C 150 39.02 6.62 8.72
CA MET C 150 38.86 7.70 7.76
C MET C 150 39.99 7.73 6.75
N ASP C 151 41.23 7.51 7.20
CA ASP C 151 42.36 7.40 6.28
C ASP C 151 42.17 6.24 5.31
N ALA C 152 41.49 5.18 5.73
CA ALA C 152 41.20 4.03 4.88
C ALA C 152 39.82 4.11 4.23
N VAL C 153 39.25 5.32 4.15
CA VAL C 153 37.93 5.64 3.59
C VAL C 153 36.91 4.54 3.88
N ARG C 154 36.72 4.22 5.17
CA ARG C 154 35.75 3.24 5.60
C ARG C 154 34.38 3.86 5.77
N ALA C 155 33.35 3.03 5.69
CA ALA C 155 32.01 3.45 6.06
C ALA C 155 31.91 3.56 7.58
N PRO C 156 30.99 4.39 8.09
CA PRO C 156 30.85 4.54 9.54
C PRO C 156 30.15 3.37 10.22
N LYS C 157 29.68 2.38 9.47
CA LYS C 157 28.99 1.24 10.04
C LYS C 157 29.15 0.05 9.11
N TRP C 158 28.93 -1.14 9.67
CA TRP C 158 29.03 -2.36 8.88
C TRP C 158 27.79 -2.54 8.02
N LEU C 159 27.85 -3.54 7.14
CA LEU C 159 26.78 -3.75 6.16
C LEU C 159 25.43 -4.00 6.83
N ASP C 160 25.42 -4.67 7.99
CA ASP C 160 24.18 -4.97 8.69
C ASP C 160 23.57 -3.76 9.39
N GLY C 161 24.24 -2.61 9.36
CA GLY C 161 23.72 -1.41 9.99
C GLY C 161 24.25 -1.12 11.38
N ARG C 162 25.07 -2.01 11.93
CA ARG C 162 25.66 -1.81 13.24
C ARG C 162 26.60 -0.62 13.23
N PRO C 163 26.34 0.44 13.98
CA PRO C 163 27.22 1.62 13.94
C PRO C 163 28.55 1.34 14.60
N ALA C 164 29.62 1.77 13.93
CA ALA C 164 30.96 1.68 14.52
C ALA C 164 31.37 2.96 15.20
N THR C 165 30.88 4.11 14.70
CA THR C 165 31.24 5.42 15.23
C THR C 165 30.01 6.32 15.16
N ARG C 166 30.12 7.49 15.78
CA ARG C 166 29.13 8.54 15.60
C ARG C 166 29.37 9.24 14.26
N TYR C 167 28.31 9.50 13.52
CA TYR C 167 28.47 10.01 12.17
C TYR C 167 27.33 10.96 11.81
N ALA C 168 27.59 11.77 10.78
CA ALA C 168 26.59 12.68 10.24
C ALA C 168 26.48 12.41 8.73
N TRP C 169 26.03 13.41 7.98
CA TRP C 169 25.67 13.20 6.58
C TRP C 169 26.13 14.36 5.70
N HIS C 170 26.52 14.02 4.48
CA HIS C 170 26.61 14.94 3.36
C HIS C 170 25.40 14.74 2.47
N PHE C 171 24.87 15.84 1.93
CA PHE C 171 23.79 15.71 0.94
C PHE C 171 23.65 17.01 0.17
N ASP C 172 22.89 16.95 -0.92
CA ASP C 172 22.52 18.14 -1.66
C ASP C 172 21.29 18.75 -0.99
N ALA C 173 21.41 20.00 -0.53
CA ALA C 173 20.33 20.61 0.24
C ALA C 173 19.06 20.71 -0.59
N HIS C 174 19.18 20.97 -1.90
CA HIS C 174 18.01 21.13 -2.76
C HIS C 174 17.16 19.87 -2.77
N LEU C 175 17.78 18.70 -2.91
CA LEU C 175 17.01 17.45 -2.91
C LEU C 175 16.37 17.19 -1.56
N VAL C 176 17.03 17.58 -0.46
CA VAL C 176 16.42 17.45 0.86
C VAL C 176 15.16 18.28 0.95
N ALA C 177 15.23 19.55 0.53
CA ALA C 177 14.06 20.41 0.55
C ALA C 177 12.93 19.83 -0.28
N GLU C 178 13.24 19.32 -1.47
CA GLU C 178 12.21 18.72 -2.31
C GLU C 178 11.60 17.49 -1.63
N PHE C 179 12.45 16.65 -1.01
CA PHE C 179 11.94 15.48 -0.29
C PHE C 179 11.02 15.90 0.85
N LEU C 180 11.38 16.96 1.57
CA LEU C 180 10.56 17.43 2.67
C LEU C 180 9.32 18.17 2.20
N ARG C 181 9.41 18.89 1.08
CA ARG C 181 8.22 19.51 0.50
C ARG C 181 7.17 18.46 0.17
N ARG C 182 7.59 17.36 -0.47
CA ARG C 182 6.65 16.30 -0.81
C ARG C 182 6.08 15.65 0.44
N HIS C 183 6.93 15.36 1.42
CA HIS C 183 6.47 14.74 2.65
C HIS C 183 5.49 15.65 3.40
N ALA C 184 5.81 16.94 3.50
CA ALA C 184 4.98 17.86 4.25
C ALA C 184 3.62 18.09 3.57
N THR C 185 3.61 18.27 2.26
CA THR C 185 2.36 18.57 1.58
C THR C 185 1.48 17.34 1.44
N GLU C 186 2.08 16.17 1.26
CA GLU C 186 1.31 14.97 0.95
C GLU C 186 0.92 14.16 2.19
N ARG C 187 1.73 14.19 3.24
CA ARG C 187 1.43 13.43 4.44
C ARG C 187 1.20 14.27 5.69
N LEU C 188 1.58 15.55 5.69
CA LEU C 188 1.41 16.41 6.85
C LEU C 188 0.41 17.54 6.63
N ASN C 189 -0.25 17.58 5.47
CA ASN C 189 -1.33 18.53 5.18
C ASN C 189 -0.86 19.98 5.20
N VAL C 190 0.41 20.23 4.91
CA VAL C 190 0.90 21.59 4.73
C VAL C 190 0.48 22.10 3.37
N GLU C 191 -0.02 23.33 3.33
CA GLU C 191 -0.41 23.95 2.07
C GLU C 191 0.78 24.69 1.47
N HIS C 192 1.17 24.28 0.27
CA HIS C 192 2.21 24.97 -0.49
C HIS C 192 1.55 25.99 -1.40
N VAL C 193 1.92 27.26 -1.25
CA VAL C 193 1.39 28.34 -2.07
C VAL C 193 2.53 28.87 -2.93
N GLN C 194 2.42 28.66 -4.23
CA GLN C 194 3.42 29.12 -5.19
C GLN C 194 3.09 30.55 -5.58
N GLY C 195 4.02 31.48 -5.32
CA GLY C 195 3.80 32.85 -5.70
C GLY C 195 4.84 33.76 -5.06
N GLU C 196 4.60 35.06 -5.24
CA GLU C 196 5.46 36.11 -4.70
C GLU C 196 4.66 36.97 -3.73
N MET C 197 5.29 37.34 -2.63
CA MET C 197 4.67 38.22 -1.65
C MET C 197 4.74 39.67 -2.11
N GLN C 198 3.64 40.38 -1.93
CA GLN C 198 3.53 41.79 -2.30
C GLN C 198 3.56 42.72 -1.10
N GLN C 199 2.74 42.46 -0.08
CA GLN C 199 2.64 43.31 1.09
C GLN C 199 2.61 42.46 2.35
N VAL C 200 3.20 42.99 3.42
CA VAL C 200 3.10 42.41 4.75
C VAL C 200 2.07 43.22 5.52
N LEU C 201 0.92 42.61 5.81
CA LEU C 201 -0.16 43.30 6.48
C LEU C 201 0.01 43.20 7.99
N ARG C 202 -0.04 44.36 8.66
N ARG C 202 -0.03 44.36 8.66
CA ARG C 202 0.18 44.44 10.10
CA ARG C 202 0.18 44.44 10.10
C ARG C 202 -0.92 45.26 10.75
C ARG C 202 -0.94 45.24 10.74
N ASP C 203 -1.24 44.92 12.00
CA ASP C 203 -2.31 45.57 12.73
C ASP C 203 -1.76 46.82 13.44
N GLU C 204 -2.59 47.45 14.28
CA GLU C 204 -2.21 48.70 14.92
C GLU C 204 -1.11 48.51 15.97
N ARG C 205 -0.88 47.29 16.43
CA ARG C 205 0.16 47.03 17.41
C ARG C 205 1.43 46.45 16.79
N GLY C 206 1.48 46.33 15.46
CA GLY C 206 2.68 45.88 14.79
C GLY C 206 2.75 44.40 14.50
N PHE C 207 1.79 43.62 14.98
CA PHE C 207 1.76 42.19 14.69
C PHE C 207 1.30 41.95 13.27
N ILE C 208 1.96 41.00 12.59
CA ILE C 208 1.56 40.63 11.24
C ILE C 208 0.25 39.86 11.31
N THR C 209 -0.69 40.22 10.44
CA THR C 209 -1.95 39.50 10.35
C THR C 209 -2.07 38.64 9.10
N ALA C 210 -1.39 39.00 8.02
CA ALA C 210 -1.49 38.24 6.78
C ALA C 210 -0.35 38.62 5.86
N LEU C 211 0.00 37.69 4.98
CA LEU C 211 0.90 37.94 3.86
C LEU C 211 0.07 37.98 2.59
N ARG C 212 0.19 39.08 1.84
CA ARG C 212 -0.59 39.27 0.61
C ARG C 212 0.30 38.97 -0.59
N THR C 213 -0.14 38.03 -1.42
CA THR C 213 0.61 37.67 -2.61
C THR C 213 0.26 38.59 -3.78
N VAL C 214 1.16 38.63 -4.77
CA VAL C 214 0.93 39.44 -5.95
C VAL C 214 -0.32 38.99 -6.68
N GLU C 215 -0.64 37.69 -6.63
CA GLU C 215 -1.83 37.17 -7.30
C GLU C 215 -3.12 37.70 -6.67
N GLY C 216 -3.06 38.23 -5.46
CA GLY C 216 -4.22 38.78 -4.80
C GLY C 216 -4.76 37.98 -3.64
N ARG C 217 -4.05 36.94 -3.19
CA ARG C 217 -4.50 36.10 -2.10
C ARG C 217 -3.89 36.58 -0.78
N ASP C 218 -4.67 36.53 0.29
CA ASP C 218 -4.21 36.87 1.63
C ASP C 218 -3.99 35.58 2.41
N LEU C 219 -2.76 35.37 2.87
CA LEU C 219 -2.40 34.22 3.70
C LEU C 219 -2.43 34.68 5.15
N GLU C 220 -3.55 34.46 5.82
CA GLU C 220 -3.75 34.96 7.17
C GLU C 220 -3.21 33.97 8.19
N GLY C 221 -2.77 34.50 9.33
CA GLY C 221 -2.22 33.65 10.37
C GLY C 221 -2.03 34.39 11.66
N ASP C 222 -1.67 33.64 12.69
CA ASP C 222 -1.34 34.19 14.00
C ASP C 222 0.15 34.23 14.27
N LEU C 223 0.91 33.31 13.66
CA LEU C 223 2.34 33.19 13.86
C LEU C 223 3.00 33.07 12.48
N PHE C 224 4.07 33.83 12.26
CA PHE C 224 4.70 33.89 10.95
C PHE C 224 6.18 33.56 11.09
N ILE C 225 6.65 32.63 10.27
CA ILE C 225 8.04 32.17 10.29
C ILE C 225 8.75 32.77 9.08
N ASP C 226 9.80 33.55 9.34
CA ASP C 226 10.60 34.14 8.26
C ASP C 226 11.71 33.16 7.90
N CYS C 227 11.55 32.48 6.78
CA CYS C 227 12.59 31.64 6.19
C CYS C 227 12.97 32.15 4.80
N SER C 228 12.93 33.46 4.60
CA SER C 228 13.16 34.05 3.28
C SER C 228 14.64 34.19 2.94
N GLY C 229 15.54 33.88 3.87
CA GLY C 229 16.96 33.95 3.58
C GLY C 229 17.58 35.27 4.01
N PHE C 230 18.71 35.58 3.38
CA PHE C 230 19.50 36.76 3.74
C PHE C 230 18.67 38.04 3.67
N ARG C 231 17.65 38.07 2.82
CA ARG C 231 16.85 39.29 2.68
C ARG C 231 16.07 39.61 3.95
N GLY C 232 15.64 38.58 4.68
CA GLY C 232 14.86 38.78 5.89
C GLY C 232 13.64 39.65 5.67
N LEU C 233 12.79 39.24 4.73
CA LEU C 233 11.67 40.10 4.30
C LEU C 233 10.73 40.41 5.46
N LEU C 234 10.55 39.47 6.38
CA LEU C 234 9.67 39.71 7.52
C LEU C 234 10.43 40.32 8.69
N ILE C 235 11.43 39.60 9.21
CA ILE C 235 12.06 39.99 10.47
C ILE C 235 12.83 41.30 10.31
N ASN C 236 13.54 41.47 9.19
CA ASN C 236 14.37 42.66 8.98
C ASN C 236 13.63 43.80 8.29
N LYS C 237 12.86 43.49 7.23
CA LYS C 237 12.22 44.54 6.44
C LYS C 237 10.86 44.94 7.00
N ALA C 238 9.98 43.97 7.23
CA ALA C 238 8.64 44.30 7.71
C ALA C 238 8.64 44.68 9.19
N MET C 239 9.34 43.89 10.01
CA MET C 239 9.42 44.16 11.45
C MET C 239 10.50 45.15 11.83
N GLU C 240 11.43 45.46 10.92
CA GLU C 240 12.47 46.47 11.13
C GLU C 240 13.45 46.10 12.25
N GLU C 241 13.62 44.81 12.52
CA GLU C 241 14.60 44.40 13.52
C GLU C 241 16.01 44.46 12.93
N PRO C 242 16.94 45.20 13.54
CA PRO C 242 18.26 45.36 12.93
C PRO C 242 19.09 44.08 13.00
N PHE C 243 19.95 43.92 11.99
CA PHE C 243 20.90 42.83 11.93
C PHE C 243 22.24 43.31 12.47
N ILE C 244 22.86 42.52 13.31
CA ILE C 244 24.15 42.87 13.91
C ILE C 244 25.25 42.29 13.04
N ASP C 245 25.97 43.15 12.33
CA ASP C 245 27.07 42.74 11.47
C ASP C 245 28.27 42.35 12.31
N MET C 246 28.70 41.09 12.20
CA MET C 246 29.85 40.60 12.94
C MET C 246 30.99 40.20 12.00
N ASN C 247 31.02 40.77 10.79
CA ASN C 247 32.11 40.55 9.85
C ASN C 247 33.43 41.13 10.34
N ASP C 248 33.41 41.99 11.36
CA ASP C 248 34.64 42.49 11.95
C ASP C 248 35.36 41.45 12.79
N GLN C 249 34.65 40.38 13.18
CA GLN C 249 35.22 39.28 13.95
C GLN C 249 35.53 38.07 13.09
N LEU C 250 34.68 37.78 12.10
CA LEU C 250 34.92 36.73 11.12
C LEU C 250 34.99 37.40 9.74
N LEU C 251 36.17 37.40 9.14
CA LEU C 251 36.39 38.17 7.93
C LEU C 251 35.80 37.53 6.68
N CYS C 252 35.54 36.23 6.71
CA CYS C 252 35.07 35.52 5.53
C CYS C 252 33.60 35.86 5.25
N ASN C 253 33.36 36.52 4.11
CA ASN C 253 32.02 36.97 3.77
C ASN C 253 31.67 36.70 2.30
N ARG C 254 32.44 35.86 1.62
CA ARG C 254 32.23 35.56 0.21
C ARG C 254 32.51 34.09 -0.04
N ALA C 255 31.98 33.58 -1.16
CA ALA C 255 32.29 32.22 -1.58
C ALA C 255 32.12 32.10 -3.08
N VAL C 256 33.00 31.30 -3.68
CA VAL C 256 32.84 30.80 -5.04
C VAL C 256 32.83 29.28 -4.96
N ALA C 257 31.78 28.68 -5.52
CA ALA C 257 31.55 27.25 -5.32
C ALA C 257 31.11 26.61 -6.62
N THR C 258 31.31 25.29 -6.70
CA THR C 258 30.87 24.48 -7.82
C THR C 258 30.82 23.03 -7.37
N ALA C 259 30.44 22.16 -8.28
CA ALA C 259 30.46 20.72 -8.05
C ALA C 259 31.34 20.07 -9.10
N ILE C 260 32.09 19.04 -8.70
CA ILE C 260 33.05 18.37 -9.57
C ILE C 260 32.70 16.90 -9.64
N LYS C 261 32.57 16.37 -10.85
CA LYS C 261 32.36 14.94 -11.04
C LYS C 261 33.60 14.18 -10.59
N HIS C 262 33.38 13.09 -9.87
CA HIS C 262 34.45 12.33 -9.25
C HIS C 262 34.35 10.86 -9.64
N ASP C 263 35.51 10.24 -9.89
CA ASP C 263 35.59 8.82 -10.21
C ASP C 263 35.93 8.07 -8.91
N ASP C 264 34.90 7.56 -8.25
CA ASP C 264 35.08 6.96 -6.93
C ASP C 264 35.87 5.66 -6.98
N ASP C 265 35.93 5.00 -8.14
CA ASP C 265 36.70 3.76 -8.24
C ASP C 265 38.19 3.99 -8.08
N ALA C 266 38.68 5.21 -8.34
CA ALA C 266 40.11 5.46 -8.29
C ALA C 266 40.61 5.57 -6.85
N HIS C 267 39.98 6.43 -6.03
CA HIS C 267 40.45 6.68 -4.68
C HIS C 267 39.36 6.63 -3.62
N GLY C 268 38.18 6.09 -3.95
CA GLY C 268 37.12 5.97 -2.98
C GLY C 268 36.42 7.30 -2.71
N VAL C 269 35.53 7.27 -1.73
CA VAL C 269 34.76 8.43 -1.31
C VAL C 269 35.14 8.76 0.13
N GLU C 270 35.72 9.93 0.33
CA GLU C 270 36.18 10.32 1.67
C GLU C 270 34.99 10.50 2.60
N PRO C 271 34.89 9.72 3.69
CA PRO C 271 33.77 9.83 4.62
C PRO C 271 33.91 11.00 5.59
N TYR C 272 34.22 12.18 5.05
CA TYR C 272 34.44 13.35 5.89
C TYR C 272 34.44 14.59 5.02
N THR C 273 34.07 15.71 5.62
CA THR C 273 34.22 17.01 4.99
C THR C 273 35.65 17.51 5.16
N SER C 274 36.19 18.14 4.13
CA SER C 274 37.54 18.69 4.18
C SER C 274 37.48 20.20 4.24
N ALA C 275 38.30 20.79 5.13
CA ALA C 275 38.46 22.23 5.24
C ALA C 275 39.90 22.55 4.82
N ILE C 276 40.07 23.02 3.58
CA ILE C 276 41.38 23.23 2.99
C ILE C 276 41.74 24.70 3.12
N ALA C 277 42.81 24.99 3.86
CA ALA C 277 43.24 26.37 4.05
C ALA C 277 43.73 26.98 2.74
N MET C 278 43.32 28.21 2.48
CA MET C 278 43.73 28.97 1.31
C MET C 278 44.51 30.21 1.75
N ARG C 279 44.82 31.07 0.77
CA ARG C 279 45.59 32.28 1.05
C ARG C 279 44.77 33.30 1.83
N SER C 280 43.50 33.45 1.48
CA SER C 280 42.64 34.45 2.11
C SER C 280 41.35 33.82 2.59
N GLY C 281 41.44 32.60 3.11
CA GLY C 281 40.27 31.90 3.60
C GLY C 281 40.47 30.40 3.60
N TRP C 282 39.41 29.65 3.27
CA TRP C 282 39.46 28.20 3.28
C TRP C 282 38.47 27.68 2.26
N SER C 283 38.68 26.43 1.84
CA SER C 283 37.80 25.77 0.89
C SER C 283 37.23 24.49 1.50
N TRP C 284 35.95 24.25 1.26
CA TRP C 284 35.33 23.02 1.71
C TRP C 284 35.34 21.97 0.59
N LYS C 285 35.32 20.70 1.00
CA LYS C 285 35.12 19.59 0.09
C LYS C 285 34.09 18.67 0.72
N ILE C 286 32.97 18.46 0.03
CA ILE C 286 31.89 17.63 0.56
C ILE C 286 31.67 16.46 -0.37
N PRO C 287 32.27 15.30 -0.11
CA PRO C 287 32.16 14.17 -1.05
C PRO C 287 30.81 13.48 -0.96
N MET C 288 30.27 13.16 -2.13
CA MET C 288 29.09 12.30 -2.25
C MET C 288 29.36 11.24 -3.31
N LEU C 289 28.36 10.42 -3.62
CA LEU C 289 28.56 9.35 -4.61
C LEU C 289 28.68 9.95 -6.01
N GLY C 290 29.85 9.78 -6.63
CA GLY C 290 30.07 10.20 -7.99
C GLY C 290 30.47 11.65 -8.17
N ARG C 291 30.41 12.47 -7.12
CA ARG C 291 30.70 13.89 -7.23
C ARG C 291 30.95 14.44 -5.84
N PHE C 292 31.64 15.58 -5.79
CA PHE C 292 31.83 16.30 -4.54
C PHE C 292 31.63 17.79 -4.79
N GLY C 293 30.91 18.44 -3.87
CA GLY C 293 30.80 19.88 -3.90
C GLY C 293 31.99 20.53 -3.23
N THR C 294 32.33 21.74 -3.70
CA THR C 294 33.48 22.44 -3.16
C THR C 294 33.29 23.93 -3.38
N GLY C 295 33.82 24.71 -2.43
CA GLY C 295 33.73 26.15 -2.50
C GLY C 295 34.80 26.88 -1.72
N TYR C 296 35.31 27.97 -2.27
CA TYR C 296 36.30 28.81 -1.61
C TYR C 296 35.59 29.88 -0.80
N VAL C 297 35.61 29.74 0.52
CA VAL C 297 35.13 30.78 1.42
C VAL C 297 36.28 31.74 1.67
N TYR C 298 36.10 33.00 1.33
CA TYR C 298 37.18 33.98 1.41
C TYR C 298 36.65 35.29 1.95
N SER C 299 37.60 36.16 2.32
CA SER C 299 37.32 37.47 2.88
C SER C 299 37.50 38.53 1.81
N SER C 300 36.45 39.34 1.60
CA SER C 300 36.51 40.39 0.60
C SER C 300 37.59 41.43 0.91
N ARG C 301 38.00 41.54 2.18
CA ARG C 301 39.03 42.51 2.53
C ARG C 301 40.41 42.12 2.01
N PHE C 302 40.65 40.83 1.76
CA PHE C 302 41.98 40.37 1.38
C PHE C 302 42.02 39.65 0.04
N ALA C 303 40.89 39.43 -0.61
CA ALA C 303 40.89 38.77 -1.90
C ALA C 303 39.75 39.31 -2.76
N GLU C 304 40.08 39.77 -3.96
CA GLU C 304 39.06 40.15 -4.90
C GLU C 304 38.36 38.91 -5.47
N LYS C 305 37.22 39.13 -6.12
CA LYS C 305 36.46 38.01 -6.66
C LYS C 305 37.26 37.28 -7.74
N ASP C 306 37.90 38.02 -8.63
CA ASP C 306 38.75 37.40 -9.66
C ASP C 306 39.91 36.65 -9.02
N GLU C 307 40.52 37.23 -7.98
CA GLU C 307 41.65 36.58 -7.33
C GLU C 307 41.23 35.25 -6.69
N ALA C 308 40.10 35.26 -5.99
CA ALA C 308 39.62 34.04 -5.35
C ALA C 308 39.14 33.02 -6.37
N THR C 309 38.48 33.49 -7.44
CA THR C 309 38.02 32.58 -8.48
C THR C 309 39.18 31.84 -9.13
N LEU C 310 40.30 32.53 -9.35
CA LEU C 310 41.45 31.86 -9.96
C LEU C 310 42.12 30.91 -8.99
N ASP C 311 42.34 31.35 -7.74
CA ASP C 311 42.92 30.45 -6.74
C ASP C 311 42.08 29.19 -6.58
N PHE C 312 40.75 29.34 -6.60
CA PHE C 312 39.86 28.19 -6.49
C PHE C 312 40.03 27.24 -7.67
N CYS C 313 40.07 27.79 -8.89
CA CYS C 313 40.18 26.94 -10.08
C CYS C 313 41.59 26.36 -10.23
N ARG C 314 42.61 27.07 -9.75
CA ARG C 314 43.97 26.54 -9.82
C ARG C 314 44.11 25.29 -8.96
N MET C 315 43.41 25.26 -7.82
CA MET C 315 43.51 24.12 -6.92
C MET C 315 42.89 22.87 -7.52
N TRP C 316 41.78 23.00 -8.23
CA TRP C 316 41.05 21.86 -8.77
C TRP C 316 41.34 21.62 -10.24
N GLY C 317 42.35 22.27 -10.80
CA GLY C 317 42.67 22.09 -12.21
C GLY C 317 41.55 22.49 -13.15
N LEU C 318 40.76 23.50 -12.77
CA LEU C 318 39.62 23.95 -13.55
C LEU C 318 40.00 25.14 -14.42
N ASP C 319 39.38 25.22 -15.60
CA ASP C 319 39.54 26.40 -16.44
C ASP C 319 38.45 27.41 -16.06
N PRO C 320 38.81 28.62 -15.63
CA PRO C 320 37.83 29.52 -15.01
C PRO C 320 36.73 30.02 -15.93
N GLU C 321 36.77 29.66 -17.21
CA GLU C 321 35.81 30.18 -18.18
C GLU C 321 34.67 29.20 -18.48
N ASN C 322 34.98 27.95 -18.80
CA ASN C 322 33.94 26.97 -19.09
C ASN C 322 33.66 26.10 -17.88
N THR C 323 33.54 26.73 -16.72
CA THR C 323 33.22 26.04 -15.48
C THR C 323 32.07 26.80 -14.82
N PRO C 324 30.93 26.15 -14.56
CA PRO C 324 29.85 26.83 -13.84
C PRO C 324 30.28 27.13 -12.41
N LEU C 325 30.16 28.41 -12.03
CA LEU C 325 30.56 28.87 -10.71
C LEU C 325 29.42 29.62 -10.06
N ASN C 326 29.23 29.37 -8.76
CA ASN C 326 28.24 30.08 -7.95
C ASN C 326 28.98 31.13 -7.13
N GLN C 327 28.71 32.40 -7.41
CA GLN C 327 29.27 33.51 -6.65
C GLN C 327 28.23 34.02 -5.68
N VAL C 328 28.52 33.94 -4.38
CA VAL C 328 27.60 34.41 -3.35
C VAL C 328 28.34 35.36 -2.42
N ALA C 329 27.57 36.25 -1.80
CA ALA C 329 28.06 37.15 -0.77
C ALA C 329 27.32 36.87 0.53
N PHE C 330 28.07 36.83 1.63
CA PHE C 330 27.54 36.42 2.92
C PHE C 330 27.14 37.60 3.80
N ARG C 331 26.04 37.43 4.50
CA ARG C 331 25.72 38.25 5.67
C ARG C 331 26.22 37.50 6.90
N VAL C 332 27.16 38.10 7.63
CA VAL C 332 27.81 37.44 8.76
C VAL C 332 27.37 38.14 10.05
N GLY C 333 26.73 37.37 10.93
CA GLY C 333 26.20 37.91 12.16
C GLY C 333 24.82 37.38 12.47
N ARG C 334 24.03 38.13 13.24
CA ARG C 334 22.69 37.69 13.61
C ARG C 334 21.82 38.91 13.87
N ASN C 335 20.51 38.69 13.84
CA ASN C 335 19.58 39.74 14.22
C ASN C 335 19.77 40.08 15.70
N ARG C 336 19.43 41.32 16.05
CA ARG C 336 19.40 41.70 17.47
C ARG C 336 18.51 40.75 18.25
N ARG C 337 17.34 40.44 17.71
CA ARG C 337 16.45 39.42 18.25
C ARG C 337 15.96 38.54 17.11
N ALA C 338 15.91 37.23 17.36
CA ALA C 338 15.44 36.30 16.33
C ALA C 338 13.92 36.25 16.25
N TRP C 339 13.24 36.51 17.37
CA TRP C 339 11.78 36.44 17.46
C TRP C 339 11.29 37.80 17.93
N VAL C 340 10.55 38.49 17.07
CA VAL C 340 10.00 39.81 17.35
C VAL C 340 8.49 39.75 17.15
N LYS C 341 7.75 40.16 18.18
CA LYS C 341 6.28 40.14 18.15
C LYS C 341 5.78 38.74 17.78
N ASN C 342 5.14 38.58 16.62
CA ASN C 342 4.68 37.27 16.18
C ASN C 342 5.44 36.77 14.96
N CYS C 343 6.73 37.14 14.86
CA CYS C 343 7.56 36.80 13.70
C CYS C 343 8.81 36.10 14.20
N VAL C 344 9.00 34.84 13.81
CA VAL C 344 10.13 34.03 14.23
C VAL C 344 11.01 33.78 13.01
N SER C 345 12.24 34.26 13.07
CA SER C 345 13.19 34.06 11.98
C SER C 345 13.97 32.77 12.19
N ILE C 346 14.08 31.96 11.13
CA ILE C 346 14.75 30.67 11.17
C ILE C 346 15.63 30.56 9.93
N GLY C 347 16.83 30.03 10.09
CA GLY C 347 17.72 29.88 8.96
C GLY C 347 18.53 31.15 8.71
N LEU C 348 18.83 31.37 7.42
CA LEU C 348 19.63 32.53 7.03
C LEU C 348 18.94 33.85 7.34
N ALA C 349 17.61 33.86 7.44
CA ALA C 349 16.91 35.07 7.86
C ALA C 349 17.24 35.44 9.30
N SER C 350 17.71 34.49 10.11
CA SER C 350 18.02 34.72 11.50
C SER C 350 19.50 35.06 11.72
N CYS C 351 20.39 34.27 11.13
CA CYS C 351 21.82 34.40 11.39
C CYS C 351 22.57 33.58 10.35
N PHE C 352 23.88 33.79 10.29
CA PHE C 352 24.72 33.00 9.39
C PHE C 352 26.17 33.10 9.81
N LEU C 353 26.87 31.97 9.76
CA LEU C 353 28.31 31.89 9.90
C LEU C 353 28.86 31.09 8.73
N GLU C 354 30.13 31.31 8.42
CA GLU C 354 30.79 30.48 7.42
C GLU C 354 30.69 29.02 7.85
N PRO C 355 30.48 28.09 6.92
CA PRO C 355 30.24 26.69 7.30
C PRO C 355 31.51 25.94 7.67
N LEU C 356 32.39 26.57 8.44
CA LEU C 356 33.65 25.92 8.79
C LEU C 356 33.43 24.66 9.62
N GLU C 357 32.50 24.73 10.58
CA GLU C 357 32.15 23.56 11.39
C GLU C 357 30.76 23.04 11.08
N SER C 358 30.21 23.40 9.91
CA SER C 358 28.94 22.91 9.38
C SER C 358 27.84 22.94 10.44
N THR C 359 27.40 24.15 10.75
CA THR C 359 26.35 24.37 11.73
C THR C 359 25.10 24.99 11.12
N GLY C 360 25.02 25.09 9.79
CA GLY C 360 23.87 25.68 9.13
C GLY C 360 22.57 24.94 9.39
N ILE C 361 22.54 23.65 9.05
CA ILE C 361 21.36 22.83 9.34
C ILE C 361 21.13 22.71 10.84
N TYR C 362 22.20 22.71 11.63
CA TYR C 362 22.04 22.61 13.08
C TYR C 362 21.34 23.84 13.64
N PHE C 363 21.73 25.04 13.20
CA PHE C 363 21.05 26.26 13.66
C PHE C 363 19.58 26.26 13.27
N ILE C 364 19.24 25.66 12.12
CA ILE C 364 17.85 25.47 11.77
C ILE C 364 17.19 24.49 12.72
N THR C 365 17.84 23.34 12.95
CA THR C 365 17.31 22.33 13.85
C THR C 365 17.09 22.88 15.25
N ALA C 366 18.07 23.65 15.76
CA ALA C 366 17.96 24.18 17.11
C ALA C 366 16.85 25.21 17.23
N ALA C 367 16.75 26.11 16.25
CA ALA C 367 15.71 27.13 16.30
C ALA C 367 14.32 26.51 16.25
N ILE C 368 14.13 25.52 15.36
CA ILE C 368 12.84 24.85 15.26
C ILE C 368 12.50 24.16 16.58
N TYR C 369 13.46 23.43 17.15
CA TYR C 369 13.23 22.75 18.42
C TYR C 369 12.94 23.75 19.53
N GLN C 370 13.70 24.85 19.59
CA GLN C 370 13.49 25.83 20.65
C GLN C 370 12.18 26.58 20.49
N LEU C 371 11.68 26.70 19.26
CA LEU C 371 10.37 27.32 19.07
C LEU C 371 9.29 26.47 19.73
N THR C 372 9.32 25.15 19.52
CA THR C 372 8.35 24.27 20.17
C THR C 372 8.52 24.27 21.69
N GLN C 373 9.75 24.45 22.17
CA GLN C 373 9.98 24.54 23.61
C GLN C 373 9.47 25.85 24.19
N HIS C 374 9.34 26.89 23.36
CA HIS C 374 8.82 28.18 23.79
C HIS C 374 7.59 28.57 22.98
N PHE C 375 6.78 27.58 22.59
CA PHE C 375 5.68 27.83 21.67
C PHE C 375 4.65 28.74 22.32
N PRO C 376 4.23 29.81 21.66
CA PRO C 376 3.35 30.79 22.29
C PRO C 376 1.88 30.44 22.09
N ASP C 377 1.03 31.18 22.79
CA ASP C 377 -0.37 31.30 22.41
C ASP C 377 -0.59 32.68 21.81
N ARG C 378 -1.85 33.02 21.57
CA ARG C 378 -2.13 34.30 20.91
C ARG C 378 -1.84 35.51 21.78
N THR C 379 -1.54 35.33 23.07
CA THR C 379 -1.14 36.46 23.90
C THR C 379 0.33 36.82 23.75
N PHE C 380 1.15 35.88 23.25
CA PHE C 380 2.56 36.11 22.96
C PHE C 380 3.28 36.74 24.17
N ALA C 381 3.23 36.03 25.29
CA ALA C 381 3.92 36.48 26.49
C ALA C 381 5.38 36.73 26.20
N LEU C 382 5.90 37.86 26.69
CA LEU C 382 7.25 38.29 26.34
C LEU C 382 8.32 37.36 26.91
N ALA C 383 8.03 36.65 28.00
CA ALA C 383 9.02 35.73 28.55
C ALA C 383 9.34 34.61 27.59
N LEU C 384 8.35 34.15 26.80
CA LEU C 384 8.60 33.07 25.85
C LEU C 384 9.58 33.51 24.77
N SER C 385 9.31 34.66 24.14
CA SER C 385 10.18 35.12 23.06
C SER C 385 11.53 35.60 23.59
N ASP C 386 11.56 36.19 24.78
CA ASP C 386 12.84 36.55 25.40
C ASP C 386 13.70 35.31 25.63
N ALA C 387 13.12 34.26 26.21
CA ALA C 387 13.87 33.04 26.46
C ALA C 387 14.34 32.41 25.15
N PHE C 388 13.47 32.36 24.15
CA PHE C 388 13.86 31.88 22.83
C PHE C 388 15.02 32.70 22.26
N ASN C 389 14.91 34.02 22.34
CA ASN C 389 15.98 34.86 21.81
C ASN C 389 17.28 34.62 22.54
N HIS C 390 17.24 34.50 23.88
CA HIS C 390 18.47 34.27 24.64
C HIS C 390 19.17 32.98 24.20
N GLU C 391 18.39 31.92 23.97
CA GLU C 391 18.99 30.65 23.57
C GLU C 391 19.60 30.75 22.17
N ILE C 392 18.97 31.49 21.26
CA ILE C 392 19.48 31.62 19.90
C ILE C 392 20.75 32.47 19.88
N GLU C 393 20.74 33.62 20.58
CA GLU C 393 21.95 34.45 20.64
C GLU C 393 23.13 33.68 21.22
N ALA C 394 22.91 33.00 22.35
CA ALA C 394 24.02 32.31 23.01
C ALA C 394 24.57 31.18 22.15
N MET C 395 23.68 30.43 21.49
CA MET C 395 24.13 29.38 20.60
C MET C 395 24.96 29.95 19.45
N PHE C 396 24.55 31.10 18.91
CA PHE C 396 25.27 31.69 17.79
C PHE C 396 26.59 32.30 18.23
N ASP C 397 26.56 33.14 19.27
CA ASP C 397 27.80 33.78 19.72
C ASP C 397 28.82 32.76 20.20
N ASP C 398 28.37 31.64 20.74
CA ASP C 398 29.30 30.60 21.20
C ASP C 398 29.99 29.93 20.03
N THR C 399 29.22 29.57 18.99
CA THR C 399 29.83 28.98 17.79
C THR C 399 30.67 30.00 17.04
N ARG C 400 30.23 31.27 17.03
CA ARG C 400 31.00 32.31 16.36
C ARG C 400 32.38 32.46 16.98
N ASP C 401 32.48 32.46 18.30
CA ASP C 401 33.78 32.56 18.95
C ASP C 401 34.62 31.32 18.69
N PHE C 402 33.99 30.14 18.68
CA PHE C 402 34.72 28.90 18.41
C PHE C 402 35.31 28.91 17.00
N ILE C 403 34.56 29.43 16.02
CA ILE C 403 35.05 29.49 14.65
C ILE C 403 36.20 30.49 14.53
N GLN C 404 36.08 31.64 15.19
CA GLN C 404 37.16 32.62 15.17
C GLN C 404 38.45 32.04 15.73
N ALA C 405 38.34 31.15 16.73
CA ALA C 405 39.53 30.56 17.34
C ALA C 405 40.32 29.73 16.34
N HIS C 406 39.65 29.18 15.31
CA HIS C 406 40.37 28.45 14.27
C HIS C 406 41.41 29.34 13.61
N PHE C 407 41.03 30.58 13.26
CA PHE C 407 41.94 31.49 12.59
C PHE C 407 42.91 32.15 13.56
N TYR C 408 42.47 32.42 14.80
CA TYR C 408 43.34 33.08 15.76
C TYR C 408 44.46 32.17 16.23
N VAL C 409 44.15 30.90 16.50
CA VAL C 409 45.15 29.98 17.05
C VAL C 409 46.05 29.40 15.96
N SER C 410 45.60 29.40 14.71
CA SER C 410 46.42 28.92 13.62
C SER C 410 47.79 29.61 13.65
N PRO C 411 48.88 28.90 13.37
CA PRO C 411 50.21 29.53 13.41
C PRO C 411 50.55 30.31 12.15
N ARG C 412 49.68 30.30 11.14
CA ARG C 412 50.03 30.86 9.83
C ARG C 412 50.03 32.38 9.86
N THR C 413 51.11 32.98 9.36
CA THR C 413 51.23 34.42 9.19
C THR C 413 51.81 34.77 7.82
N ASP C 414 51.71 33.86 6.85
CA ASP C 414 52.40 34.02 5.57
C ASP C 414 51.64 34.90 4.58
N THR C 415 50.37 35.18 4.81
CA THR C 415 49.57 36.04 3.95
C THR C 415 48.92 37.12 4.81
N PRO C 416 48.49 38.23 4.20
CA PRO C 416 47.82 39.27 4.99
C PRO C 416 46.57 38.80 5.70
N PHE C 417 45.82 37.88 5.11
CA PHE C 417 44.61 37.37 5.76
C PHE C 417 44.95 36.61 7.04
N TRP C 418 45.91 35.67 6.97
CA TRP C 418 46.24 34.90 8.15
C TRP C 418 46.92 35.76 9.21
N LYS C 419 47.68 36.78 8.80
CA LYS C 419 48.29 37.68 9.77
C LYS C 419 47.25 38.56 10.44
N ALA C 420 46.24 38.99 9.68
CA ALA C 420 45.24 39.91 10.23
C ALA C 420 44.39 39.25 11.29
N ASN C 421 44.11 37.94 11.15
CA ASN C 421 43.33 37.23 12.15
C ASN C 421 44.02 37.20 13.50
N LYS C 422 45.35 37.37 13.53
CA LYS C 422 46.08 37.44 14.79
C LYS C 422 45.88 38.76 15.50
N ASP C 423 45.44 39.80 14.79
CA ASP C 423 45.30 41.13 15.36
C ASP C 423 43.85 41.51 15.66
N LEU C 424 42.89 40.68 15.26
CA LEU C 424 41.50 40.96 15.58
C LEU C 424 41.28 40.88 17.09
N HIS C 425 40.21 41.53 17.56
CA HIS C 425 39.86 41.46 18.97
C HIS C 425 39.44 40.04 19.33
N LEU C 426 39.97 39.54 20.44
CA LEU C 426 39.62 38.22 20.93
C LEU C 426 38.63 38.36 22.08
N PRO C 427 37.47 37.70 22.02
CA PRO C 427 36.48 37.84 23.11
C PRO C 427 37.04 37.31 24.43
N GLU C 428 36.64 37.98 25.51
CA GLU C 428 37.15 37.64 26.84
C GLU C 428 36.90 36.18 27.18
N GLN C 429 35.75 35.64 26.77
CA GLN C 429 35.44 34.26 27.12
C GLN C 429 36.37 33.28 26.40
N MET C 430 36.81 33.62 25.19
CA MET C 430 37.73 32.74 24.49
C MET C 430 39.17 32.90 24.98
N ARG C 431 39.55 34.13 25.36
CA ARG C 431 40.85 34.32 26.00
C ARG C 431 40.97 33.49 27.26
N GLU C 432 39.91 33.46 28.07
CA GLU C 432 39.91 32.62 29.27
C GLU C 432 40.04 31.15 28.92
N LYS C 433 39.33 30.71 27.88
CA LYS C 433 39.39 29.30 27.47
C LYS C 433 40.81 28.92 27.07
N ILE C 434 41.46 29.77 26.28
CA ILE C 434 42.83 29.49 25.85
C ILE C 434 43.77 29.46 27.06
N ALA C 435 43.59 30.40 27.99
CA ALA C 435 44.41 30.41 29.19
C ALA C 435 44.15 29.15 30.02
N MET C 436 42.89 28.77 30.19
CA MET C 436 42.58 27.52 30.88
C MET C 436 43.16 26.33 30.13
N TYR C 437 43.10 26.35 28.80
CA TYR C 437 43.67 25.27 28.01
C TYR C 437 45.17 25.15 28.23
N LYS C 438 45.87 26.30 28.22
CA LYS C 438 47.32 26.27 28.38
C LYS C 438 47.72 25.87 29.80
N ALA C 439 46.87 26.11 30.78
CA ALA C 439 47.14 25.72 32.16
C ALA C 439 46.84 24.25 32.42
N GLY C 440 46.34 23.51 31.42
CA GLY C 440 46.06 22.10 31.55
C GLY C 440 44.62 21.77 31.88
N LEU C 441 43.75 22.77 32.03
CA LEU C 441 42.36 22.55 32.41
C LEU C 441 41.53 22.03 31.24
N PRO C 442 40.50 21.25 31.51
CA PRO C 442 39.52 20.94 30.47
C PRO C 442 38.60 22.13 30.21
N ILE C 443 38.05 22.15 29.00
CA ILE C 443 37.15 23.21 28.55
C ILE C 443 35.82 22.54 28.19
N ASN C 444 34.78 22.81 28.96
CA ASN C 444 33.45 22.24 28.69
C ASN C 444 33.50 20.72 28.66
N ALA C 445 34.06 20.13 29.71
CA ALA C 445 34.14 18.68 29.80
C ALA C 445 32.73 18.10 29.82
N PRO C 446 32.48 16.99 29.12
CA PRO C 446 31.14 16.39 29.15
C PRO C 446 30.82 15.83 30.53
N VAL C 447 29.62 16.12 31.01
CA VAL C 447 29.15 15.56 32.27
C VAL C 447 28.41 14.24 32.09
N THR C 448 28.02 13.90 30.86
CA THR C 448 27.24 12.70 30.58
C THR C 448 28.00 11.81 29.61
N ASP C 449 27.51 10.59 29.46
CA ASP C 449 28.05 9.69 28.45
C ASP C 449 27.44 10.00 27.09
N GLU C 450 27.94 9.31 26.05
CA GLU C 450 27.50 9.60 24.68
C GLU C 450 26.02 9.31 24.49
N SER C 451 25.53 8.21 25.07
CA SER C 451 24.13 7.83 24.86
C SER C 451 23.18 8.92 25.35
N THR C 452 23.43 9.45 26.56
CA THR C 452 22.64 10.57 27.04
C THR C 452 22.88 11.82 26.19
N TYR C 453 24.14 12.07 25.82
CA TYR C 453 24.48 13.28 25.07
C TYR C 453 23.74 13.33 23.74
N TYR C 454 23.74 12.23 23.00
CA TYR C 454 23.07 12.18 21.69
C TYR C 454 21.62 11.72 21.78
N GLY C 455 21.17 11.25 22.94
CA GLY C 455 19.79 10.85 23.11
C GLY C 455 18.87 11.94 23.62
N ARG C 456 19.42 13.03 24.14
CA ARG C 456 18.63 14.16 24.64
C ARG C 456 19.24 15.44 24.07
N PHE C 457 18.50 16.10 23.18
CA PHE C 457 19.04 17.25 22.46
C PHE C 457 19.38 18.40 23.41
N GLU C 458 18.58 18.59 24.46
CA GLU C 458 18.86 19.65 25.42
C GLU C 458 20.21 19.47 26.09
N ALA C 459 20.60 18.21 26.34
CA ALA C 459 21.91 17.96 26.91
C ALA C 459 23.02 18.40 25.97
N GLU C 460 22.87 18.15 24.66
CA GLU C 460 23.90 18.60 23.73
C GLU C 460 23.87 20.12 23.59
N PHE C 461 22.67 20.68 23.44
CA PHE C 461 22.52 22.12 23.27
C PHE C 461 23.15 22.90 24.42
N ARG C 462 23.18 22.32 25.62
CA ARG C 462 23.81 22.95 26.77
C ARG C 462 25.32 22.76 26.81
N ASN C 463 25.88 21.88 25.98
CA ASN C 463 27.32 21.65 25.95
C ASN C 463 27.70 21.18 24.53
N PHE C 464 27.53 22.08 23.56
CA PHE C 464 27.68 21.68 22.16
C PHE C 464 29.14 21.46 21.79
N TRP C 465 30.02 22.39 22.15
CA TRP C 465 31.45 22.28 21.87
C TRP C 465 32.13 21.78 23.13
N THR C 466 32.31 20.47 23.22
CA THR C 466 32.87 19.87 24.42
C THR C 466 34.39 19.94 24.42
N ASN C 467 34.98 19.40 25.48
CA ASN C 467 36.43 19.42 25.66
C ASN C 467 37.15 18.75 24.49
N GLY C 468 36.58 17.66 23.96
CA GLY C 468 37.21 16.97 22.85
C GLY C 468 37.33 17.84 21.61
N SER C 469 36.30 18.66 21.35
CA SER C 469 36.34 19.54 20.19
C SER C 469 37.41 20.61 20.33
N TYR C 470 37.54 21.19 21.54
CA TYR C 470 38.56 22.23 21.74
C TYR C 470 39.96 21.66 21.59
N TYR C 471 40.16 20.41 22.03
CA TYR C 471 41.46 19.78 21.82
C TYR C 471 41.68 19.45 20.35
N CYS C 472 40.63 19.02 19.64
CA CYS C 472 40.77 18.76 18.21
C CYS C 472 41.29 19.99 17.48
N ILE C 473 40.78 21.17 17.83
CA ILE C 473 41.15 22.39 17.11
C ILE C 473 42.46 22.95 17.63
N PHE C 474 42.59 23.09 18.95
CA PHE C 474 43.81 23.69 19.52
C PHE C 474 45.03 22.80 19.28
N ALA C 475 44.94 21.53 19.65
CA ALA C 475 46.07 20.63 19.46
C ALA C 475 46.30 20.35 17.97
N GLY C 476 45.21 20.24 17.20
CA GLY C 476 45.37 20.07 15.77
C GLY C 476 46.14 21.19 15.11
N LEU C 477 46.00 22.40 15.63
CA LEU C 477 46.71 23.57 15.12
C LEU C 477 48.10 23.73 15.73
N GLY C 478 48.53 22.82 16.59
CA GLY C 478 49.84 22.89 17.19
C GLY C 478 49.91 23.52 18.55
N LEU C 479 48.77 23.79 19.19
CA LEU C 479 48.73 24.38 20.52
C LEU C 479 48.34 23.31 21.53
N ARG C 480 49.24 23.01 22.45
CA ARG C 480 48.99 22.12 23.56
C ARG C 480 49.40 22.81 24.86
N PRO C 481 48.85 22.39 26.00
CA PRO C 481 49.07 23.13 27.24
C PRO C 481 50.54 23.27 27.61
N ASP C 482 50.83 24.34 28.35
CA ASP C 482 52.19 24.61 28.81
C ASP C 482 52.71 23.53 29.74
N ASN C 483 51.82 22.71 30.30
CA ASN C 483 52.18 21.68 31.26
C ASN C 483 50.96 20.79 31.46
N PRO C 484 51.16 19.58 31.98
CA PRO C 484 50.00 18.73 32.28
C PRO C 484 49.13 19.32 33.39
N LEU C 485 47.93 18.79 33.50
CA LEU C 485 47.06 19.13 34.61
C LEU C 485 47.79 18.81 35.91
N PRO C 486 48.06 19.80 36.76
CA PRO C 486 48.98 19.57 37.90
C PRO C 486 48.58 18.41 38.79
N MET C 487 47.29 18.15 38.95
CA MET C 487 46.85 17.06 39.81
C MET C 487 47.37 15.72 39.30
N LEU C 488 47.58 15.59 37.99
CA LEU C 488 48.07 14.33 37.42
C LEU C 488 49.46 14.00 37.93
N ARG C 489 50.28 15.01 38.22
CA ARG C 489 51.61 14.75 38.78
C ARG C 489 51.54 14.07 40.13
N HIS C 490 50.43 14.22 40.86
CA HIS C 490 50.25 13.59 42.15
C HIS C 490 49.58 12.22 42.07
N ARG C 491 49.15 11.79 40.88
CA ARG C 491 48.46 10.52 40.70
C ARG C 491 49.19 9.67 39.66
N PRO C 492 50.40 9.19 39.97
CA PRO C 492 51.13 8.38 38.98
C PRO C 492 50.45 7.06 38.64
N GLU C 493 49.91 6.35 39.63
CA GLU C 493 49.22 5.09 39.33
C GLU C 493 48.01 5.33 38.43
N GLN C 494 47.27 6.41 38.68
CA GLN C 494 46.12 6.74 37.85
C GLN C 494 46.53 7.02 36.41
N VAL C 495 47.64 7.74 36.22
CA VAL C 495 48.15 8.00 34.87
C VAL C 495 48.56 6.68 34.21
N ARG C 496 49.22 5.80 34.98
CA ARG C 496 49.65 4.52 34.43
C ARG C 496 48.44 3.68 34.00
N GLU C 497 47.40 3.66 34.82
CA GLU C 497 46.19 2.91 34.46
C GLU C 497 45.54 3.49 33.21
N ALA C 498 45.57 4.83 33.07
CA ALA C 498 44.91 5.47 31.94
C ALA C 498 45.53 5.11 30.61
N GLN C 499 46.75 4.58 30.59
CA GLN C 499 47.41 4.25 29.33
C GLN C 499 46.70 3.14 28.57
N ALA C 500 45.87 2.33 29.26
CA ALA C 500 45.09 1.31 28.56
C ALA C 500 44.06 1.92 27.62
N LEU C 501 43.64 3.16 27.87
CA LEU C 501 42.70 3.81 26.95
C LEU C 501 43.34 4.05 25.58
N PHE C 502 44.62 4.40 25.55
CA PHE C 502 45.31 4.56 24.27
C PHE C 502 45.44 3.22 23.55
N ALA C 503 45.73 2.15 24.30
CA ALA C 503 45.82 0.83 23.70
C ALA C 503 44.46 0.36 23.19
N GLY C 504 43.38 0.73 23.89
CA GLY C 504 42.05 0.42 23.39
C GLY C 504 41.74 1.13 22.08
N VAL C 505 42.22 2.37 21.93
CA VAL C 505 42.05 3.09 20.68
C VAL C 505 42.82 2.41 19.55
N LYS C 506 44.06 2.00 19.82
CA LYS C 506 44.86 1.34 18.80
C LYS C 506 44.23 0.02 18.37
N ASP C 507 43.68 -0.73 19.33
CA ASP C 507 42.96 -1.95 18.98
C ASP C 507 41.77 -1.64 18.07
N LYS C 508 41.00 -0.60 18.41
CA LYS C 508 39.87 -0.21 17.58
C LYS C 508 40.32 0.30 16.23
N GLN C 509 41.45 1.02 16.19
CA GLN C 509 41.97 1.51 14.91
C GLN C 509 42.30 0.35 13.98
N ARG C 510 42.83 -0.74 14.52
CA ARG C 510 43.09 -1.92 13.70
C ARG C 510 41.79 -2.62 13.31
N GLU C 511 40.85 -2.72 14.25
CA GLU C 511 39.60 -3.44 13.99
C GLU C 511 38.81 -2.77 12.88
N LEU C 512 38.68 -1.44 12.94
CA LEU C 512 37.83 -0.74 11.98
C LEU C 512 38.41 -0.82 10.56
N VAL C 513 39.73 -0.62 10.42
CA VAL C 513 40.35 -0.69 9.10
C VAL C 513 40.18 -2.07 8.48
N GLU C 514 40.14 -3.12 9.31
CA GLU C 514 40.09 -4.48 8.80
C GLU C 514 38.68 -4.96 8.49
N THR C 515 37.71 -4.68 9.36
CA THR C 515 36.38 -5.27 9.24
C THR C 515 35.35 -4.37 8.57
N LEU C 516 35.54 -3.06 8.60
CA LEU C 516 34.55 -2.16 8.04
C LEU C 516 34.57 -2.25 6.51
N PRO C 517 33.42 -2.14 5.86
CA PRO C 517 33.42 -1.98 4.40
C PRO C 517 33.86 -0.57 4.03
N SER C 518 34.20 -0.42 2.75
CA SER C 518 34.57 0.91 2.28
C SER C 518 33.35 1.82 2.24
N ASN C 519 33.59 3.13 2.33
CA ASN C 519 32.51 4.09 2.21
C ASN C 519 31.82 3.97 0.86
N LEU C 520 32.59 3.74 -0.20
CA LEU C 520 32.02 3.60 -1.53
C LEU C 520 31.11 2.38 -1.62
N GLU C 521 31.56 1.24 -1.08
CA GLU C 521 30.77 0.01 -1.14
C GLU C 521 29.44 0.16 -0.42
N PHE C 522 29.45 0.84 0.73
CA PHE C 522 28.20 1.05 1.47
C PHE C 522 27.25 1.95 0.69
N LEU C 523 27.76 3.05 0.11
CA LEU C 523 26.90 3.97 -0.62
C LEU C 523 26.32 3.32 -1.87
N ARG C 524 27.11 2.48 -2.55
CA ARG C 524 26.60 1.78 -3.72
C ARG C 524 25.43 0.88 -3.36
N SER C 525 25.52 0.16 -2.24
CA SER C 525 24.41 -0.65 -1.78
C SER C 525 23.23 0.21 -1.35
N LEU C 526 23.51 1.38 -0.77
CA LEU C 526 22.43 2.23 -0.27
C LEU C 526 21.65 2.86 -1.41
N HIS C 527 22.33 3.26 -2.49
CA HIS C 527 21.68 3.95 -3.59
C HIS C 527 21.51 3.04 -4.81
N ASN D 3 17.03 -15.41 -32.37
CA ASN D 3 17.33 -14.27 -33.23
C ASN D 3 16.64 -13.00 -32.76
N ARG D 4 16.13 -13.05 -31.52
CA ARG D 4 15.38 -11.92 -30.99
C ARG D 4 16.28 -10.72 -30.75
N ILE D 5 15.70 -9.54 -30.92
CA ILE D 5 16.34 -8.32 -30.46
C ILE D 5 16.52 -8.42 -28.95
N ASN D 6 17.71 -8.05 -28.47
CA ASN D 6 18.01 -8.09 -27.05
C ASN D 6 18.18 -6.72 -26.43
N ARG D 7 18.74 -5.76 -27.17
CA ARG D 7 19.06 -4.46 -26.61
C ARG D 7 18.61 -3.37 -27.58
N ILE D 8 17.98 -2.33 -27.05
CA ILE D 8 17.52 -1.19 -27.82
C ILE D 8 18.15 0.07 -27.23
N VAL D 9 18.70 0.92 -28.09
CA VAL D 9 19.29 2.18 -27.68
C VAL D 9 18.54 3.31 -28.38
N ILE D 10 18.09 4.29 -27.59
CA ILE D 10 17.36 5.44 -28.10
C ILE D 10 18.25 6.67 -27.89
N LEU D 11 18.53 7.39 -28.98
CA LEU D 11 19.26 8.65 -28.90
C LEU D 11 18.25 9.79 -28.93
N GLY D 12 18.18 10.54 -27.83
CA GLY D 12 17.22 11.64 -27.77
C GLY D 12 16.20 11.41 -26.67
N GLY D 13 16.01 12.43 -25.84
CA GLY D 13 15.13 12.31 -24.69
C GLY D 13 14.11 13.42 -24.59
N GLY D 14 13.59 13.87 -25.73
CA GLY D 14 12.48 14.80 -25.71
C GLY D 14 11.17 14.05 -25.59
N THR D 15 10.14 14.51 -26.31
CA THR D 15 8.87 13.80 -26.28
C THR D 15 8.92 12.52 -27.09
N ALA D 16 9.58 12.56 -28.24
CA ALA D 16 9.71 11.35 -29.06
C ALA D 16 10.48 10.27 -28.33
N GLY D 17 11.58 10.64 -27.66
CA GLY D 17 12.41 9.65 -27.00
C GLY D 17 11.69 8.93 -25.89
N TRP D 18 11.02 9.69 -25.00
CA TRP D 18 10.41 9.07 -23.83
C TRP D 18 9.07 8.42 -24.12
N MET D 19 8.37 8.84 -25.17
CA MET D 19 7.23 8.04 -25.62
C MET D 19 7.68 6.72 -26.20
N THR D 20 8.75 6.73 -27.02
CA THR D 20 9.28 5.50 -27.57
C THR D 20 9.77 4.58 -26.46
N ALA D 21 10.57 5.11 -25.55
CA ALA D 21 11.14 4.30 -24.46
C ALA D 21 10.04 3.64 -23.64
N SER D 22 9.02 4.40 -23.24
CA SER D 22 8.01 3.86 -22.35
C SER D 22 7.10 2.86 -23.05
N TYR D 23 6.67 3.18 -24.28
CA TYR D 23 5.81 2.25 -25.01
C TYR D 23 6.54 0.95 -25.30
N LEU D 24 7.78 1.03 -25.80
CA LEU D 24 8.52 -0.18 -26.14
C LEU D 24 8.80 -1.02 -24.90
N ALA D 25 9.11 -0.36 -23.77
CA ALA D 25 9.38 -1.10 -22.55
C ALA D 25 8.15 -1.81 -22.04
N LYS D 26 6.97 -1.18 -22.16
CA LYS D 26 5.73 -1.83 -21.76
C LYS D 26 5.41 -3.01 -22.68
N ALA D 27 5.67 -2.87 -23.97
CA ALA D 27 5.29 -3.91 -24.93
C ALA D 27 6.26 -5.10 -24.89
N LEU D 28 7.55 -4.83 -24.69
CA LEU D 28 8.55 -5.89 -24.75
C LEU D 28 8.85 -6.50 -23.40
N GLY D 29 8.65 -5.77 -22.30
CA GLY D 29 8.94 -6.30 -20.99
C GLY D 29 10.43 -6.48 -20.78
N ASP D 30 10.78 -7.52 -20.01
CA ASP D 30 12.19 -7.83 -19.74
C ASP D 30 12.81 -8.71 -20.81
N THR D 31 12.14 -8.91 -21.95
CA THR D 31 12.76 -9.60 -23.06
C THR D 31 13.83 -8.73 -23.72
N VAL D 32 13.83 -7.44 -23.45
CA VAL D 32 14.75 -6.47 -24.06
C VAL D 32 15.17 -5.48 -22.99
N THR D 33 16.42 -5.04 -23.04
CA THR D 33 16.87 -3.89 -22.26
C THR D 33 16.80 -2.63 -23.13
N ILE D 34 16.38 -1.53 -22.53
CA ILE D 34 16.20 -0.27 -23.24
C ILE D 34 17.09 0.78 -22.58
N THR D 35 17.88 1.48 -23.40
CA THR D 35 18.79 2.51 -22.94
C THR D 35 18.52 3.78 -23.74
N LEU D 36 18.42 4.91 -23.04
CA LEU D 36 18.14 6.19 -23.68
C LEU D 36 19.27 7.15 -23.36
N LEU D 37 19.99 7.58 -24.40
CA LEU D 37 21.06 8.56 -24.25
C LEU D 37 20.49 9.95 -24.51
N GLU D 38 20.62 10.84 -23.53
CA GLU D 38 20.02 12.17 -23.60
C GLU D 38 21.01 13.20 -23.08
N ALA D 39 21.08 14.33 -23.79
CA ALA D 39 21.89 15.46 -23.35
C ALA D 39 21.17 16.23 -22.24
N PRO D 40 21.92 16.89 -21.34
CA PRO D 40 21.23 17.54 -20.23
C PRO D 40 20.60 18.88 -20.59
N GLY D 46 7.76 26.68 -22.39
CA GLY D 46 6.71 25.86 -22.99
C GLY D 46 5.72 26.69 -23.79
N VAL D 47 5.70 26.47 -25.11
CA VAL D 47 4.80 27.18 -26.00
C VAL D 47 3.53 26.37 -26.29
N GLY D 48 3.33 25.26 -25.59
CA GLY D 48 2.13 24.47 -25.73
C GLY D 48 2.18 23.52 -26.91
N GLU D 49 1.37 22.48 -26.83
CA GLU D 49 1.28 21.47 -27.87
C GLU D 49 -0.11 20.85 -27.83
N ALA D 50 -0.62 20.49 -29.00
CA ALA D 50 -1.95 19.92 -29.14
C ALA D 50 -1.86 18.48 -29.66
N THR D 51 -2.93 17.72 -29.41
CA THR D 51 -2.97 16.30 -29.75
C THR D 51 -4.28 15.92 -30.42
N VAL D 52 -4.47 14.63 -30.66
CA VAL D 52 -5.70 14.09 -31.24
C VAL D 52 -6.24 13.04 -30.28
N PRO D 53 -7.51 12.66 -30.40
CA PRO D 53 -8.13 11.80 -29.37
C PRO D 53 -7.47 10.43 -29.18
N ASN D 54 -6.84 9.86 -30.21
CA ASN D 54 -6.34 8.50 -30.06
C ASN D 54 -5.14 8.41 -29.13
N LEU D 55 -4.59 9.55 -28.68
CA LEU D 55 -3.41 9.51 -27.82
C LEU D 55 -3.67 8.74 -26.54
N GLN D 56 -4.85 8.93 -25.94
CA GLN D 56 -5.15 8.24 -24.68
C GLN D 56 -5.32 6.74 -24.90
N ARG D 57 -6.03 6.34 -25.95
CA ARG D 57 -6.38 4.94 -26.12
C ARG D 57 -5.20 4.12 -26.63
N VAL D 58 -4.37 4.70 -27.50
CA VAL D 58 -3.25 3.96 -28.07
C VAL D 58 -2.05 3.99 -27.14
N PHE D 59 -1.73 5.16 -26.57
CA PHE D 59 -0.50 5.33 -25.82
C PHE D 59 -0.72 5.22 -24.32
N PHE D 60 -1.45 6.18 -23.73
CA PHE D 60 -1.58 6.22 -22.27
C PHE D 60 -2.34 5.00 -21.74
N ASP D 61 -3.38 4.55 -22.45
CA ASP D 61 -4.10 3.36 -22.00
C ASP D 61 -3.21 2.13 -22.06
N PHE D 62 -2.29 2.07 -23.02
CA PHE D 62 -1.37 0.94 -23.10
C PHE D 62 -0.41 0.95 -21.92
N LEU D 63 0.02 2.14 -21.48
CA LEU D 63 0.87 2.25 -20.30
C LEU D 63 0.10 2.12 -19.00
N GLY D 64 -1.23 2.11 -19.06
CA GLY D 64 -2.03 2.04 -17.86
C GLY D 64 -2.19 3.35 -17.13
N LEU D 65 -2.01 4.48 -17.82
CA LEU D 65 -2.08 5.80 -17.21
C LEU D 65 -3.40 6.46 -17.59
N ARG D 66 -4.30 6.57 -16.62
CA ARG D 66 -5.53 7.31 -16.77
C ARG D 66 -5.29 8.81 -16.80
N GLU D 67 -6.22 9.55 -17.44
CA GLU D 67 -6.07 10.99 -17.57
C GLU D 67 -5.94 11.66 -16.20
N GLU D 68 -6.71 11.21 -15.22
CA GLU D 68 -6.65 11.76 -13.88
C GLU D 68 -5.27 11.62 -13.25
N GLU D 69 -4.38 10.83 -13.84
CA GLU D 69 -3.01 10.69 -13.34
C GLU D 69 -2.02 11.58 -14.09
N TRP D 70 -2.07 11.60 -15.42
CA TRP D 70 -1.05 12.32 -16.18
C TRP D 70 -1.42 13.76 -16.49
N MET D 71 -2.72 14.08 -16.58
CA MET D 71 -3.11 15.45 -16.90
C MET D 71 -2.69 16.46 -15.83
N PRO D 72 -2.91 16.24 -14.53
CA PRO D 72 -2.44 17.23 -13.55
C PRO D 72 -0.93 17.32 -13.46
N GLU D 73 -0.21 16.28 -13.87
CA GLU D 73 1.25 16.29 -13.83
C GLU D 73 1.86 17.10 -14.96
N CYS D 74 1.08 17.49 -15.97
CA CYS D 74 1.61 18.22 -17.12
CA CYS D 74 1.59 18.21 -17.13
C CYS D 74 0.78 19.46 -17.45
N ASN D 75 -0.03 19.94 -16.49
CA ASN D 75 -0.87 21.13 -16.68
C ASN D 75 -1.69 21.03 -17.96
N ALA D 76 -2.29 19.86 -18.18
CA ALA D 76 -3.00 19.60 -19.43
C ALA D 76 -4.39 20.22 -19.40
N ALA D 77 -4.85 20.66 -20.57
CA ALA D 77 -6.19 21.16 -20.78
C ALA D 77 -6.87 20.32 -21.87
N PHE D 78 -8.02 20.78 -22.33
CA PHE D 78 -8.84 20.02 -23.27
C PHE D 78 -8.90 20.70 -24.63
N LYS D 79 -8.95 19.86 -25.68
CA LYS D 79 -9.05 20.33 -27.06
C LYS D 79 -10.25 19.65 -27.71
N THR D 80 -11.21 20.45 -28.15
CA THR D 80 -12.40 19.95 -28.81
C THR D 80 -12.34 20.08 -30.33
N ALA D 81 -11.51 20.99 -30.84
CA ALA D 81 -11.41 21.26 -32.27
C ALA D 81 -10.23 22.20 -32.50
N VAL D 82 -10.02 22.53 -33.78
CA VAL D 82 -9.19 23.66 -34.18
C VAL D 82 -10.11 24.73 -34.74
N LYS D 83 -9.91 25.97 -34.30
CA LYS D 83 -10.68 27.12 -34.75
C LYS D 83 -9.83 27.94 -35.70
N PHE D 84 -10.26 28.02 -36.96
CA PHE D 84 -9.53 28.79 -37.97
C PHE D 84 -10.11 30.19 -38.04
N ILE D 85 -9.29 31.19 -37.77
CA ILE D 85 -9.73 32.57 -37.62
C ILE D 85 -9.14 33.40 -38.75
N ASN D 86 -10.01 34.08 -39.50
CA ASN D 86 -9.63 35.10 -40.49
C ASN D 86 -8.91 34.49 -41.70
N TRP D 87 -9.30 33.28 -42.09
CA TRP D 87 -8.73 32.64 -43.26
C TRP D 87 -9.45 32.98 -44.56
N ARG D 88 -10.48 33.83 -44.51
CA ARG D 88 -11.22 34.22 -45.69
C ARG D 88 -11.18 35.70 -46.01
N THR D 89 -10.84 36.55 -45.03
CA THR D 89 -10.83 37.99 -45.20
C THR D 89 -9.41 38.55 -45.22
N PRO D 90 -9.17 39.62 -45.97
CA PRO D 90 -7.87 40.29 -45.93
C PRO D 90 -7.71 41.08 -44.63
N GLY D 91 -6.45 41.44 -44.36
CA GLY D 91 -6.13 42.21 -43.18
C GLY D 91 -4.93 41.67 -42.44
N PRO D 92 -4.42 42.44 -41.49
CA PRO D 92 -3.28 41.98 -40.70
C PRO D 92 -3.68 40.90 -39.72
N GLY D 93 -2.66 40.35 -39.04
CA GLY D 93 -2.90 39.34 -38.03
C GLY D 93 -3.64 39.93 -36.84
N GLU D 94 -4.80 39.38 -36.51
CA GLU D 94 -5.61 39.87 -35.40
C GLU D 94 -6.24 38.68 -34.70
N ALA D 95 -6.14 38.66 -33.37
CA ALA D 95 -6.73 37.57 -32.60
C ALA D 95 -8.24 37.54 -32.72
N LYS D 96 -8.86 38.69 -32.96
CA LYS D 96 -10.31 38.80 -33.08
C LYS D 96 -10.75 38.53 -34.52
N ALA D 97 -11.81 37.76 -34.67
CA ALA D 97 -12.31 37.42 -35.99
C ALA D 97 -12.93 38.63 -36.67
N ARG D 98 -12.64 38.77 -37.97
CA ARG D 98 -13.31 39.77 -38.78
C ARG D 98 -14.71 39.29 -39.15
N THR D 99 -15.47 40.12 -39.85
CA THR D 99 -16.87 39.87 -40.14
C THR D 99 -17.07 39.55 -41.62
N ILE D 100 -17.77 38.44 -41.89
CA ILE D 100 -18.23 38.09 -43.22
C ILE D 100 -19.74 38.00 -43.18
N ASP D 101 -20.42 38.94 -43.84
CA ASP D 101 -21.88 38.88 -44.00
C ASP D 101 -22.57 38.73 -42.64
N GLY D 102 -22.23 39.63 -41.72
CA GLY D 102 -22.86 39.63 -40.41
C GLY D 102 -22.56 38.44 -39.54
N ARG D 103 -21.41 37.80 -39.72
CA ARG D 103 -20.98 36.72 -38.84
C ARG D 103 -19.46 36.66 -38.86
N PRO D 104 -18.83 36.26 -37.76
CA PRO D 104 -17.36 36.27 -37.69
C PRO D 104 -16.73 35.33 -38.71
N ASP D 105 -15.54 35.70 -39.16
CA ASP D 105 -14.76 34.87 -40.09
C ASP D 105 -14.01 33.82 -39.27
N HIS D 106 -14.72 32.75 -38.94
CA HIS D 106 -14.08 31.62 -38.29
C HIS D 106 -14.88 30.35 -38.59
N PHE D 107 -14.21 29.21 -38.42
CA PHE D 107 -14.87 27.92 -38.56
C PHE D 107 -14.11 26.89 -37.76
N TYR D 108 -14.81 25.83 -37.37
CA TYR D 108 -14.26 24.80 -36.50
C TYR D 108 -14.00 23.52 -37.27
N HIS D 109 -13.02 22.75 -36.77
CA HIS D 109 -12.67 21.44 -37.32
C HIS D 109 -12.68 20.47 -36.15
N PRO D 110 -13.86 19.99 -35.75
CA PRO D 110 -13.98 19.15 -34.56
C PRO D 110 -13.56 17.71 -34.86
N PHE D 111 -13.53 16.90 -33.81
CA PHE D 111 -13.28 15.48 -33.92
C PHE D 111 -14.61 14.74 -34.12
N GLY D 112 -14.54 13.41 -34.16
CA GLY D 112 -15.73 12.59 -34.30
C GLY D 112 -16.11 12.34 -35.74
N LEU D 113 -17.12 11.49 -35.91
CA LEU D 113 -17.63 11.13 -37.23
C LEU D 113 -19.01 11.74 -37.42
N LEU D 114 -19.26 12.28 -38.60
CA LEU D 114 -20.56 12.85 -38.91
C LEU D 114 -21.63 11.77 -38.89
N PRO D 115 -22.83 12.06 -38.42
CA PRO D 115 -23.91 11.07 -38.48
C PRO D 115 -24.40 10.88 -39.91
N GLU D 116 -25.04 9.74 -40.13
CA GLU D 116 -25.50 9.35 -41.45
C GLU D 116 -26.99 9.04 -41.43
N HIS D 117 -27.66 9.32 -42.55
CA HIS D 117 -29.00 8.82 -42.82
C HIS D 117 -29.00 8.22 -44.22
N GLY D 118 -29.58 7.03 -44.35
CA GLY D 118 -29.44 6.29 -45.58
C GLY D 118 -27.99 6.07 -45.98
N GLN D 119 -27.09 6.02 -45.00
CA GLN D 119 -25.67 5.80 -45.23
C GLN D 119 -25.05 6.90 -46.07
N VAL D 120 -25.64 8.09 -46.00
CA VAL D 120 -25.09 9.32 -46.58
C VAL D 120 -24.76 10.26 -45.44
N PRO D 121 -23.52 10.75 -45.35
CA PRO D 121 -23.17 11.62 -44.21
C PRO D 121 -23.98 12.90 -44.20
N LEU D 122 -24.09 13.48 -43.00
CA LEU D 122 -24.88 14.70 -42.81
C LEU D 122 -24.37 15.83 -43.69
N SER D 123 -23.06 15.83 -43.98
CA SER D 123 -22.47 16.89 -44.82
C SER D 123 -23.17 17.02 -46.17
N HIS D 124 -23.69 15.91 -46.70
CA HIS D 124 -24.27 15.97 -48.04
C HIS D 124 -25.68 16.53 -48.03
N TYR D 125 -26.44 16.31 -46.95
CA TYR D 125 -27.74 16.95 -46.82
C TYR D 125 -27.61 18.44 -46.59
N TRP D 126 -26.56 18.86 -45.86
CA TRP D 126 -26.27 20.28 -45.71
C TRP D 126 -25.94 20.90 -47.07
N ALA D 127 -25.09 20.25 -47.85
CA ALA D 127 -24.77 20.76 -49.18
C ALA D 127 -26.01 20.80 -50.07
N TYR D 128 -26.90 19.83 -49.91
CA TYR D 128 -28.17 19.83 -50.63
C TYR D 128 -28.99 21.08 -50.28
N ASN D 129 -29.12 21.38 -48.99
CA ASN D 129 -29.90 22.55 -48.57
C ASN D 129 -29.23 23.85 -49.01
N ARG D 130 -27.90 23.91 -48.95
CA ARG D 130 -27.21 25.11 -49.43
C ARG D 130 -27.40 25.28 -50.93
N ALA D 131 -27.33 24.19 -51.70
CA ALA D 131 -27.52 24.28 -53.14
C ALA D 131 -28.94 24.70 -53.50
N ALA D 132 -29.92 24.21 -52.73
CA ALA D 132 -31.30 24.62 -52.95
C ALA D 132 -31.62 25.99 -52.39
N GLY D 133 -30.69 26.60 -51.64
CA GLY D 133 -30.92 27.93 -51.11
C GLY D 133 -31.93 28.00 -49.99
N THR D 134 -32.23 26.88 -49.35
CA THR D 134 -33.16 26.86 -48.23
C THR D 134 -32.49 27.10 -46.89
N THR D 135 -31.16 27.26 -46.87
CA THR D 135 -30.45 27.65 -45.67
C THR D 135 -29.15 28.34 -46.08
N ASP D 136 -28.64 29.19 -45.18
CA ASP D 136 -27.32 29.79 -45.34
C ASP D 136 -26.45 29.53 -44.11
N GLU D 137 -26.84 28.58 -43.27
CA GLU D 137 -26.08 28.28 -42.07
C GLU D 137 -24.73 27.64 -42.44
N PRO D 138 -23.65 28.00 -41.76
CA PRO D 138 -22.35 27.38 -42.04
C PRO D 138 -22.39 25.88 -41.80
N PHE D 139 -21.43 25.19 -42.43
CA PHE D 139 -21.37 23.73 -42.33
C PHE D 139 -21.18 23.28 -40.89
N ASP D 140 -20.18 23.84 -40.21
CA ASP D 140 -19.84 23.35 -38.87
C ASP D 140 -20.96 23.61 -37.88
N TYR D 141 -21.59 24.78 -37.96
CA TYR D 141 -22.69 25.06 -37.03
C TYR D 141 -23.92 24.20 -37.33
N ALA D 142 -24.10 23.79 -38.59
CA ALA D 142 -25.25 22.97 -38.94
C ALA D 142 -25.04 21.50 -38.59
N CYS D 143 -23.79 21.03 -38.57
CA CYS D 143 -23.51 19.60 -38.48
C CYS D 143 -22.78 19.16 -37.23
N PHE D 144 -22.21 20.07 -36.44
CA PHE D 144 -21.48 19.72 -35.24
C PHE D 144 -22.11 20.41 -34.03
N ALA D 145 -22.58 19.60 -33.08
CA ALA D 145 -23.09 20.16 -31.83
C ALA D 145 -21.98 20.75 -30.97
N GLU D 146 -20.72 20.39 -31.25
CA GLU D 146 -19.60 20.91 -30.48
C GLU D 146 -19.40 22.41 -30.67
N THR D 147 -19.87 22.98 -31.78
CA THR D 147 -19.62 24.39 -32.05
C THR D 147 -20.28 25.28 -31.00
N ALA D 148 -21.52 24.99 -30.63
CA ALA D 148 -22.20 25.79 -29.60
C ALA D 148 -21.48 25.65 -28.26
N ALA D 149 -21.00 24.45 -27.95
CA ALA D 149 -20.32 24.24 -26.68
C ALA D 149 -19.00 25.00 -26.61
N MET D 150 -18.25 25.03 -27.72
CA MET D 150 -16.98 25.75 -27.72
C MET D 150 -17.18 27.25 -27.68
N ASP D 151 -18.23 27.76 -28.33
CA ASP D 151 -18.53 29.18 -28.22
C ASP D 151 -18.85 29.57 -26.78
N ALA D 152 -19.51 28.68 -26.04
CA ALA D 152 -19.77 28.89 -24.62
C ALA D 152 -18.66 28.33 -23.74
N VAL D 153 -17.46 28.12 -24.30
CA VAL D 153 -16.25 27.62 -23.63
C VAL D 153 -16.58 26.54 -22.60
N ARG D 154 -17.35 25.54 -23.00
CA ARG D 154 -17.73 24.45 -22.12
C ARG D 154 -16.63 23.39 -22.07
N ALA D 155 -16.66 22.58 -21.02
CA ALA D 155 -15.77 21.44 -20.94
C ALA D 155 -16.29 20.31 -21.83
N PRO D 156 -15.41 19.45 -22.34
CA PRO D 156 -15.85 18.34 -23.20
C PRO D 156 -16.64 17.26 -22.46
N LYS D 157 -16.78 17.35 -21.14
CA LYS D 157 -17.54 16.36 -20.39
C LYS D 157 -18.10 17.01 -19.12
N TRP D 158 -19.04 16.31 -18.50
CA TRP D 158 -19.68 16.81 -17.29
C TRP D 158 -18.82 16.53 -16.06
N LEU D 159 -19.27 17.05 -14.91
CA LEU D 159 -18.48 16.96 -13.69
C LEU D 159 -18.33 15.52 -13.19
N ASP D 160 -19.32 14.67 -13.48
CA ASP D 160 -19.23 13.28 -13.02
C ASP D 160 -18.23 12.46 -13.83
N GLY D 161 -17.67 13.02 -14.89
CA GLY D 161 -16.65 12.35 -15.67
C GLY D 161 -17.14 11.73 -16.97
N ARG D 162 -18.45 11.57 -17.14
CA ARG D 162 -18.96 10.94 -18.35
C ARG D 162 -18.71 11.85 -19.55
N PRO D 163 -18.16 11.31 -20.65
CA PRO D 163 -17.83 12.17 -21.79
C PRO D 163 -19.08 12.65 -22.53
N ALA D 164 -18.95 13.83 -23.13
CA ALA D 164 -20.01 14.40 -23.95
C ALA D 164 -19.64 14.50 -25.42
N THR D 165 -18.37 14.73 -25.74
CA THR D 165 -17.90 14.80 -27.11
C THR D 165 -16.55 14.11 -27.23
N ARG D 166 -16.09 13.93 -28.46
CA ARG D 166 -14.71 13.53 -28.68
C ARG D 166 -13.79 14.72 -28.41
N TYR D 167 -12.70 14.47 -27.70
CA TYR D 167 -11.80 15.55 -27.35
C TYR D 167 -10.36 15.06 -27.30
N ALA D 168 -9.43 15.99 -27.49
CA ALA D 168 -8.01 15.74 -27.31
C ALA D 168 -7.47 16.61 -26.17
N TRP D 169 -6.18 16.89 -26.18
CA TRP D 169 -5.56 17.56 -25.05
C TRP D 169 -4.61 18.65 -25.52
N HIS D 170 -4.47 19.67 -24.68
CA HIS D 170 -3.41 20.66 -24.77
C HIS D 170 -2.46 20.45 -23.61
N PHE D 171 -1.16 20.53 -23.87
CA PHE D 171 -0.18 20.50 -22.79
C PHE D 171 1.12 21.10 -23.30
N ASP D 172 2.02 21.39 -22.36
CA ASP D 172 3.39 21.76 -22.71
C ASP D 172 4.23 20.49 -22.75
N ALA D 173 5.02 20.35 -23.82
CA ALA D 173 5.63 19.06 -24.13
C ALA D 173 6.67 18.65 -23.10
N HIS D 174 7.30 19.61 -22.42
CA HIS D 174 8.41 19.27 -21.53
C HIS D 174 7.93 18.51 -20.31
N LEU D 175 6.79 18.90 -19.74
CA LEU D 175 6.28 18.19 -18.56
C LEU D 175 5.79 16.79 -18.92
N VAL D 176 5.30 16.59 -20.14
CA VAL D 176 4.95 15.24 -20.58
C VAL D 176 6.21 14.38 -20.68
N ALA D 177 7.27 14.94 -21.26
CA ALA D 177 8.52 14.20 -21.38
C ALA D 177 9.11 13.88 -20.01
N GLU D 178 9.05 14.82 -19.08
CA GLU D 178 9.54 14.57 -17.72
C GLU D 178 8.69 13.52 -17.01
N PHE D 179 7.37 13.58 -17.21
CA PHE D 179 6.49 12.59 -16.58
C PHE D 179 6.72 11.19 -17.14
N LEU D 180 6.98 11.09 -18.45
CA LEU D 180 7.23 9.80 -19.06
C LEU D 180 8.61 9.27 -18.68
N ARG D 181 9.60 10.15 -18.57
CA ARG D 181 10.93 9.74 -18.12
C ARG D 181 10.86 9.10 -16.74
N ARG D 182 10.17 9.75 -15.81
CA ARG D 182 10.04 9.18 -14.47
C ARG D 182 9.26 7.87 -14.50
N HIS D 183 8.20 7.80 -15.30
CA HIS D 183 7.47 6.55 -15.44
C HIS D 183 8.34 5.47 -16.08
N ALA D 184 9.09 5.83 -17.12
CA ALA D 184 9.89 4.85 -17.84
C ALA D 184 11.06 4.35 -17.00
N THR D 185 11.74 5.25 -16.29
CA THR D 185 12.94 4.86 -15.54
C THR D 185 12.61 4.16 -14.23
N GLU D 186 11.52 4.55 -13.57
CA GLU D 186 11.22 4.03 -12.25
C GLU D 186 10.27 2.84 -12.28
N ARG D 187 9.53 2.63 -13.36
CA ARG D 187 8.55 1.56 -13.43
C ARG D 187 8.75 0.61 -14.61
N LEU D 188 9.51 1.00 -15.63
CA LEU D 188 9.66 0.19 -16.84
C LEU D 188 11.11 -0.22 -17.11
N ASN D 189 12.00 -0.08 -16.13
CA ASN D 189 13.38 -0.57 -16.19
C ASN D 189 14.22 0.11 -17.26
N VAL D 190 13.79 1.26 -17.78
CA VAL D 190 14.55 1.95 -18.81
C VAL D 190 15.73 2.67 -18.16
N GLU D 191 16.92 2.50 -18.74
CA GLU D 191 18.10 3.16 -18.22
C GLU D 191 18.29 4.49 -18.92
N HIS D 192 18.44 5.56 -18.13
CA HIS D 192 18.64 6.90 -18.65
C HIS D 192 20.11 7.27 -18.51
N VAL D 193 20.77 7.51 -19.63
CA VAL D 193 22.18 7.85 -19.65
C VAL D 193 22.30 9.32 -20.06
N GLN D 194 22.77 10.15 -19.14
CA GLN D 194 23.02 11.56 -19.41
C GLN D 194 24.44 11.71 -19.94
N GLY D 195 24.57 12.20 -21.17
CA GLY D 195 25.88 12.36 -21.77
C GLY D 195 25.74 12.80 -23.22
N GLU D 196 26.90 13.02 -23.83
CA GLU D 196 26.99 13.43 -25.22
C GLU D 196 27.56 12.31 -26.05
N MET D 197 26.91 12.01 -27.17
CA MET D 197 27.38 10.95 -28.05
C MET D 197 28.66 11.40 -28.76
N GLN D 198 29.71 10.59 -28.66
CA GLN D 198 30.97 10.91 -29.32
C GLN D 198 31.03 10.39 -30.75
N GLN D 199 30.61 9.15 -30.97
CA GLN D 199 30.66 8.55 -32.30
C GLN D 199 29.61 7.45 -32.40
N VAL D 200 29.21 7.17 -33.64
CA VAL D 200 28.29 6.09 -33.96
C VAL D 200 29.13 4.94 -34.50
N LEU D 201 29.16 3.82 -33.78
CA LEU D 201 29.95 2.67 -34.18
C LEU D 201 29.13 1.76 -35.10
N ARG D 202 29.69 1.43 -36.25
CA ARG D 202 29.02 0.62 -37.26
C ARG D 202 29.90 -0.57 -37.64
N ASP D 203 29.27 -1.63 -38.14
CA ASP D 203 29.98 -2.82 -38.57
C ASP D 203 30.25 -2.76 -40.08
N GLU D 204 30.85 -3.82 -40.60
CA GLU D 204 31.19 -3.87 -42.03
C GLU D 204 29.94 -3.85 -42.91
N ARG D 205 28.77 -4.16 -42.35
CA ARG D 205 27.51 -4.09 -43.09
C ARG D 205 26.85 -2.73 -43.01
N GLY D 206 27.37 -1.81 -42.20
CA GLY D 206 26.74 -0.54 -41.98
C GLY D 206 25.73 -0.51 -40.86
N PHE D 207 25.45 -1.66 -40.23
CA PHE D 207 24.55 -1.70 -39.08
C PHE D 207 25.22 -1.07 -37.87
N ILE D 208 24.45 -0.30 -37.10
CA ILE D 208 24.97 0.30 -35.89
C ILE D 208 25.13 -0.77 -34.82
N THR D 209 26.30 -0.79 -34.17
CA THR D 209 26.57 -1.72 -33.08
C THR D 209 26.52 -1.08 -31.71
N ALA D 210 26.88 0.19 -31.59
CA ALA D 210 26.87 0.85 -30.30
C ALA D 210 26.89 2.36 -30.49
N LEU D 211 26.46 3.06 -29.44
CA LEU D 211 26.65 4.50 -29.32
C LEU D 211 27.75 4.74 -28.29
N ARG D 212 28.79 5.48 -28.70
CA ARG D 212 29.90 5.80 -27.81
C ARG D 212 29.74 7.21 -27.29
N THR D 213 29.76 7.36 -25.96
CA THR D 213 29.60 8.66 -25.34
C THR D 213 30.95 9.32 -25.10
N VAL D 214 30.91 10.61 -24.76
CA VAL D 214 32.13 11.34 -24.46
C VAL D 214 32.77 10.82 -23.18
N GLU D 215 31.96 10.45 -22.19
CA GLU D 215 32.48 9.93 -20.93
C GLU D 215 33.22 8.61 -21.10
N GLY D 216 32.91 7.85 -22.16
CA GLY D 216 33.59 6.60 -22.45
C GLY D 216 32.70 5.37 -22.50
N ARG D 217 31.40 5.49 -22.24
CA ARG D 217 30.52 4.33 -22.28
C ARG D 217 30.18 3.96 -23.71
N ASP D 218 30.14 2.66 -23.98
CA ASP D 218 29.64 2.13 -25.25
C ASP D 218 28.25 1.55 -25.00
N LEU D 219 27.24 2.19 -25.58
CA LEU D 219 25.86 1.74 -25.43
C LEU D 219 25.53 0.79 -26.57
N GLU D 220 25.82 -0.49 -26.36
CA GLU D 220 25.61 -1.49 -27.40
C GLU D 220 24.14 -1.86 -27.50
N GLY D 221 23.73 -2.23 -28.71
CA GLY D 221 22.34 -2.61 -28.95
C GLY D 221 22.18 -3.24 -30.32
N ASP D 222 21.04 -3.91 -30.49
CA ASP D 222 20.68 -4.50 -31.78
C ASP D 222 19.82 -3.57 -32.61
N LEU D 223 19.05 -2.70 -31.97
CA LEU D 223 18.10 -1.83 -32.65
C LEU D 223 18.23 -0.43 -32.07
N PHE D 224 18.34 0.58 -32.95
CA PHE D 224 18.59 1.95 -32.53
C PHE D 224 17.48 2.85 -33.02
N ILE D 225 16.94 3.67 -32.11
CA ILE D 225 15.88 4.61 -32.42
C ILE D 225 16.50 6.01 -32.43
N ASP D 226 16.32 6.72 -33.55
CA ASP D 226 16.82 8.09 -33.66
C ASP D 226 15.69 9.04 -33.26
N CYS D 227 15.80 9.60 -32.06
CA CYS D 227 14.89 10.63 -31.57
C CYS D 227 15.64 11.92 -31.26
N SER D 228 16.68 12.21 -32.04
CA SER D 228 17.57 13.34 -31.78
C SER D 228 17.06 14.65 -32.36
N GLY D 229 15.91 14.65 -33.01
CA GLY D 229 15.36 15.88 -33.56
C GLY D 229 15.82 16.13 -34.99
N PHE D 230 15.71 17.41 -35.37
CA PHE D 230 15.93 17.81 -36.76
C PHE D 230 17.32 17.44 -37.27
N ARG D 231 18.32 17.38 -36.37
CA ARG D 231 19.66 17.05 -36.81
C ARG D 231 19.76 15.62 -37.34
N GLY D 232 18.94 14.71 -36.81
CA GLY D 232 18.96 13.33 -37.25
C GLY D 232 20.34 12.69 -37.21
N LEU D 233 20.96 12.71 -36.03
CA LEU D 233 22.36 12.30 -35.92
C LEU D 233 22.57 10.85 -36.35
N LEU D 234 21.55 10.01 -36.23
CA LEU D 234 21.68 8.62 -36.66
C LEU D 234 21.23 8.44 -38.11
N ILE D 235 19.95 8.74 -38.39
CA ILE D 235 19.38 8.40 -39.69
C ILE D 235 19.98 9.27 -40.80
N ASN D 236 20.27 10.54 -40.50
CA ASN D 236 20.78 11.46 -41.52
C ASN D 236 22.30 11.54 -41.53
N LYS D 237 22.92 11.70 -40.37
CA LYS D 237 24.37 11.86 -40.32
C LYS D 237 25.10 10.53 -40.42
N ALA D 238 24.77 9.58 -39.54
CA ALA D 238 25.49 8.32 -39.51
C ALA D 238 25.08 7.43 -40.68
N MET D 239 23.78 7.24 -40.88
CA MET D 239 23.28 6.35 -41.93
C MET D 239 23.23 7.03 -43.29
N GLU D 240 23.36 8.35 -43.35
CA GLU D 240 23.43 9.10 -44.60
C GLU D 240 22.16 8.95 -45.45
N GLU D 241 21.02 8.74 -44.79
CA GLU D 241 19.76 8.68 -45.53
C GLU D 241 19.32 10.09 -45.90
N PRO D 242 18.98 10.35 -47.16
CA PRO D 242 18.63 11.71 -47.57
C PRO D 242 17.29 12.16 -46.99
N PHE D 243 17.20 13.46 -46.74
CA PHE D 243 15.97 14.11 -46.33
C PHE D 243 15.35 14.76 -47.56
N ILE D 244 14.06 14.54 -47.76
CA ILE D 244 13.35 15.07 -48.92
C ILE D 244 12.72 16.40 -48.51
N ASP D 245 13.33 17.50 -48.96
CA ASP D 245 12.78 18.82 -48.70
C ASP D 245 11.48 19.01 -49.46
N MET D 246 10.48 19.60 -48.79
CA MET D 246 9.13 19.67 -49.31
C MET D 246 8.58 21.08 -49.20
N ASN D 247 9.46 22.09 -49.21
CA ASN D 247 9.03 23.48 -49.17
C ASN D 247 8.40 23.94 -50.48
N ASP D 248 8.43 23.12 -51.53
CA ASP D 248 7.72 23.46 -52.76
C ASP D 248 6.21 23.34 -52.60
N GLN D 249 5.74 22.66 -51.56
CA GLN D 249 4.33 22.55 -51.25
C GLN D 249 3.89 23.41 -50.07
N LEU D 250 4.71 23.51 -49.03
CA LEU D 250 4.41 24.29 -47.84
C LEU D 250 5.53 25.30 -47.64
N LEU D 251 5.18 26.59 -47.69
CA LEU D 251 6.18 27.66 -47.68
C LEU D 251 6.68 28.00 -46.29
N CYS D 252 5.93 27.68 -45.24
CA CYS D 252 6.32 28.07 -43.89
C CYS D 252 7.52 27.25 -43.42
N ASN D 253 8.50 27.94 -42.82
CA ASN D 253 9.72 27.29 -42.37
C ASN D 253 10.32 27.93 -41.13
N ARG D 254 9.69 28.94 -40.53
CA ARG D 254 10.19 29.61 -39.35
C ARG D 254 9.06 29.74 -38.33
N ALA D 255 9.43 30.04 -37.09
CA ALA D 255 8.43 30.23 -36.04
C ALA D 255 9.02 31.08 -34.93
N VAL D 256 8.23 32.06 -34.48
CA VAL D 256 8.53 32.83 -33.28
C VAL D 256 7.38 32.60 -32.30
N ALA D 257 7.70 32.21 -31.08
CA ALA D 257 6.69 31.75 -30.13
C ALA D 257 7.03 32.19 -28.73
N THR D 258 6.03 32.10 -27.85
CA THR D 258 6.16 32.39 -26.43
C THR D 258 4.89 31.88 -25.74
N ALA D 259 4.82 32.10 -24.44
CA ALA D 259 3.65 31.76 -23.64
C ALA D 259 3.19 32.99 -22.88
N ILE D 260 1.87 33.16 -22.78
CA ILE D 260 1.27 34.36 -22.23
C ILE D 260 0.39 33.99 -21.05
N LYS D 261 0.59 34.66 -19.92
CA LYS D 261 -0.30 34.49 -18.78
C LYS D 261 -1.68 35.04 -19.12
N HIS D 262 -2.71 34.35 -18.64
CA HIS D 262 -4.08 34.67 -19.03
C HIS D 262 -4.99 34.70 -17.81
N ASP D 263 -5.90 35.67 -17.78
CA ASP D 263 -6.90 35.79 -16.73
C ASP D 263 -8.12 34.97 -17.17
N ASP D 264 -8.19 33.72 -16.68
CA ASP D 264 -9.26 32.83 -17.11
C ASP D 264 -10.63 33.30 -16.63
N ASP D 265 -10.70 33.94 -15.46
CA ASP D 265 -11.98 34.38 -14.93
C ASP D 265 -12.62 35.47 -15.79
N ALA D 266 -11.82 36.16 -16.61
CA ALA D 266 -12.37 37.25 -17.41
C ALA D 266 -13.02 36.75 -18.69
N HIS D 267 -12.46 35.69 -19.30
CA HIS D 267 -12.99 35.19 -20.57
C HIS D 267 -13.05 33.68 -20.67
N GLY D 268 -12.65 32.93 -19.64
CA GLY D 268 -12.69 31.49 -19.70
C GLY D 268 -11.47 30.89 -20.40
N VAL D 269 -11.45 29.57 -20.44
CA VAL D 269 -10.41 28.82 -21.11
C VAL D 269 -11.03 28.19 -22.35
N GLU D 270 -10.59 28.64 -23.52
CA GLU D 270 -11.14 28.11 -24.77
C GLU D 270 -10.76 26.65 -24.93
N PRO D 271 -11.73 25.74 -25.06
CA PRO D 271 -11.45 24.31 -25.21
C PRO D 271 -11.12 23.90 -26.65
N TYR D 272 -10.25 24.67 -27.30
CA TYR D 272 -9.89 24.39 -28.68
C TYR D 272 -8.58 25.09 -29.00
N THR D 273 -7.93 24.63 -30.07
CA THR D 273 -6.77 25.30 -30.62
C THR D 273 -7.24 26.31 -31.66
N SER D 274 -6.59 27.47 -31.69
CA SER D 274 -6.89 28.49 -32.68
C SER D 274 -5.75 28.60 -33.68
N ALA D 275 -6.11 28.70 -34.96
CA ALA D 275 -5.15 28.90 -36.05
C ALA D 275 -5.50 30.23 -36.69
N ILE D 276 -4.80 31.28 -36.26
CA ILE D 276 -5.10 32.64 -36.67
C ILE D 276 -4.31 32.97 -37.94
N ALA D 277 -5.02 33.31 -39.01
CA ALA D 277 -4.36 33.64 -40.26
C ALA D 277 -3.60 34.96 -40.14
N MET D 278 -2.41 35.00 -40.73
CA MET D 278 -1.52 36.15 -40.69
C MET D 278 -1.24 36.62 -42.11
N ARG D 279 -0.38 37.63 -42.22
CA ARG D 279 -0.03 38.17 -43.53
C ARG D 279 0.92 37.25 -44.28
N SER D 280 1.83 36.57 -43.57
CA SER D 280 2.80 35.69 -44.19
C SER D 280 2.82 34.32 -43.53
N GLY D 281 1.66 33.86 -43.06
CA GLY D 281 1.57 32.58 -42.39
C GLY D 281 0.36 32.51 -41.48
N TRP D 282 0.52 31.82 -40.35
CA TRP D 282 -0.56 31.65 -39.40
C TRP D 282 0.04 31.54 -38.01
N SER D 283 -0.79 31.81 -37.00
CA SER D 283 -0.38 31.73 -35.61
C SER D 283 -1.28 30.76 -34.86
N TRP D 284 -0.68 29.99 -33.96
CA TRP D 284 -1.43 29.07 -33.12
C TRP D 284 -1.71 29.68 -31.76
N LYS D 285 -2.79 29.22 -31.13
CA LYS D 285 -3.10 29.57 -29.75
C LYS D 285 -3.55 28.31 -29.04
N ILE D 286 -2.81 27.90 -28.01
CA ILE D 286 -3.07 26.66 -27.28
C ILE D 286 -3.40 27.03 -25.84
N PRO D 287 -4.69 27.08 -25.49
CA PRO D 287 -5.08 27.51 -24.15
C PRO D 287 -4.83 26.44 -23.11
N MET D 288 -4.42 26.88 -21.93
CA MET D 288 -4.22 26.02 -20.78
C MET D 288 -4.66 26.78 -19.53
N LEU D 289 -4.65 26.08 -18.40
CA LEU D 289 -5.07 26.72 -17.15
C LEU D 289 -4.04 27.79 -16.75
N GLY D 290 -4.48 29.04 -16.75
CA GLY D 290 -3.65 30.15 -16.34
C GLY D 290 -2.82 30.79 -17.43
N ARG D 291 -2.53 30.08 -18.51
CA ARG D 291 -1.68 30.60 -19.57
C ARG D 291 -2.07 29.96 -20.89
N PHE D 292 -1.52 30.49 -21.98
CA PHE D 292 -1.68 29.87 -23.28
C PHE D 292 -0.43 30.08 -24.10
N GLY D 293 0.00 29.02 -24.78
CA GLY D 293 1.10 29.13 -25.71
C GLY D 293 0.63 29.64 -27.06
N THR D 294 1.53 30.35 -27.75
CA THR D 294 1.19 30.91 -29.04
C THR D 294 2.46 31.11 -29.86
N GLY D 295 2.34 30.91 -31.17
CA GLY D 295 3.48 31.07 -32.05
C GLY D 295 3.12 31.43 -33.48
N TYR D 296 3.88 32.33 -34.08
CA TYR D 296 3.68 32.74 -35.47
C TYR D 296 4.51 31.83 -36.37
N VAL D 297 3.83 30.95 -37.10
CA VAL D 297 4.47 30.11 -38.12
C VAL D 297 4.41 30.87 -39.44
N TYR D 298 5.58 31.19 -40.00
CA TYR D 298 5.64 32.04 -41.18
C TYR D 298 6.69 31.52 -42.15
N SER D 299 6.68 32.12 -43.35
CA SER D 299 7.61 31.78 -44.41
C SER D 299 8.70 32.84 -44.49
N SER D 300 9.96 32.39 -44.46
CA SER D 300 11.09 33.32 -44.52
C SER D 300 11.17 34.06 -45.85
N ARG D 301 10.62 33.49 -46.91
CA ARG D 301 10.65 34.14 -48.22
C ARG D 301 9.68 35.31 -48.32
N PHE D 302 8.83 35.53 -47.33
CA PHE D 302 7.84 36.60 -47.38
C PHE D 302 7.78 37.44 -46.11
N ALA D 303 8.62 37.16 -45.11
CA ALA D 303 8.64 37.95 -43.88
C ALA D 303 9.99 37.79 -43.22
N GLU D 304 10.68 38.91 -42.99
CA GLU D 304 11.94 38.84 -42.27
C GLU D 304 11.71 38.51 -40.80
N LYS D 305 12.80 38.17 -40.11
CA LYS D 305 12.69 37.70 -38.73
C LYS D 305 12.08 38.78 -37.83
N ASP D 306 12.61 40.00 -37.90
CA ASP D 306 12.07 41.08 -37.06
C ASP D 306 10.72 41.55 -37.55
N GLU D 307 10.46 41.45 -38.86
CA GLU D 307 9.14 41.79 -39.38
C GLU D 307 8.08 40.83 -38.82
N ALA D 308 8.41 39.54 -38.72
CA ALA D 308 7.48 38.59 -38.14
C ALA D 308 7.37 38.75 -36.63
N THR D 309 8.46 39.15 -35.97
CA THR D 309 8.41 39.36 -34.52
C THR D 309 7.46 40.48 -34.16
N LEU D 310 7.52 41.60 -34.90
CA LEU D 310 6.63 42.73 -34.61
C LEU D 310 5.17 42.38 -34.85
N ASP D 311 4.88 41.68 -35.96
CA ASP D 311 3.50 41.30 -36.24
C ASP D 311 2.96 40.36 -35.18
N PHE D 312 3.79 39.45 -34.68
CA PHE D 312 3.36 38.52 -33.65
C PHE D 312 3.14 39.24 -32.33
N CYS D 313 4.02 40.17 -31.97
CA CYS D 313 3.87 40.90 -30.71
C CYS D 313 2.73 41.91 -30.80
N ARG D 314 2.56 42.55 -31.96
CA ARG D 314 1.47 43.52 -32.10
C ARG D 314 0.11 42.84 -32.00
N MET D 315 0.00 41.59 -32.45
CA MET D 315 -1.27 40.87 -32.34
C MET D 315 -1.69 40.73 -30.88
N TRP D 316 -0.74 40.41 -30.01
CA TRP D 316 -1.02 40.14 -28.60
C TRP D 316 -0.74 41.33 -27.71
N GLY D 317 -0.36 42.48 -28.30
CA GLY D 317 -0.06 43.66 -27.52
C GLY D 317 1.11 43.45 -26.57
N LEU D 318 2.19 42.87 -27.08
CA LEU D 318 3.35 42.54 -26.29
C LEU D 318 4.50 43.49 -26.61
N ASP D 319 5.20 43.93 -25.57
CA ASP D 319 6.38 44.77 -25.75
C ASP D 319 7.44 43.97 -26.50
N PRO D 320 7.83 44.38 -27.71
CA PRO D 320 8.77 43.57 -28.50
C PRO D 320 10.11 43.35 -27.84
N GLU D 321 10.46 44.10 -26.79
CA GLU D 321 11.76 43.97 -26.15
C GLU D 321 11.70 43.40 -24.75
N ASN D 322 10.54 43.38 -24.10
CA ASN D 322 10.43 42.92 -22.71
C ASN D 322 9.59 41.65 -22.59
N THR D 323 9.60 40.80 -23.61
CA THR D 323 8.99 39.48 -23.54
C THR D 323 9.94 38.45 -24.11
N PRO D 324 10.03 37.27 -23.49
CA PRO D 324 10.89 36.22 -24.05
C PRO D 324 10.24 35.60 -25.28
N LEU D 325 11.05 35.38 -26.32
CA LEU D 325 10.58 34.82 -27.58
C LEU D 325 11.61 33.84 -28.10
N ASN D 326 11.22 32.57 -28.23
CA ASN D 326 12.07 31.58 -28.86
C ASN D 326 11.77 31.54 -30.36
N GLN D 327 12.82 31.40 -31.16
CA GLN D 327 12.72 31.50 -32.61
C GLN D 327 13.37 30.27 -33.22
N VAL D 328 12.62 29.54 -34.04
CA VAL D 328 13.02 28.25 -34.57
C VAL D 328 12.83 28.24 -36.08
N ALA D 329 13.79 27.65 -36.79
CA ALA D 329 13.67 27.41 -38.22
C ALA D 329 13.32 25.94 -38.44
N PHE D 330 12.35 25.70 -39.32
CA PHE D 330 11.85 24.36 -39.59
C PHE D 330 12.53 23.76 -40.81
N ARG D 331 12.58 22.43 -40.85
CA ARG D 331 12.81 21.70 -42.10
C ARG D 331 11.54 20.92 -42.39
N VAL D 332 10.97 21.14 -43.57
CA VAL D 332 9.69 20.56 -43.95
C VAL D 332 9.94 19.39 -44.89
N GLY D 333 9.37 18.24 -44.56
CA GLY D 333 9.53 17.05 -45.37
C GLY D 333 9.80 15.85 -44.50
N ARG D 334 10.34 14.81 -45.12
CA ARG D 334 10.60 13.55 -44.43
C ARG D 334 11.86 12.92 -45.00
N ASN D 335 12.37 11.91 -44.29
CA ASN D 335 13.46 11.12 -44.82
C ASN D 335 12.98 10.27 -45.99
N ARG D 336 13.90 9.97 -46.91
CA ARG D 336 13.57 9.07 -48.02
C ARG D 336 13.02 7.76 -47.50
N ARG D 337 13.57 7.27 -46.38
CA ARG D 337 13.05 6.12 -45.65
C ARG D 337 13.17 6.42 -44.17
N ALA D 338 12.13 6.10 -43.40
CA ALA D 338 12.18 6.35 -41.96
C ALA D 338 13.07 5.34 -41.26
N TRP D 339 13.14 4.12 -41.77
CA TRP D 339 13.85 3.01 -41.14
C TRP D 339 14.86 2.48 -42.12
N VAL D 340 16.14 2.52 -41.74
CA VAL D 340 17.25 2.07 -42.58
C VAL D 340 18.12 1.13 -41.78
N LYS D 341 18.35 -0.07 -42.33
CA LYS D 341 19.13 -1.11 -41.67
C LYS D 341 18.59 -1.39 -40.27
N ASN D 342 19.33 -1.04 -39.22
CA ASN D 342 18.87 -1.22 -37.84
C ASN D 342 18.65 0.12 -37.15
N CYS D 343 18.26 1.15 -37.90
CA CYS D 343 18.04 2.48 -37.36
C CYS D 343 16.64 2.94 -37.75
N VAL D 344 15.80 3.22 -36.75
CA VAL D 344 14.45 3.71 -36.95
C VAL D 344 14.39 5.15 -36.46
N SER D 345 13.88 6.05 -37.30
CA SER D 345 13.71 7.45 -36.92
C SER D 345 12.27 7.71 -36.52
N ILE D 346 12.11 8.49 -35.45
CA ILE D 346 10.80 8.79 -34.87
C ILE D 346 10.79 10.24 -34.44
N GLY D 347 9.74 10.98 -34.82
CA GLY D 347 9.64 12.38 -34.48
C GLY D 347 10.31 13.29 -35.50
N LEU D 348 10.84 14.41 -35.03
CA LEU D 348 11.46 15.37 -35.94
C LEU D 348 12.66 14.80 -36.68
N ALA D 349 13.29 13.75 -36.15
CA ALA D 349 14.34 13.08 -36.89
C ALA D 349 13.80 12.34 -38.11
N SER D 350 12.52 11.97 -38.10
CA SER D 350 11.89 11.30 -39.23
C SER D 350 11.27 12.29 -40.21
N CYS D 351 10.51 13.26 -39.71
CA CYS D 351 9.75 14.16 -40.57
C CYS D 351 9.22 15.32 -39.74
N PHE D 352 8.68 16.33 -40.43
CA PHE D 352 8.07 17.46 -39.75
C PHE D 352 7.12 18.18 -40.70
N LEU D 353 5.94 18.52 -40.17
CA LEU D 353 5.02 19.46 -40.80
C LEU D 353 4.67 20.53 -39.79
N GLU D 354 4.30 21.70 -40.28
CA GLU D 354 3.77 22.72 -39.39
C GLU D 354 2.55 22.17 -38.66
N PRO D 355 2.36 22.52 -37.38
CA PRO D 355 1.26 21.94 -36.58
C PRO D 355 -0.09 22.59 -36.83
N LEU D 356 -0.42 22.81 -38.11
CA LEU D 356 -1.70 23.41 -38.45
C LEU D 356 -2.86 22.51 -38.06
N GLU D 357 -2.68 21.18 -38.18
CA GLU D 357 -3.69 20.22 -37.76
C GLU D 357 -3.15 19.32 -36.65
N SER D 358 -2.22 19.84 -35.85
CA SER D 358 -1.66 19.18 -34.67
C SER D 358 -1.37 17.70 -34.91
N THR D 359 -0.35 17.41 -35.71
CA THR D 359 -0.03 16.03 -36.07
C THR D 359 1.31 15.57 -35.52
N GLY D 360 2.01 16.41 -34.77
CA GLY D 360 3.32 16.07 -34.24
C GLY D 360 3.31 14.84 -33.33
N ILE D 361 2.52 14.89 -32.27
CA ILE D 361 2.42 13.75 -31.36
C ILE D 361 1.84 12.54 -32.08
N TYR D 362 0.91 12.77 -33.02
CA TYR D 362 0.30 11.66 -33.73
C TYR D 362 1.31 10.92 -34.59
N PHE D 363 2.19 11.65 -35.29
CA PHE D 363 3.20 11.00 -36.12
C PHE D 363 4.14 10.15 -35.25
N ILE D 364 4.47 10.65 -34.06
CA ILE D 364 5.27 9.86 -33.13
C ILE D 364 4.48 8.64 -32.66
N THR D 365 3.23 8.85 -32.26
CA THR D 365 2.38 7.76 -31.80
C THR D 365 2.23 6.69 -32.88
N ALA D 366 1.94 7.10 -34.11
CA ALA D 366 1.70 6.14 -35.18
C ALA D 366 2.98 5.40 -35.56
N ALA D 367 4.13 6.09 -35.52
CA ALA D 367 5.39 5.43 -35.83
C ALA D 367 5.74 4.39 -34.77
N ILE D 368 5.50 4.71 -33.49
CA ILE D 368 5.75 3.76 -32.42
C ILE D 368 4.88 2.52 -32.60
N TYR D 369 3.59 2.73 -32.87
CA TYR D 369 2.67 1.62 -33.08
C TYR D 369 3.09 0.77 -34.27
N GLN D 370 3.43 1.42 -35.38
CA GLN D 370 3.82 0.69 -36.59
C GLN D 370 5.18 0.01 -36.44
N LEU D 371 6.01 0.46 -35.49
CA LEU D 371 7.25 -0.26 -35.23
C LEU D 371 6.97 -1.60 -34.55
N THR D 372 6.10 -1.59 -33.54
CA THR D 372 5.72 -2.83 -32.88
C THR D 372 4.98 -3.76 -33.83
N GLN D 373 4.23 -3.20 -34.79
CA GLN D 373 3.53 -4.04 -35.75
C GLN D 373 4.49 -4.69 -36.73
N HIS D 374 5.62 -4.06 -37.01
CA HIS D 374 6.65 -4.60 -37.90
C HIS D 374 7.94 -4.86 -37.15
N PHE D 375 7.84 -5.22 -35.87
CA PHE D 375 9.03 -5.37 -35.03
C PHE D 375 9.93 -6.46 -35.60
N PRO D 376 11.20 -6.17 -35.82
CA PRO D 376 12.07 -7.15 -36.49
C PRO D 376 12.71 -8.11 -35.51
N ASP D 377 13.43 -9.09 -36.03
CA ASP D 377 14.44 -9.78 -35.26
C ASP D 377 15.81 -9.38 -35.81
N ARG D 378 16.85 -10.08 -35.37
CA ARG D 378 18.20 -9.66 -35.71
C ARG D 378 18.55 -9.88 -37.18
N THR D 379 17.76 -10.67 -37.92
CA THR D 379 17.96 -10.79 -39.36
C THR D 379 17.50 -9.55 -40.11
N PHE D 380 16.64 -8.74 -39.50
CA PHE D 380 16.13 -7.50 -40.09
C PHE D 380 15.63 -7.74 -41.52
N ALA D 381 14.59 -8.55 -41.63
CA ALA D 381 14.00 -8.86 -42.92
C ALA D 381 13.54 -7.58 -43.60
N LEU D 382 13.87 -7.43 -44.88
CA LEU D 382 13.61 -6.18 -45.58
C LEU D 382 12.12 -5.91 -45.72
N ALA D 383 11.30 -6.97 -45.79
CA ALA D 383 9.86 -6.77 -45.95
C ALA D 383 9.25 -6.03 -44.77
N LEU D 384 9.84 -6.16 -43.58
CA LEU D 384 9.31 -5.48 -42.40
C LEU D 384 9.60 -3.98 -42.47
N SER D 385 10.85 -3.61 -42.74
CA SER D 385 11.20 -2.20 -42.85
C SER D 385 10.60 -1.57 -44.09
N ASP D 386 10.47 -2.34 -45.18
CA ASP D 386 9.83 -1.82 -46.38
C ASP D 386 8.37 -1.47 -46.11
N ALA D 387 7.66 -2.35 -45.41
CA ALA D 387 6.26 -2.08 -45.08
C ALA D 387 6.14 -0.93 -44.10
N PHE D 388 7.02 -0.89 -43.09
CA PHE D 388 7.02 0.23 -42.15
C PHE D 388 7.25 1.55 -42.88
N ASN D 389 8.25 1.58 -43.77
CA ASN D 389 8.54 2.81 -44.51
C ASN D 389 7.37 3.20 -45.39
N HIS D 390 6.66 2.22 -45.94
CA HIS D 390 5.50 2.52 -46.79
C HIS D 390 4.38 3.16 -45.97
N GLU D 391 4.07 2.61 -44.79
CA GLU D 391 3.01 3.16 -43.97
C GLU D 391 3.35 4.57 -43.48
N ILE D 392 4.60 4.80 -43.11
CA ILE D 392 5.00 6.12 -42.62
C ILE D 392 4.99 7.13 -43.76
N GLU D 393 5.49 6.74 -44.93
CA GLU D 393 5.54 7.64 -46.09
C GLU D 393 4.14 8.08 -46.51
N ALA D 394 3.20 7.13 -46.57
CA ALA D 394 1.85 7.48 -47.00
C ALA D 394 1.16 8.34 -45.94
N MET D 395 1.38 8.04 -44.67
CA MET D 395 0.80 8.83 -43.59
C MET D 395 1.24 10.28 -43.68
N PHE D 396 2.54 10.51 -43.91
CA PHE D 396 3.06 11.87 -43.96
C PHE D 396 2.57 12.61 -45.21
N ASP D 397 2.71 11.98 -46.37
CA ASP D 397 2.32 12.65 -47.62
C ASP D 397 0.83 12.94 -47.65
N ASP D 398 0.02 12.09 -47.03
CA ASP D 398 -1.42 12.32 -46.98
C ASP D 398 -1.74 13.57 -46.16
N THR D 399 -1.16 13.67 -44.96
CA THR D 399 -1.37 14.87 -44.14
C THR D 399 -0.72 16.09 -44.81
N ARG D 400 0.42 15.89 -45.47
CA ARG D 400 1.09 17.00 -46.15
C ARG D 400 0.19 17.62 -47.20
N ASP D 401 -0.46 16.79 -48.03
CA ASP D 401 -1.36 17.31 -49.05
C ASP D 401 -2.57 17.98 -48.42
N PHE D 402 -3.11 17.37 -47.35
CA PHE D 402 -4.26 17.96 -46.65
C PHE D 402 -3.93 19.35 -46.11
N ILE D 403 -2.71 19.54 -45.61
CA ILE D 403 -2.30 20.85 -45.10
C ILE D 403 -2.22 21.85 -46.22
N GLN D 404 -1.57 21.49 -47.33
CA GLN D 404 -1.46 22.40 -48.47
C GLN D 404 -2.82 22.88 -48.95
N ALA D 405 -3.84 22.02 -48.85
CA ALA D 405 -5.19 22.38 -49.29
C ALA D 405 -5.78 23.51 -48.44
N HIS D 406 -5.31 23.67 -47.20
CA HIS D 406 -5.76 24.81 -46.39
C HIS D 406 -5.36 26.13 -47.05
N PHE D 407 -4.10 26.24 -47.46
CA PHE D 407 -3.64 27.46 -48.12
C PHE D 407 -4.11 27.56 -49.56
N TYR D 408 -4.31 26.41 -50.22
CA TYR D 408 -4.68 26.43 -51.64
C TYR D 408 -6.11 26.87 -51.84
N VAL D 409 -7.04 26.26 -51.09
CA VAL D 409 -8.46 26.55 -51.27
C VAL D 409 -8.87 27.87 -50.61
N SER D 410 -8.07 28.39 -49.68
CA SER D 410 -8.38 29.67 -49.06
C SER D 410 -8.60 30.74 -50.13
N PRO D 411 -9.66 31.54 -50.02
CA PRO D 411 -9.90 32.59 -51.03
C PRO D 411 -9.03 33.82 -50.87
N ARG D 412 -8.17 33.87 -49.86
CA ARG D 412 -7.36 35.05 -49.63
C ARG D 412 -6.28 35.20 -50.69
N THR D 413 -6.07 36.44 -51.14
CA THR D 413 -5.09 36.72 -52.19
C THR D 413 -4.52 38.12 -52.04
N ASP D 414 -4.48 38.65 -50.82
CA ASP D 414 -4.14 40.05 -50.58
C ASP D 414 -2.65 40.28 -50.35
N THR D 415 -1.93 39.29 -49.83
CA THR D 415 -0.51 39.44 -49.55
C THR D 415 0.32 38.60 -50.51
N PRO D 416 1.61 38.91 -50.69
CA PRO D 416 2.46 38.05 -51.51
C PRO D 416 2.49 36.60 -51.05
N PHE D 417 2.31 36.35 -49.76
CA PHE D 417 2.30 34.98 -49.26
C PHE D 417 1.08 34.21 -49.75
N TRP D 418 -0.12 34.76 -49.52
CA TRP D 418 -1.35 34.07 -49.90
C TRP D 418 -1.50 33.94 -51.41
N LYS D 419 -0.85 34.81 -52.19
CA LYS D 419 -0.86 34.63 -53.63
C LYS D 419 0.10 33.54 -54.07
N ALA D 420 1.24 33.41 -53.38
CA ALA D 420 2.20 32.36 -53.72
C ALA D 420 1.61 30.98 -53.51
N ASN D 421 0.69 30.83 -52.55
CA ASN D 421 0.07 29.53 -52.33
C ASN D 421 -0.77 29.09 -53.53
N LYS D 422 -1.38 30.04 -54.24
CA LYS D 422 -2.20 29.70 -55.39
C LYS D 422 -1.36 29.30 -56.60
N ASP D 423 -0.11 29.77 -56.68
CA ASP D 423 0.76 29.42 -57.80
C ASP D 423 1.46 28.08 -57.60
N LEU D 424 1.41 27.50 -56.41
CA LEU D 424 2.06 26.23 -56.17
C LEU D 424 1.35 25.10 -56.91
N HIS D 425 2.12 24.07 -57.26
CA HIS D 425 1.54 22.89 -57.88
C HIS D 425 0.69 22.13 -56.87
N LEU D 426 -0.46 21.66 -57.31
CA LEU D 426 -1.34 20.86 -56.48
C LEU D 426 -1.18 19.39 -56.84
N PRO D 427 -0.97 18.50 -55.87
CA PRO D 427 -0.82 17.08 -56.19
C PRO D 427 -2.07 16.53 -56.88
N GLU D 428 -1.85 15.53 -57.73
CA GLU D 428 -2.94 15.00 -58.54
C GLU D 428 -4.05 14.41 -57.67
N GLN D 429 -3.67 13.76 -56.56
CA GLN D 429 -4.69 13.15 -55.71
C GLN D 429 -5.55 14.20 -55.01
N MET D 430 -4.98 15.36 -54.70
CA MET D 430 -5.78 16.42 -54.10
C MET D 430 -6.66 17.10 -55.14
N ARG D 431 -6.16 17.26 -56.36
CA ARG D 431 -6.98 17.84 -57.42
C ARG D 431 -8.18 16.95 -57.73
N GLU D 432 -8.00 15.64 -57.68
CA GLU D 432 -9.13 14.74 -57.87
C GLU D 432 -10.13 14.85 -56.71
N LYS D 433 -9.61 14.92 -55.48
CA LYS D 433 -10.50 15.05 -54.32
C LYS D 433 -11.36 16.30 -54.43
N ILE D 434 -10.76 17.41 -54.87
CA ILE D 434 -11.52 18.67 -54.99
C ILE D 434 -12.55 18.57 -56.10
N ALA D 435 -12.21 17.89 -57.20
CA ALA D 435 -13.18 17.67 -58.27
C ALA D 435 -14.33 16.78 -57.78
N MET D 436 -14.01 15.72 -57.03
CA MET D 436 -15.07 14.89 -56.47
C MET D 436 -15.91 15.66 -55.46
N TYR D 437 -15.28 16.48 -54.62
CA TYR D 437 -16.02 17.29 -53.66
C TYR D 437 -17.02 18.19 -54.37
N LYS D 438 -16.57 18.91 -55.40
CA LYS D 438 -17.44 19.85 -56.10
C LYS D 438 -18.55 19.15 -56.88
N ALA D 439 -18.38 17.88 -57.22
CA ALA D 439 -19.41 17.12 -57.91
C ALA D 439 -20.40 16.46 -56.95
N GLY D 440 -20.22 16.64 -55.65
CA GLY D 440 -21.16 16.14 -54.66
C GLY D 440 -20.73 14.87 -53.94
N LEU D 441 -19.62 14.25 -54.35
CA LEU D 441 -19.19 13.00 -53.78
C LEU D 441 -18.55 13.20 -52.41
N PRO D 442 -18.67 12.21 -51.52
CA PRO D 442 -17.88 12.23 -50.30
C PRO D 442 -16.43 11.92 -50.58
N ILE D 443 -15.56 12.36 -49.68
CA ILE D 443 -14.12 12.09 -49.73
C ILE D 443 -13.76 11.30 -48.49
N ASN D 444 -13.24 10.09 -48.68
CA ASN D 444 -12.83 9.23 -47.56
C ASN D 444 -13.96 9.06 -46.55
N ALA D 445 -15.15 8.75 -47.06
CA ALA D 445 -16.31 8.60 -46.18
C ALA D 445 -16.03 7.55 -45.13
N PRO D 446 -16.33 7.80 -43.86
CA PRO D 446 -16.06 6.81 -42.82
C PRO D 446 -16.86 5.53 -43.04
N VAL D 447 -16.17 4.40 -42.91
CA VAL D 447 -16.81 3.10 -43.09
C VAL D 447 -17.44 2.61 -41.79
N THR D 448 -16.77 2.82 -40.67
CA THR D 448 -17.16 2.27 -39.38
C THR D 448 -17.96 3.30 -38.58
N ASP D 449 -18.48 2.85 -37.44
CA ASP D 449 -19.06 3.79 -36.50
C ASP D 449 -17.98 4.41 -35.63
N GLU D 450 -18.35 5.47 -34.92
CA GLU D 450 -17.36 6.24 -34.17
C GLU D 450 -16.71 5.41 -33.08
N SER D 451 -17.43 4.45 -32.50
CA SER D 451 -16.85 3.61 -31.45
C SER D 451 -15.75 2.72 -32.00
N THR D 452 -16.00 2.07 -33.13
CA THR D 452 -14.96 1.25 -33.76
C THR D 452 -13.82 2.12 -34.26
N TYR D 453 -14.13 3.31 -34.78
CA TYR D 453 -13.11 4.18 -35.36
C TYR D 453 -12.05 4.55 -34.32
N TYR D 454 -12.50 4.97 -33.13
CA TYR D 454 -11.58 5.37 -32.07
C TYR D 454 -11.16 4.22 -31.17
N GLY D 455 -11.78 3.05 -31.30
CA GLY D 455 -11.44 1.92 -30.47
C GLY D 455 -10.34 1.05 -31.03
N ARG D 456 -10.15 1.10 -32.35
CA ARG D 456 -9.13 0.33 -33.04
C ARG D 456 -8.27 1.30 -33.84
N PHE D 457 -6.98 1.39 -33.49
CA PHE D 457 -6.13 2.42 -34.07
C PHE D 457 -5.94 2.21 -35.57
N GLU D 458 -5.84 0.97 -36.01
CA GLU D 458 -5.60 0.71 -37.43
C GLU D 458 -6.80 1.09 -38.29
N ALA D 459 -8.01 1.09 -37.71
CA ALA D 459 -9.17 1.56 -38.44
C ALA D 459 -9.04 3.05 -38.76
N GLU D 460 -8.67 3.86 -37.77
CA GLU D 460 -8.45 5.28 -38.01
C GLU D 460 -7.21 5.53 -38.87
N PHE D 461 -6.17 4.70 -38.70
CA PHE D 461 -4.95 4.88 -39.48
C PHE D 461 -5.22 4.70 -40.97
N ARG D 462 -6.19 3.86 -41.34
CA ARG D 462 -6.55 3.67 -42.73
C ARG D 462 -7.52 4.73 -43.26
N ASN D 463 -8.02 5.61 -42.39
CA ASN D 463 -8.96 6.65 -42.80
C ASN D 463 -8.86 7.82 -41.83
N PHE D 464 -7.69 8.45 -41.78
CA PHE D 464 -7.42 9.47 -40.77
C PHE D 464 -8.20 10.75 -41.06
N TRP D 465 -8.10 11.26 -42.29
CA TRP D 465 -8.85 12.46 -42.69
C TRP D 465 -10.12 12.00 -43.40
N THR D 466 -11.22 11.93 -42.65
CA THR D 466 -12.47 11.43 -43.19
C THR D 466 -13.25 12.55 -43.89
N ASN D 467 -14.44 12.19 -44.39
CA ASN D 467 -15.28 13.13 -45.11
C ASN D 467 -15.62 14.35 -44.27
N GLY D 468 -15.82 14.15 -42.97
CA GLY D 468 -16.13 15.28 -42.11
C GLY D 468 -15.05 16.35 -42.12
N SER D 469 -13.78 15.91 -42.07
CA SER D 469 -12.68 16.87 -42.04
C SER D 469 -12.54 17.63 -43.36
N TYR D 470 -12.76 16.95 -44.49
CA TYR D 470 -12.64 17.64 -45.77
C TYR D 470 -13.73 18.69 -45.93
N TYR D 471 -14.94 18.42 -45.42
CA TYR D 471 -15.98 19.43 -45.44
C TYR D 471 -15.66 20.58 -44.47
N CYS D 472 -15.13 20.26 -43.29
CA CYS D 472 -14.74 21.31 -42.35
C CYS D 472 -13.82 22.33 -43.00
N ILE D 473 -12.79 21.84 -43.70
CA ILE D 473 -11.78 22.73 -44.27
C ILE D 473 -12.29 23.39 -45.55
N PHE D 474 -12.80 22.58 -46.48
CA PHE D 474 -13.28 23.11 -47.75
C PHE D 474 -14.44 24.07 -47.54
N ALA D 475 -15.50 23.61 -46.87
CA ALA D 475 -16.65 24.48 -46.64
C ALA D 475 -16.32 25.62 -45.68
N GLY D 476 -15.41 25.38 -44.74
CA GLY D 476 -14.98 26.46 -43.85
C GLY D 476 -14.30 27.58 -44.60
N LEU D 477 -13.50 27.25 -45.60
CA LEU D 477 -12.84 28.25 -46.43
C LEU D 477 -13.75 28.83 -47.50
N GLY D 478 -14.97 28.34 -47.62
CA GLY D 478 -15.92 28.87 -48.58
C GLY D 478 -16.08 28.07 -49.85
N LEU D 479 -15.62 26.82 -49.87
CA LEU D 479 -15.74 25.96 -51.05
C LEU D 479 -16.89 25.00 -50.82
N ARG D 480 -18.00 25.20 -51.54
CA ARG D 480 -19.18 24.33 -51.51
C ARG D 480 -19.26 23.49 -52.78
N PRO D 481 -19.90 22.33 -52.72
CA PRO D 481 -20.13 21.56 -53.95
C PRO D 481 -20.95 22.36 -54.95
N ASP D 482 -20.65 22.14 -56.24
CA ASP D 482 -21.39 22.81 -57.31
C ASP D 482 -22.86 22.43 -57.32
N ASN D 483 -23.19 21.26 -56.79
CA ASN D 483 -24.54 20.73 -56.78
C ASN D 483 -24.62 19.64 -55.72
N PRO D 484 -25.81 19.26 -55.28
CA PRO D 484 -25.92 18.12 -54.37
C PRO D 484 -25.49 16.84 -55.05
N LEU D 485 -25.27 15.82 -54.23
CA LEU D 485 -25.11 14.47 -54.74
C LEU D 485 -26.31 14.11 -55.60
N PRO D 486 -26.13 13.83 -56.90
CA PRO D 486 -27.29 13.74 -57.80
C PRO D 486 -28.30 12.67 -57.42
N MET D 487 -27.90 11.56 -56.80
CA MET D 487 -28.86 10.61 -56.24
C MET D 487 -29.87 11.28 -55.31
N LEU D 488 -29.46 12.31 -54.57
CA LEU D 488 -30.37 12.91 -53.60
C LEU D 488 -31.59 13.53 -54.26
N ARG D 489 -31.47 13.97 -55.52
CA ARG D 489 -32.63 14.50 -56.23
C ARG D 489 -33.66 13.42 -56.52
N HIS D 490 -33.29 12.15 -56.40
CA HIS D 490 -34.20 11.04 -56.70
C HIS D 490 -34.87 10.45 -55.45
N ARG D 491 -34.45 10.86 -54.26
CA ARG D 491 -34.99 10.31 -53.00
C ARG D 491 -35.46 11.45 -52.13
N PRO D 492 -36.61 12.05 -52.45
CA PRO D 492 -37.12 13.15 -51.62
C PRO D 492 -37.52 12.72 -50.21
N GLU D 493 -38.07 11.51 -50.06
CA GLU D 493 -38.43 11.04 -48.73
C GLU D 493 -37.21 10.85 -47.85
N GLN D 494 -36.11 10.35 -48.43
CA GLN D 494 -34.88 10.18 -47.66
C GLN D 494 -34.32 11.53 -47.21
N VAL D 495 -34.31 12.51 -48.12
CA VAL D 495 -33.86 13.86 -47.75
C VAL D 495 -34.75 14.43 -46.65
N ARG D 496 -36.05 14.14 -46.71
CA ARG D 496 -36.98 14.66 -45.70
C ARG D 496 -36.69 14.05 -44.32
N GLU D 497 -36.50 12.73 -44.27
CA GLU D 497 -36.21 12.09 -42.99
C GLU D 497 -34.87 12.55 -42.41
N ALA D 498 -33.89 12.82 -43.27
CA ALA D 498 -32.56 13.21 -42.83
C ALA D 498 -32.51 14.57 -42.15
N GLN D 499 -33.55 15.40 -42.31
CA GLN D 499 -33.55 16.70 -41.66
C GLN D 499 -33.63 16.58 -40.15
N ALA D 500 -34.16 15.47 -39.64
CA ALA D 500 -34.20 15.25 -38.19
C ALA D 500 -32.80 15.25 -37.58
N LEU D 501 -31.77 14.93 -38.38
CA LEU D 501 -30.41 14.97 -37.88
C LEU D 501 -29.97 16.40 -37.56
N PHE D 502 -30.41 17.38 -38.36
CA PHE D 502 -30.09 18.77 -38.06
C PHE D 502 -30.81 19.24 -36.80
N ALA D 503 -32.05 18.80 -36.62
CA ALA D 503 -32.77 19.11 -35.37
C ALA D 503 -32.10 18.46 -34.18
N GLY D 504 -31.57 17.24 -34.36
CA GLY D 504 -30.86 16.59 -33.27
C GLY D 504 -29.62 17.35 -32.85
N VAL D 505 -28.84 17.83 -33.83
CA VAL D 505 -27.71 18.69 -33.53
C VAL D 505 -28.17 19.95 -32.80
N LYS D 506 -29.29 20.53 -33.24
CA LYS D 506 -29.80 21.75 -32.61
C LYS D 506 -30.24 21.48 -31.17
N ASP D 507 -30.89 20.34 -30.93
CA ASP D 507 -31.26 19.98 -29.57
C ASP D 507 -30.02 19.72 -28.71
N LYS D 508 -29.02 19.06 -29.29
CA LYS D 508 -27.78 18.79 -28.56
C LYS D 508 -27.00 20.07 -28.33
N GLN D 509 -27.08 21.04 -29.26
CA GLN D 509 -26.37 22.30 -29.09
C GLN D 509 -26.89 23.06 -27.88
N ARG D 510 -28.20 23.01 -27.62
CA ARG D 510 -28.75 23.71 -26.47
C ARG D 510 -28.49 22.97 -25.17
N GLU D 511 -28.51 21.63 -25.21
CA GLU D 511 -28.25 20.87 -24.00
C GLU D 511 -26.83 21.09 -23.50
N LEU D 512 -25.86 21.12 -24.41
CA LEU D 512 -24.46 21.25 -23.99
C LEU D 512 -24.18 22.60 -23.35
N VAL D 513 -24.67 23.69 -23.96
CA VAL D 513 -24.42 25.00 -23.39
C VAL D 513 -25.14 25.17 -22.05
N GLU D 514 -26.15 24.35 -21.78
CA GLU D 514 -26.95 24.50 -20.56
C GLU D 514 -26.45 23.63 -19.42
N THR D 515 -26.07 22.38 -19.70
CA THR D 515 -25.74 21.42 -18.65
C THR D 515 -24.24 21.21 -18.47
N LEU D 516 -23.44 21.43 -19.50
CA LEU D 516 -22.00 21.21 -19.36
C LEU D 516 -21.39 22.29 -18.48
N PRO D 517 -20.45 21.94 -17.61
CA PRO D 517 -19.69 22.96 -16.88
C PRO D 517 -18.80 23.73 -17.84
N SER D 518 -18.28 24.85 -17.34
CA SER D 518 -17.32 25.61 -18.13
C SER D 518 -16.00 24.87 -18.19
N ASN D 519 -15.25 25.11 -19.27
CA ASN D 519 -13.92 24.51 -19.39
C ASN D 519 -13.03 24.93 -18.24
N LEU D 520 -13.18 26.17 -17.76
CA LEU D 520 -12.37 26.66 -16.64
C LEU D 520 -12.70 25.90 -15.36
N GLU D 521 -13.99 25.71 -15.07
CA GLU D 521 -14.40 25.03 -13.85
C GLU D 521 -13.87 23.60 -13.79
N PHE D 522 -13.79 22.94 -14.95
CA PHE D 522 -13.26 21.57 -14.97
C PHE D 522 -11.76 21.57 -14.75
N LEU D 523 -11.03 22.50 -15.39
CA LEU D 523 -9.59 22.56 -15.21
C LEU D 523 -9.21 22.90 -13.78
N ARG D 524 -9.99 23.79 -13.13
CA ARG D 524 -9.70 24.11 -11.74
C ARG D 524 -9.95 22.91 -10.83
N SER D 525 -11.04 22.18 -11.07
CA SER D 525 -11.31 20.98 -10.28
C SER D 525 -10.29 19.89 -10.56
N LEU D 526 -9.79 19.81 -11.79
CA LEU D 526 -8.84 18.76 -12.13
C LEU D 526 -7.48 19.04 -11.49
N HIS D 527 -6.98 20.26 -11.61
CA HIS D 527 -5.68 20.61 -11.06
C HIS D 527 -5.79 21.13 -9.63
N 6CW E . -27.65 1.97 34.98
CA 6CW E . -27.86 2.62 33.72
CB 6CW E . -29.32 2.81 33.45
CG 6CW E . -29.55 3.57 32.16
CD2 6CW E . -29.45 3.20 30.83
CE3 6CW E . -29.08 2.01 30.21
CE2 6CW E . -29.79 4.28 30.05
NE1 6CW E . -30.11 5.31 30.90
CD1 6CW E . -29.96 4.89 32.20
CZ2 6CW E . -29.76 4.17 28.64
CH2 6CW E . -29.40 2.98 28.02
CLL 6CW E . -29.30 2.66 26.29
CZ3 6CW E . -29.06 1.90 28.83
C 6CW E . -27.19 3.97 33.78
O 6CW E . -26.08 4.13 33.20
OXT 6CW E . -27.76 4.90 34.42
S SO4 F . -47.84 -11.21 35.36
O1 SO4 F . -46.99 -10.47 36.30
O2 SO4 F . -47.02 -11.70 34.25
O3 SO4 F . -48.89 -10.35 34.86
O4 SO4 F . -48.43 -12.35 36.06
S SO4 G . -18.13 10.38 39.63
O1 SO4 G . -17.50 10.21 38.34
O2 SO4 G . -18.50 11.78 39.84
O3 SO4 G . -19.33 9.55 39.70
O4 SO4 G . -17.20 9.97 40.69
S SO4 H . -44.29 16.88 23.12
O1 SO4 H . -43.44 16.46 22.00
O2 SO4 H . -44.97 18.12 22.77
O3 SO4 H . -45.26 15.84 23.40
O4 SO4 H . -43.45 17.09 24.29
S SO4 I . -1.53 -11.77 18.85
O1 SO4 I . -0.52 -10.73 18.73
O2 SO4 I . -2.85 -11.20 18.64
O3 SO4 I . -1.28 -12.80 17.85
O4 SO4 I . -1.45 -12.37 20.18
S SO4 J . -16.70 21.84 15.27
O1 SO4 J . -17.44 22.92 14.64
O2 SO4 J . -15.62 21.40 14.38
O3 SO4 J . -17.60 20.73 15.53
O4 SO4 J . -16.11 22.31 16.52
S SO4 K . -53.84 -7.75 29.68
O1 SO4 K . -54.96 -7.24 28.91
O2 SO4 K . -52.69 -6.88 29.50
O3 SO4 K . -54.20 -7.83 31.09
O4 SO4 K . -53.50 -9.09 29.21
S SO4 L . -49.87 17.64 29.49
O1 SO4 L . -50.92 18.50 30.05
O2 SO4 L . -48.94 18.43 28.70
O3 SO4 L . -49.14 17.00 30.59
O4 SO4 L . -50.48 16.61 28.66
S SO4 M . -8.80 7.46 30.45
O1 SO4 M . -8.86 7.20 29.02
O2 SO4 M . -7.43 7.78 30.81
O3 SO4 M . -9.70 8.57 30.74
O4 SO4 M . -9.23 6.27 31.18
N 6CW N . 2.02 -42.54 -11.00
CA 6CW N . 2.98 -41.62 -10.51
CB 6CW N . 4.15 -42.35 -9.90
CG 6CW N . 5.26 -41.40 -9.50
CD2 6CW N . 5.36 -40.53 -8.43
CE3 6CW N . 4.47 -40.23 -7.40
CE2 6CW N . 6.58 -39.91 -8.52
NE1 6CW N . 7.24 -40.39 -9.63
CD1 6CW N . 6.43 -41.32 -10.24
CZ2 6CW N . 6.95 -38.95 -7.55
CH2 6CW N . 6.05 -38.66 -6.53
CLL 6CW N . 6.32 -37.52 -5.24
CZ3 6CW N . 4.82 -39.28 -6.45
C 6CW N . 3.45 -40.71 -11.62
O 6CW N . 3.17 -39.49 -11.58
OXT 6CW N . 4.11 -41.18 -12.58
S SO4 O . 22.66 -30.83 15.85
O1 SO4 O . 24.08 -30.90 15.51
O2 SO4 O . 22.10 -29.52 15.52
O3 SO4 O . 21.94 -31.85 15.09
O4 SO4 O . 22.54 -31.09 17.29
S SO4 P . 2.67 -59.52 5.82
O1 SO4 P . 4.09 -59.70 6.09
O2 SO4 P . 2.49 -59.04 4.45
O3 SO4 P . 1.98 -60.79 5.97
O4 SO4 P . 2.12 -58.55 6.75
S SO4 Q . -22.48 -52.53 8.07
O1 SO4 Q . -21.80 -51.39 8.69
O2 SO4 Q . -22.25 -52.50 6.63
O3 SO4 Q . -21.93 -53.77 8.62
O4 SO4 Q . -23.91 -52.45 8.34
S SO4 R . 10.79 -59.17 8.97
O1 SO4 R . 12.05 -59.59 9.58
O2 SO4 R . 10.99 -57.89 8.29
O3 SO4 R . 10.35 -60.17 8.00
O4 SO4 R . 9.78 -59.03 10.01
S SO4 S . 26.46 -44.37 -6.26
O1 SO4 S . 26.12 -44.14 -7.66
O2 SO4 S . 26.73 -43.10 -5.61
O3 SO4 S . 25.35 -45.02 -5.58
O4 SO4 S . 27.64 -45.23 -6.20
S SO4 T . 1.18 -36.73 -23.30
O1 SO4 T . 1.80 -35.78 -22.39
O2 SO4 T . 0.86 -36.08 -24.57
O3 SO4 T . 2.12 -37.82 -23.54
O4 SO4 T . -0.04 -37.26 -22.69
S SO4 U . 18.85 -17.97 -15.82
O1 SO4 U . 20.24 -17.69 -16.22
O2 SO4 U . 18.18 -16.71 -15.50
O3 SO4 U . 18.15 -18.63 -16.91
O4 SO4 U . 18.86 -18.83 -14.64
N 6CW V . 27.14 18.30 19.07
CA 6CW V . 28.15 18.01 18.09
CB 6CW V . 29.46 18.67 18.44
CG 6CW V . 30.55 18.30 17.46
CD2 6CW V . 30.77 18.69 16.15
CE3 6CW V . 30.07 19.56 15.31
CE2 6CW V . 31.91 18.09 15.70
NE1 6CW V . 32.40 17.30 16.73
CD1 6CW V . 31.56 17.43 17.82
CZ2 6CW V . 32.37 18.31 14.38
CH2 6CW V . 31.68 19.17 13.53
CLL 6CW V . 32.06 19.60 11.86
CZ3 6CW V . 30.53 19.78 14.03
C 6CW V . 28.36 16.53 18.05
O 6CW V . 27.86 15.87 17.10
OXT 6CW V . 29.03 16.01 18.99
S SO4 W . 9.13 45.31 20.59
O1 SO4 W . 10.15 45.76 19.64
O2 SO4 W . 7.84 45.89 20.26
O3 SO4 W . 9.02 43.86 20.55
O4 SO4 W . 9.54 45.74 21.93
S SO4 X . 22.91 5.43 21.38
O1 SO4 X . 23.01 5.17 19.95
O2 SO4 X . 22.53 6.83 21.58
O3 SO4 X . 24.21 5.19 22.00
O4 SO4 X . 21.92 4.56 21.99
S SO4 Y . 52.30 17.30 16.28
O1 SO4 Y . 53.64 17.70 16.70
O2 SO4 Y . 51.41 18.46 16.31
O3 SO4 Y . 52.35 16.74 14.93
O4 SO4 Y . 51.79 16.28 17.19
S SO4 Z . 38.17 -2.82 0.43
O1 SO4 Z . 39.07 -2.63 1.58
O2 SO4 Z . 38.07 -1.58 -0.32
O3 SO4 Z . 38.70 -3.87 -0.43
O4 SO4 Z . 36.85 -3.21 0.92
S SO4 AA . 46.42 6.84 42.29
O1 SO4 AA . 47.05 7.47 41.14
O2 SO4 AA . 45.81 7.86 43.14
O3 SO4 AA . 47.43 6.11 43.07
O4 SO4 AA . 45.39 5.91 41.84
S SO4 BA . 56.85 20.52 19.22
O1 SO4 BA . 57.21 21.60 20.12
O2 SO4 BA . 57.85 20.38 18.17
O3 SO4 BA . 55.56 20.82 18.59
O4 SO4 BA . 56.74 19.27 19.98
N 6CW CA . -8.30 11.23 -37.25
CA 6CW CA . -8.74 12.44 -36.64
CB 6CW CA . -9.42 13.32 -37.65
CG 6CW CA . -9.57 14.74 -37.14
CD2 6CW CA . -8.63 15.68 -36.77
CE3 6CW CA . -7.23 15.61 -36.69
CE2 6CW CA . -9.30 16.82 -36.40
NE1 6CW CA . -10.66 16.59 -36.56
CD1 6CW CA . -10.83 15.32 -37.03
CZ2 6CW CA . -8.58 17.93 -35.96
CH2 6CW CA . -7.19 17.87 -35.88
CLL 6CW CA . -6.14 19.15 -35.36
CZ3 6CW CA . -6.52 16.73 -36.26
C 6CW CA . -9.67 12.11 -35.50
O 6CW CA . -9.34 12.37 -34.31
OXT 6CW CA . -10.77 11.55 -35.74
S SO4 DA . 20.42 0.10 -47.84
O1 SO4 DA . 21.43 -0.79 -48.41
O2 SO4 DA . 20.55 1.43 -48.44
O3 SO4 DA . 19.09 -0.42 -48.13
O4 SO4 DA . 20.60 0.19 -46.40
S SO4 EA . 1.62 14.46 -58.95
O1 SO4 EA . 3.01 14.83 -59.25
O2 SO4 EA . 0.73 15.52 -59.41
O3 SO4 EA . 1.31 13.21 -59.64
O4 SO4 EA . 1.46 14.28 -57.52
S SO4 FA . -16.35 4.88 -27.05
O1 SO4 FA . -15.24 5.17 -27.96
O2 SO4 FA . -17.52 5.65 -27.45
O3 SO4 FA . -16.67 3.46 -27.08
O4 SO4 FA . -15.96 5.26 -25.69
S SO4 GA . -20.90 30.21 -45.41
O1 SO4 GA . -19.60 30.71 -45.81
O2 SO4 GA . -21.85 31.31 -45.32
O3 SO4 GA . -21.37 29.24 -46.39
O4 SO4 GA . -20.79 29.55 -44.11
S SO4 HA . -20.67 29.33 -16.14
O1 SO4 HA . -19.48 29.73 -15.39
O2 SO4 HA . -20.54 29.79 -17.52
O3 SO4 HA . -21.85 29.93 -15.53
O4 SO4 HA . -20.79 27.87 -16.12
S SO4 IA . -23.12 32.19 -51.60
O1 SO4 IA . -21.85 31.56 -51.23
O2 SO4 IA . -22.90 33.61 -51.86
O3 SO4 IA . -23.63 31.54 -52.80
O4 SO4 IA . -24.08 32.04 -50.51
S SO4 JA . 11.57 15.23 -31.00
O1 SO4 JA . 11.89 16.61 -31.29
O2 SO4 JA . 12.82 14.49 -30.79
O3 SO4 JA . 10.84 14.65 -32.12
O4 SO4 JA . 10.75 15.14 -29.79
#